data_2UYG
#
_entry.id   2UYG
#
_cell.length_a   84.085
_cell.length_b   151.586
_cell.length_c   159.949
_cell.angle_alpha   90.00
_cell.angle_beta   90.00
_cell.angle_gamma   90.00
#
_symmetry.space_group_name_H-M   'P 21 21 21'
#
loop_
_entity.id
_entity.type
_entity.pdbx_description
1 polymer '3-DEHYDROQUINATE DEHYDRATASE'
2 non-polymer GLYCEROL
3 water water
#
_entity_poly.entity_id   1
_entity_poly.type   'polypeptide(L)'
_entity_poly.pdbx_seq_one_letter_code
;MVLILNGPNLNLLGRREPEVYGRTTLEELEALCEAWGAELGLGVVFRQTNYEGQLIEWVQQAHQEGFLAIVLNPGALTHY
SYALLDAIRAQPLPVVEVHLTNLHAREEFRRHSVTAPACRGIVSGFGPLSYKLALVYLAETLEVGGEGF
;
_entity_poly.pdbx_strand_id   A,B,C,D,E,F,G,H,I,J,K,L
#
loop_
_chem_comp.id
_chem_comp.type
_chem_comp.name
_chem_comp.formula
GOL non-polymer GLYCEROL 'C3 H8 O3'
#
# COMPACT_ATOMS: atom_id res chain seq x y z
N MET A 1 -25.46 19.42 -32.65
CA MET A 1 -25.71 18.01 -32.60
C MET A 1 -24.80 17.34 -31.55
N VAL A 2 -25.29 16.25 -30.93
CA VAL A 2 -24.49 15.54 -29.90
C VAL A 2 -24.31 14.05 -30.18
N LEU A 3 -23.11 13.52 -29.95
CA LEU A 3 -22.77 12.13 -30.17
C LEU A 3 -22.75 11.44 -28.81
N ILE A 4 -23.43 10.30 -28.72
CA ILE A 4 -23.59 9.47 -27.55
C ILE A 4 -22.85 8.17 -27.88
N LEU A 5 -21.79 7.86 -27.16
CA LEU A 5 -20.89 6.73 -27.49
C LEU A 5 -20.86 5.84 -26.34
N ASN A 6 -20.89 4.54 -26.62
CA ASN A 6 -21.01 3.47 -25.66
C ASN A 6 -19.97 2.39 -25.92
N GLY A 7 -19.34 1.88 -24.83
CA GLY A 7 -18.26 0.96 -24.80
C GLY A 7 -18.80 -0.47 -24.72
N PRO A 8 -17.84 -1.37 -24.50
CA PRO A 8 -18.09 -2.79 -24.49
C PRO A 8 -19.22 -3.26 -23.64
N ASN A 9 -19.77 -4.38 -24.11
CA ASN A 9 -20.88 -5.06 -23.46
C ASN A 9 -22.24 -4.31 -23.36
N LEU A 10 -22.28 -3.04 -23.65
CA LEU A 10 -23.58 -2.40 -23.48
C LEU A 10 -24.56 -2.85 -24.58
N ASN A 11 -24.07 -3.46 -25.64
CA ASN A 11 -24.97 -4.12 -26.62
C ASN A 11 -25.86 -5.13 -26.03
N LEU A 12 -25.51 -5.71 -24.87
CA LEU A 12 -26.30 -6.80 -24.29
C LEU A 12 -27.28 -6.36 -23.17
N LEU A 13 -27.51 -5.06 -23.01
CA LEU A 13 -28.44 -4.60 -21.98
C LEU A 13 -29.78 -5.26 -22.25
N GLY A 14 -30.51 -5.61 -21.19
CA GLY A 14 -31.73 -6.39 -21.37
C GLY A 14 -31.57 -7.72 -20.73
N ARG A 15 -30.63 -8.54 -21.21
CA ARG A 15 -30.23 -9.84 -20.59
C ARG A 15 -29.05 -9.91 -19.55
N ARG A 16 -28.06 -9.01 -19.61
CA ARG A 16 -27.03 -9.00 -18.51
C ARG A 16 -27.68 -8.49 -17.25
N GLU A 17 -27.82 -9.32 -16.20
CA GLU A 17 -28.62 -9.03 -14.93
C GLU A 17 -30.21 -8.79 -14.87
N PRO A 18 -30.83 -8.44 -13.71
CA PRO A 18 -32.00 -7.52 -13.62
C PRO A 18 -31.97 -6.47 -12.49
N GLU A 19 -31.11 -6.71 -11.50
CA GLU A 19 -31.01 -5.87 -10.32
C GLU A 19 -29.78 -5.03 -10.52
N VAL A 20 -28.77 -5.57 -11.24
CA VAL A 20 -27.63 -4.71 -11.67
C VAL A 20 -28.04 -3.66 -12.72
N TYR A 21 -28.44 -4.04 -13.93
CA TYR A 21 -28.62 -3.05 -15.01
C TYR A 21 -30.06 -2.52 -15.38
N GLY A 22 -31.07 -3.38 -15.24
CA GLY A 22 -32.45 -3.08 -15.62
C GLY A 22 -32.91 -3.94 -16.81
N ARG A 23 -34.05 -3.59 -17.39
CA ARG A 23 -34.62 -4.40 -18.47
C ARG A 23 -34.45 -3.67 -19.82
N THR A 24 -34.16 -2.36 -19.78
CA THR A 24 -34.14 -1.63 -21.02
C THR A 24 -32.95 -2.00 -21.94
N THR A 25 -33.24 -2.13 -23.25
CA THR A 25 -32.26 -2.65 -24.20
C THR A 25 -31.50 -1.48 -24.73
N LEU A 26 -30.45 -1.80 -25.46
CA LEU A 26 -29.63 -0.77 -26.04
C LEU A 26 -30.46 -0.06 -27.10
N GLU A 27 -31.17 -0.83 -27.96
CA GLU A 27 -32.17 -0.22 -28.90
C GLU A 27 -33.15 0.73 -28.21
N GLU A 28 -33.76 0.31 -27.11
CA GLU A 28 -34.67 1.21 -26.42
C GLU A 28 -33.92 2.38 -25.83
N LEU A 29 -32.69 2.18 -25.35
CA LEU A 29 -31.90 3.31 -24.88
C LEU A 29 -31.72 4.41 -25.98
N GLU A 30 -31.31 4.03 -27.20
CA GLU A 30 -31.14 5.04 -28.25
C GLU A 30 -32.46 5.77 -28.50
N ALA A 31 -33.57 5.03 -28.48
CA ALA A 31 -34.83 5.61 -28.89
C ALA A 31 -35.20 6.65 -27.85
N LEU A 32 -34.98 6.32 -26.56
CA LEU A 32 -35.14 7.26 -25.47
C LEU A 32 -34.25 8.50 -25.63
N CYS A 33 -32.98 8.27 -25.92
CA CYS A 33 -32.10 9.37 -26.11
C CYS A 33 -32.53 10.26 -27.30
N GLU A 34 -32.94 9.68 -28.43
CA GLU A 34 -33.52 10.45 -29.56
C GLU A 34 -34.70 11.31 -29.11
N ALA A 35 -35.62 10.75 -28.33
CA ALA A 35 -36.82 11.48 -27.99
C ALA A 35 -36.45 12.60 -26.97
N TRP A 36 -35.50 12.32 -26.08
CA TRP A 36 -35.09 13.33 -25.11
C TRP A 36 -34.38 14.49 -25.78
N GLY A 37 -33.52 14.16 -26.73
CA GLY A 37 -32.80 15.20 -27.44
C GLY A 37 -33.85 16.07 -28.13
N ALA A 38 -34.74 15.42 -28.87
CA ALA A 38 -35.73 16.05 -29.68
C ALA A 38 -36.67 16.85 -28.84
N GLU A 39 -37.24 16.34 -27.73
CA GLU A 39 -38.19 17.24 -27.10
C GLU A 39 -37.42 18.50 -27.06
N LEU A 40 -36.24 18.37 -26.49
CA LEU A 40 -35.32 19.47 -26.21
C LEU A 40 -34.41 20.17 -27.28
N GLY A 41 -34.57 19.88 -28.56
CA GLY A 41 -33.98 20.73 -29.59
C GLY A 41 -32.56 20.34 -29.88
N LEU A 42 -32.25 19.09 -29.55
CA LEU A 42 -30.90 18.51 -29.70
C LEU A 42 -30.96 17.28 -30.63
N GLY A 43 -30.27 17.38 -31.73
CA GLY A 43 -30.10 16.26 -32.60
C GLY A 43 -29.18 15.27 -31.93
N VAL A 44 -29.56 14.01 -31.85
CA VAL A 44 -28.65 12.96 -31.33
C VAL A 44 -28.26 11.88 -32.33
N VAL A 45 -27.03 11.37 -32.15
CA VAL A 45 -26.59 10.12 -32.79
C VAL A 45 -25.92 9.28 -31.76
N PHE A 46 -26.22 8.03 -31.85
CA PHE A 46 -25.97 7.07 -30.80
C PHE A 46 -25.20 5.92 -31.40
N ARG A 47 -24.07 5.55 -30.79
CA ARG A 47 -23.22 4.48 -31.29
C ARG A 47 -22.63 3.64 -30.07
N GLN A 48 -22.37 2.37 -30.34
CA GLN A 48 -21.80 1.45 -29.41
C GLN A 48 -20.79 0.54 -30.14
N THR A 49 -19.69 0.16 -29.43
CA THR A 49 -18.72 -0.87 -29.87
C THR A 49 -18.06 -1.64 -28.66
N ASN A 50 -17.53 -2.79 -28.95
CA ASN A 50 -16.79 -3.53 -27.97
C ASN A 50 -15.26 -3.28 -28.08
N TYR A 51 -14.83 -2.43 -29.06
CA TYR A 51 -13.43 -2.19 -29.38
C TYR A 51 -12.92 -0.81 -28.91
N GLU A 52 -11.89 -0.86 -28.11
CA GLU A 52 -11.31 0.34 -27.50
C GLU A 52 -10.89 1.32 -28.59
N GLY A 53 -10.23 0.75 -29.58
CA GLY A 53 -9.85 1.45 -30.78
C GLY A 53 -10.97 2.21 -31.51
N GLN A 54 -12.12 1.56 -31.69
CA GLN A 54 -13.18 2.20 -32.37
C GLN A 54 -13.72 3.34 -31.51
N LEU A 55 -13.77 3.17 -30.19
CA LEU A 55 -14.28 4.21 -29.26
C LEU A 55 -13.43 5.44 -29.36
N ILE A 56 -12.13 5.19 -29.32
CA ILE A 56 -11.14 6.21 -29.44
C ILE A 56 -11.37 7.02 -30.73
N GLU A 57 -11.45 6.33 -31.88
CA GLU A 57 -11.56 6.99 -33.15
C GLU A 57 -12.81 7.85 -33.19
N TRP A 58 -13.95 7.33 -32.72
CA TRP A 58 -15.16 8.13 -32.67
C TRP A 58 -15.02 9.35 -31.75
N VAL A 59 -14.37 9.24 -30.59
CA VAL A 59 -14.23 10.48 -29.87
C VAL A 59 -13.34 11.41 -30.66
N GLN A 60 -12.28 10.87 -31.27
CA GLN A 60 -11.28 11.72 -31.93
C GLN A 60 -11.89 12.53 -33.08
N GLN A 61 -12.66 11.84 -33.93
CA GLN A 61 -13.11 12.42 -35.25
C GLN A 61 -14.43 13.22 -34.96
N ALA A 62 -15.08 13.10 -33.79
CA ALA A 62 -16.40 13.69 -33.58
C ALA A 62 -16.59 15.20 -33.98
N HIS A 63 -15.64 16.05 -33.64
CA HIS A 63 -15.72 17.47 -33.95
C HIS A 63 -15.66 17.71 -35.47
N GLN A 64 -14.93 16.88 -36.21
CA GLN A 64 -14.78 16.97 -37.67
C GLN A 64 -16.06 16.56 -38.38
N GLU A 65 -16.83 15.69 -37.75
CA GLU A 65 -18.18 15.40 -38.23
C GLU A 65 -19.20 16.45 -37.91
N GLY A 66 -18.85 17.55 -37.22
CA GLY A 66 -19.84 18.57 -36.85
C GLY A 66 -20.55 18.49 -35.50
N PHE A 67 -20.33 17.43 -34.72
CA PHE A 67 -20.87 17.34 -33.34
C PHE A 67 -20.33 18.44 -32.42
N LEU A 68 -21.15 18.87 -31.48
CA LEU A 68 -20.81 19.95 -30.51
C LEU A 68 -20.45 19.48 -29.11
N ALA A 69 -20.67 18.22 -28.84
CA ALA A 69 -20.53 17.61 -27.51
C ALA A 69 -20.66 16.07 -27.64
N ILE A 70 -20.02 15.33 -26.74
CA ILE A 70 -20.09 13.86 -26.69
C ILE A 70 -20.55 13.44 -25.33
N VAL A 71 -21.42 12.43 -25.30
CA VAL A 71 -21.85 11.80 -24.07
C VAL A 71 -21.25 10.41 -24.16
N LEU A 72 -20.55 9.96 -23.10
CA LEU A 72 -19.66 8.84 -23.16
C LEU A 72 -19.78 7.92 -21.99
N ASN A 73 -20.10 6.66 -22.26
CA ASN A 73 -20.20 5.61 -21.30
C ASN A 73 -19.18 4.57 -21.80
N PRO A 74 -17.98 4.58 -21.27
CA PRO A 74 -17.00 3.61 -21.78
C PRO A 74 -17.24 2.16 -21.35
N GLY A 75 -18.25 1.88 -20.50
CA GLY A 75 -18.40 0.48 -20.05
C GLY A 75 -17.16 0.15 -19.16
N ALA A 76 -16.69 -1.10 -19.10
CA ALA A 76 -15.55 -1.41 -18.23
C ALA A 76 -14.19 -0.65 -18.54
N LEU A 77 -14.07 -0.11 -19.75
CA LEU A 77 -12.89 0.64 -20.16
C LEU A 77 -12.67 1.82 -19.25
N THR A 78 -13.75 2.34 -18.66
CA THR A 78 -13.62 3.45 -17.76
C THR A 78 -12.56 3.21 -16.70
N HIS A 79 -12.34 1.98 -16.34
CA HIS A 79 -11.43 1.72 -15.23
C HIS A 79 -10.01 1.35 -15.67
N TYR A 80 -9.70 1.36 -16.96
CA TYR A 80 -8.28 1.09 -17.34
C TYR A 80 -7.74 1.70 -18.65
N SER A 81 -8.62 2.25 -19.49
CA SER A 81 -8.23 2.83 -20.77
C SER A 81 -7.68 4.23 -20.71
N TYR A 82 -6.39 4.36 -20.39
CA TYR A 82 -5.73 5.59 -20.51
C TYR A 82 -5.63 5.99 -21.97
N ALA A 83 -5.89 5.12 -22.90
CA ALA A 83 -5.88 5.54 -24.29
C ALA A 83 -7.11 6.32 -24.61
N LEU A 84 -8.21 5.94 -23.98
CA LEU A 84 -9.45 6.67 -24.15
C LEU A 84 -9.44 8.04 -23.48
N LEU A 85 -8.85 8.11 -22.30
CA LEU A 85 -8.59 9.42 -21.69
C LEU A 85 -7.83 10.31 -22.65
N ASP A 86 -6.75 9.81 -23.22
CA ASP A 86 -5.92 10.70 -24.03
C ASP A 86 -6.74 11.15 -25.27
N ALA A 87 -7.60 10.26 -25.77
CA ALA A 87 -8.45 10.58 -26.91
C ALA A 87 -9.32 11.76 -26.53
N ILE A 88 -9.94 11.72 -25.32
CA ILE A 88 -10.82 12.80 -24.99
C ILE A 88 -10.11 14.15 -24.83
N ARG A 89 -8.88 14.09 -24.32
CA ARG A 89 -8.05 15.28 -24.11
C ARG A 89 -7.55 15.83 -25.44
N ALA A 90 -7.49 14.99 -26.48
CA ALA A 90 -6.81 15.37 -27.71
C ALA A 90 -7.74 16.05 -28.64
N GLN A 91 -9.00 16.30 -28.24
CA GLN A 91 -10.07 16.86 -29.06
C GLN A 91 -10.87 17.95 -28.33
N PRO A 92 -11.50 18.86 -29.05
CA PRO A 92 -12.01 20.09 -28.43
C PRO A 92 -13.43 20.05 -27.76
N LEU A 93 -14.17 18.98 -27.96
CA LEU A 93 -15.55 18.92 -27.57
C LEU A 93 -15.68 18.64 -26.05
N PRO A 94 -16.68 19.21 -25.44
CA PRO A 94 -17.03 18.82 -24.08
C PRO A 94 -17.49 17.36 -24.04
N VAL A 95 -17.00 16.60 -23.07
CA VAL A 95 -17.37 15.23 -22.92
C VAL A 95 -18.05 15.02 -21.52
N VAL A 96 -19.25 14.45 -21.51
CA VAL A 96 -19.93 14.11 -20.30
C VAL A 96 -19.91 12.55 -20.17
N GLU A 97 -19.41 12.06 -19.04
CA GLU A 97 -19.24 10.63 -18.78
C GLU A 97 -20.51 10.21 -18.09
N VAL A 98 -21.12 9.16 -18.54
CA VAL A 98 -22.38 8.64 -18.01
C VAL A 98 -22.25 7.18 -17.68
N HIS A 99 -22.92 6.72 -16.60
CA HIS A 99 -23.02 5.26 -16.32
C HIS A 99 -24.42 4.98 -15.80
N LEU A 100 -24.98 3.86 -16.18
CA LEU A 100 -26.27 3.42 -15.75
C LEU A 100 -26.33 3.17 -14.26
N THR A 101 -25.28 2.52 -13.76
CA THR A 101 -25.22 2.05 -12.38
C THR A 101 -24.36 2.95 -11.60
N ASN A 102 -24.47 2.81 -10.28
CA ASN A 102 -23.70 3.59 -9.33
C ASN A 102 -22.40 2.85 -9.12
N LEU A 103 -21.33 3.40 -9.67
CA LEU A 103 -20.01 2.78 -9.63
C LEU A 103 -19.46 2.51 -8.20
N HIS A 104 -20.00 3.20 -7.23
CA HIS A 104 -19.51 3.19 -5.89
C HIS A 104 -20.17 2.20 -4.99
N ALA A 105 -21.11 1.43 -5.49
CA ALA A 105 -21.87 0.43 -4.75
C ALA A 105 -21.69 -0.95 -5.36
N ARG A 106 -20.61 -1.16 -6.12
CA ARG A 106 -20.27 -2.47 -6.66
C ARG A 106 -18.82 -2.84 -6.31
N GLU A 107 -18.07 -3.56 -7.16
CA GLU A 107 -16.71 -3.94 -6.85
C GLU A 107 -15.77 -2.73 -6.68
N GLU A 108 -14.75 -2.89 -5.85
CA GLU A 108 -13.82 -1.82 -5.62
C GLU A 108 -13.28 -1.28 -6.92
N PHE A 109 -12.93 -2.12 -7.87
CA PHE A 109 -12.22 -1.61 -9.06
C PHE A 109 -13.10 -0.66 -9.93
N ARG A 110 -14.43 -0.83 -9.94
CA ARG A 110 -15.35 0.10 -10.56
C ARG A 110 -15.34 1.49 -10.01
N ARG A 111 -14.80 1.64 -8.79
CA ARG A 111 -14.80 2.95 -8.16
C ARG A 111 -13.78 3.88 -8.78
N HIS A 112 -12.88 3.41 -9.63
CA HIS A 112 -11.90 4.38 -10.12
C HIS A 112 -12.18 4.67 -11.63
N SER A 113 -12.32 5.93 -12.05
CA SER A 113 -12.57 6.18 -13.46
C SER A 113 -11.38 6.91 -14.01
N VAL A 114 -10.67 6.29 -14.96
CA VAL A 114 -9.59 6.97 -15.58
C VAL A 114 -9.92 7.97 -16.60
N THR A 115 -11.13 7.95 -17.13
CA THR A 115 -11.56 8.98 -18.09
C THR A 115 -12.14 10.19 -17.46
N ALA A 116 -12.63 10.06 -16.21
CA ALA A 116 -13.45 11.15 -15.65
C ALA A 116 -12.69 12.46 -15.46
N PRO A 117 -11.38 12.44 -15.14
CA PRO A 117 -10.60 13.68 -15.02
C PRO A 117 -10.66 14.59 -16.21
N ALA A 118 -10.89 14.08 -17.42
CA ALA A 118 -10.91 14.92 -18.59
C ALA A 118 -12.29 15.30 -19.08
N CYS A 119 -13.37 14.89 -18.43
CA CYS A 119 -14.72 15.23 -18.81
C CYS A 119 -15.27 16.53 -18.08
N ARG A 120 -16.26 17.16 -18.64
CA ARG A 120 -16.99 18.22 -17.99
C ARG A 120 -17.50 17.68 -16.69
N GLY A 121 -18.13 16.52 -16.73
CA GLY A 121 -18.72 16.00 -15.51
C GLY A 121 -19.07 14.56 -15.66
N ILE A 122 -19.66 14.04 -14.58
CA ILE A 122 -20.03 12.66 -14.47
C ILE A 122 -21.39 12.46 -13.89
N VAL A 123 -22.16 11.59 -14.51
CA VAL A 123 -23.42 11.24 -13.99
C VAL A 123 -23.63 9.78 -13.89
N SER A 124 -23.86 9.32 -12.68
CA SER A 124 -24.17 7.88 -12.63
C SER A 124 -25.03 7.28 -11.54
N GLY A 125 -25.74 6.19 -11.90
CA GLY A 125 -26.64 5.47 -11.00
C GLY A 125 -28.11 5.57 -11.35
N PHE A 126 -28.46 6.40 -12.32
CA PHE A 126 -29.83 6.70 -12.64
C PHE A 126 -30.38 5.83 -13.72
N GLY A 127 -29.75 4.72 -14.07
CA GLY A 127 -30.18 3.97 -15.26
C GLY A 127 -30.22 4.80 -16.56
N PRO A 128 -31.20 4.54 -17.41
CA PRO A 128 -31.28 5.28 -18.67
C PRO A 128 -31.28 6.82 -18.48
N LEU A 129 -31.87 7.20 -17.37
CA LEU A 129 -31.95 8.60 -17.02
C LEU A 129 -30.60 9.26 -16.81
N SER A 130 -29.49 8.55 -16.59
CA SER A 130 -28.17 9.22 -16.57
C SER A 130 -27.90 9.88 -17.94
N TYR A 131 -28.39 9.23 -19.01
CA TYR A 131 -28.25 9.80 -20.39
C TYR A 131 -29.09 11.03 -20.53
N LYS A 132 -30.30 10.92 -20.03
CA LYS A 132 -31.21 12.11 -19.97
C LYS A 132 -30.60 13.30 -19.38
N LEU A 133 -30.10 13.10 -18.16
CA LEU A 133 -29.55 14.22 -17.46
C LEU A 133 -28.34 14.86 -18.18
N ALA A 134 -27.52 13.99 -18.84
CA ALA A 134 -26.39 14.53 -19.64
C ALA A 134 -26.94 15.46 -20.75
N LEU A 135 -28.03 15.05 -21.37
CA LEU A 135 -28.63 15.87 -22.46
C LEU A 135 -29.19 17.20 -21.96
N VAL A 136 -29.74 17.24 -20.76
CA VAL A 136 -30.24 18.51 -20.20
C VAL A 136 -29.12 19.46 -19.95
N TYR A 137 -28.02 18.95 -19.41
CA TYR A 137 -26.87 19.82 -19.16
C TYR A 137 -26.38 20.35 -20.50
N LEU A 138 -26.32 19.50 -21.51
CA LEU A 138 -25.68 19.86 -22.75
C LEU A 138 -26.52 20.89 -23.56
N ALA A 139 -27.85 20.76 -23.51
CA ALA A 139 -28.76 21.74 -24.15
C ALA A 139 -28.66 23.12 -23.55
N GLU A 140 -28.63 23.16 -22.23
CA GLU A 140 -28.37 24.41 -21.57
C GLU A 140 -27.00 25.00 -21.96
N THR A 141 -25.96 24.19 -22.17
CA THR A 141 -24.61 24.76 -22.37
C THR A 141 -24.24 25.04 -23.82
N LEU A 142 -23.31 25.79 -23.98
N MET B 1 -21.61 -28.82 -27.82
CA MET B 1 -20.46 -28.35 -28.61
C MET B 1 -19.64 -27.25 -27.84
N VAL B 2 -18.31 -27.23 -27.90
CA VAL B 2 -17.57 -26.20 -27.13
C VAL B 2 -16.73 -25.16 -27.93
N LEU B 3 -16.84 -23.87 -27.61
CA LEU B 3 -15.95 -22.83 -28.18
C LEU B 3 -14.67 -22.73 -27.41
N ILE B 4 -13.52 -22.98 -28.04
CA ILE B 4 -12.25 -22.71 -27.44
C ILE B 4 -11.63 -21.39 -27.95
N LEU B 5 -11.41 -20.42 -27.06
CA LEU B 5 -11.03 -19.08 -27.52
C LEU B 5 -9.69 -18.68 -26.96
N ASN B 6 -8.86 -18.11 -27.78
CA ASN B 6 -7.59 -17.68 -27.37
C ASN B 6 -7.34 -16.22 -27.62
N GLY B 7 -6.68 -15.54 -26.72
CA GLY B 7 -6.32 -14.18 -26.90
C GLY B 7 -4.93 -13.99 -27.48
N PRO B 8 -4.43 -12.76 -27.33
CA PRO B 8 -3.17 -12.30 -27.95
C PRO B 8 -1.94 -13.11 -27.74
N ASN B 9 -1.15 -13.14 -28.83
CA ASN B 9 0.16 -13.83 -28.88
C ASN B 9 0.15 -15.35 -28.92
N LEU B 10 -1.01 -15.98 -28.74
CA LEU B 10 -0.98 -17.44 -28.77
C LEU B 10 -0.79 -17.92 -30.20
N ASN B 11 -1.08 -17.05 -31.17
CA ASN B 11 -0.71 -17.33 -32.52
C ASN B 11 0.77 -17.55 -32.71
N LEU B 12 1.64 -17.04 -31.85
CA LEU B 12 3.12 -17.24 -31.97
C LEU B 12 3.70 -18.42 -31.26
N LEU B 13 2.95 -19.14 -30.45
CA LEU B 13 3.45 -20.42 -29.91
C LEU B 13 4.32 -21.24 -30.90
N GLY B 14 5.39 -21.82 -30.42
CA GLY B 14 6.36 -22.50 -31.27
C GLY B 14 7.64 -21.70 -31.29
N ARG B 15 7.53 -20.43 -31.66
CA ARG B 15 8.71 -19.55 -31.72
C ARG B 15 9.07 -18.80 -30.40
N ARG B 16 8.09 -18.43 -29.58
CA ARG B 16 8.29 -17.65 -28.33
C ARG B 16 8.72 -18.49 -27.10
N GLU B 17 10.03 -18.48 -26.75
CA GLU B 17 10.70 -19.40 -25.77
C GLU B 17 10.85 -20.87 -26.21
N PRO B 18 11.51 -21.72 -25.38
CA PRO B 18 11.18 -23.17 -25.32
C PRO B 18 10.67 -23.59 -23.95
N GLU B 19 11.39 -23.26 -22.85
CA GLU B 19 11.11 -23.71 -21.47
C GLU B 19 10.20 -22.74 -20.67
N VAL B 20 9.87 -21.56 -21.24
CA VAL B 20 8.58 -20.92 -20.88
C VAL B 20 7.42 -21.67 -21.57
N TYR B 21 7.19 -21.57 -22.88
CA TYR B 21 5.97 -22.18 -23.49
C TYR B 21 6.07 -23.63 -24.07
N GLY B 22 7.20 -23.98 -24.69
CA GLY B 22 7.34 -25.28 -25.35
C GLY B 22 7.44 -25.06 -26.85
N ARG B 23 7.39 -26.15 -27.63
CA ARG B 23 7.41 -26.04 -29.09
C ARG B 23 6.06 -26.27 -29.80
N THR B 24 5.01 -26.72 -29.11
CA THR B 24 3.78 -26.94 -29.86
C THR B 24 3.16 -25.61 -30.31
N THR B 25 2.69 -25.62 -31.56
CA THR B 25 2.26 -24.42 -32.21
C THR B 25 0.77 -24.33 -31.99
N LEU B 26 0.19 -23.22 -32.41
CA LEU B 26 -1.19 -22.96 -32.24
C LEU B 26 -1.87 -23.97 -33.11
N GLU B 27 -1.38 -24.12 -34.33
CA GLU B 27 -1.94 -25.08 -35.24
C GLU B 27 -1.99 -26.47 -34.61
N GLU B 28 -0.90 -26.93 -34.01
CA GLU B 28 -0.87 -28.27 -33.47
C GLU B 28 -1.84 -28.28 -32.30
N LEU B 29 -1.88 -27.16 -31.55
CA LEU B 29 -2.78 -27.11 -30.44
C LEU B 29 -4.20 -27.39 -30.88
N GLU B 30 -4.72 -26.78 -31.98
CA GLU B 30 -6.12 -26.98 -32.33
C GLU B 30 -6.42 -28.43 -32.61
N ALA B 31 -5.51 -29.10 -33.34
CA ALA B 31 -5.70 -30.50 -33.78
C ALA B 31 -5.71 -31.39 -32.51
N LEU B 32 -4.85 -31.09 -31.55
CA LEU B 32 -4.98 -31.69 -30.21
C LEU B 32 -6.36 -31.49 -29.60
N CYS B 33 -6.89 -30.26 -29.60
CA CYS B 33 -8.20 -30.01 -29.02
C CYS B 33 -9.32 -30.79 -29.80
N GLU B 34 -9.20 -30.90 -31.13
CA GLU B 34 -10.17 -31.59 -32.00
C GLU B 34 -10.18 -33.06 -31.58
N ALA B 35 -9.00 -33.60 -31.44
CA ALA B 35 -8.81 -35.01 -31.16
C ALA B 35 -9.28 -35.33 -29.77
N TRP B 36 -8.86 -34.57 -28.79
CA TRP B 36 -9.34 -34.79 -27.41
C TRP B 36 -10.85 -34.65 -27.28
N GLY B 37 -11.39 -33.70 -28.02
CA GLY B 37 -12.80 -33.46 -28.06
C GLY B 37 -13.45 -34.69 -28.62
N ALA B 38 -12.95 -35.14 -29.76
CA ALA B 38 -13.57 -36.21 -30.52
C ALA B 38 -13.60 -37.47 -29.71
N GLU B 39 -12.54 -37.88 -29.02
CA GLU B 39 -12.67 -39.19 -28.37
C GLU B 39 -13.96 -39.10 -27.60
N LEU B 40 -14.10 -37.91 -27.04
CA LEU B 40 -14.88 -37.76 -25.88
C LEU B 40 -16.31 -37.19 -26.05
N GLY B 41 -16.81 -37.08 -27.28
CA GLY B 41 -18.22 -36.82 -27.54
C GLY B 41 -18.52 -35.35 -27.64
N LEU B 42 -17.45 -34.56 -27.80
CA LEU B 42 -17.57 -33.12 -27.85
C LEU B 42 -17.04 -32.61 -29.17
N GLY B 43 -17.85 -31.79 -29.84
CA GLY B 43 -17.41 -30.95 -30.92
C GLY B 43 -16.65 -29.70 -30.41
N VAL B 44 -15.55 -29.38 -31.05
CA VAL B 44 -14.83 -28.15 -30.77
C VAL B 44 -14.72 -27.27 -31.98
N VAL B 45 -14.78 -25.98 -31.70
CA VAL B 45 -14.37 -24.91 -32.59
C VAL B 45 -13.34 -24.12 -31.81
N PHE B 46 -12.23 -23.83 -32.47
CA PHE B 46 -11.04 -23.25 -31.92
C PHE B 46 -10.82 -21.92 -32.66
N ARG B 47 -10.58 -20.83 -31.92
CA ARG B 47 -10.36 -19.47 -32.47
C ARG B 47 -9.29 -18.71 -31.70
N GLN B 48 -8.61 -17.78 -32.39
CA GLN B 48 -7.53 -16.99 -31.85
C GLN B 48 -7.59 -15.60 -32.42
N THR B 49 -7.37 -14.57 -31.58
CA THR B 49 -7.35 -13.17 -32.05
C THR B 49 -6.42 -12.32 -31.12
N ASN B 50 -5.80 -11.32 -31.70
CA ASN B 50 -5.00 -10.38 -30.93
C ASN B 50 -5.79 -9.13 -30.48
N TYR B 51 -7.11 -9.06 -30.77
CA TYR B 51 -7.95 -7.91 -30.37
C TYR B 51 -8.94 -8.20 -29.23
N GLU B 52 -8.83 -7.47 -28.13
CA GLU B 52 -9.72 -7.59 -26.99
C GLU B 52 -11.21 -7.59 -27.46
N GLY B 53 -11.49 -6.71 -28.42
CA GLY B 53 -12.82 -6.41 -28.90
C GLY B 53 -13.36 -7.63 -29.57
N GLN B 54 -12.54 -8.35 -30.35
CA GLN B 54 -13.01 -9.59 -30.95
C GLN B 54 -13.15 -10.73 -29.94
N LEU B 55 -12.28 -10.86 -28.96
CA LEU B 55 -12.49 -11.89 -27.89
C LEU B 55 -13.80 -11.62 -27.20
N ILE B 56 -14.06 -10.38 -26.91
CA ILE B 56 -15.31 -9.97 -26.22
C ILE B 56 -16.53 -10.36 -27.04
N GLU B 57 -16.47 -10.06 -28.33
CA GLU B 57 -17.50 -10.43 -29.29
C GLU B 57 -17.79 -11.86 -29.34
N TRP B 58 -16.75 -12.68 -29.35
CA TRP B 58 -16.98 -14.09 -29.44
C TRP B 58 -17.50 -14.58 -28.10
N VAL B 59 -17.03 -14.08 -26.94
CA VAL B 59 -17.67 -14.62 -25.78
C VAL B 59 -19.12 -14.14 -25.70
N GLN B 60 -19.44 -12.94 -26.14
CA GLN B 60 -20.85 -12.49 -26.07
C GLN B 60 -21.83 -13.37 -26.98
N GLN B 61 -21.29 -13.82 -28.07
CA GLN B 61 -22.06 -14.43 -29.12
C GLN B 61 -22.12 -15.98 -29.06
N ALA B 62 -21.20 -16.60 -28.35
CA ALA B 62 -21.11 -18.04 -28.31
C ALA B 62 -22.49 -18.72 -28.09
N HIS B 63 -23.31 -18.24 -27.14
CA HIS B 63 -24.59 -18.85 -26.87
C HIS B 63 -25.58 -18.76 -28.06
N GLN B 64 -25.63 -17.60 -28.78
CA GLN B 64 -26.49 -17.48 -29.98
C GLN B 64 -26.10 -18.46 -31.05
N GLU B 65 -24.83 -18.80 -31.08
CA GLU B 65 -24.29 -19.68 -32.12
C GLU B 65 -24.53 -21.11 -31.74
N GLY B 66 -24.99 -21.36 -30.52
CA GLY B 66 -25.36 -22.74 -30.15
C GLY B 66 -24.31 -23.48 -29.33
N PHE B 67 -23.18 -22.85 -29.00
CA PHE B 67 -22.25 -23.49 -28.07
C PHE B 67 -22.89 -23.69 -26.66
N LEU B 68 -22.40 -24.67 -25.95
CA LEU B 68 -22.83 -24.98 -24.62
C LEU B 68 -21.79 -24.52 -23.56
N ALA B 69 -20.54 -24.27 -23.95
CA ALA B 69 -19.50 -23.82 -23.01
C ALA B 69 -18.36 -23.17 -23.77
N ILE B 70 -17.59 -22.35 -23.05
CA ILE B 70 -16.35 -21.70 -23.52
C ILE B 70 -15.16 -22.15 -22.77
N VAL B 71 -14.10 -22.53 -23.48
CA VAL B 71 -12.81 -22.64 -22.90
C VAL B 71 -11.99 -21.44 -23.40
N LEU B 72 -11.42 -20.67 -22.45
CA LEU B 72 -10.86 -19.33 -22.69
C LEU B 72 -9.47 -19.17 -22.05
N ASN B 73 -8.50 -18.91 -22.91
CA ASN B 73 -7.17 -18.50 -22.54
C ASN B 73 -7.04 -17.05 -23.07
N PRO B 74 -7.26 -16.03 -22.25
CA PRO B 74 -7.17 -14.64 -22.76
C PRO B 74 -5.76 -14.13 -23.04
N GLY B 75 -4.72 -14.90 -22.76
CA GLY B 75 -3.36 -14.41 -22.99
C GLY B 75 -3.14 -13.31 -21.99
N ALA B 76 -2.37 -12.30 -22.30
CA ALA B 76 -2.04 -11.35 -21.24
C ALA B 76 -3.26 -10.50 -20.83
N LEU B 77 -4.35 -10.45 -21.61
CA LEU B 77 -5.53 -9.72 -21.23
C LEU B 77 -6.11 -10.21 -19.90
N THR B 78 -5.78 -11.42 -19.49
CA THR B 78 -6.23 -11.89 -18.24
C THR B 78 -5.84 -11.00 -17.05
N HIS B 79 -4.79 -10.20 -17.19
CA HIS B 79 -4.32 -9.34 -16.15
C HIS B 79 -4.99 -7.96 -16.05
N TYR B 80 -5.79 -7.60 -17.03
CA TYR B 80 -6.28 -6.24 -17.10
C TYR B 80 -7.61 -5.95 -17.82
N SER B 81 -8.17 -6.89 -18.58
CA SER B 81 -9.38 -6.60 -19.41
C SER B 81 -10.60 -6.76 -18.54
N TYR B 82 -10.96 -5.73 -17.78
CA TYR B 82 -12.24 -5.72 -17.14
C TYR B 82 -13.43 -5.77 -18.13
N ALA B 83 -13.22 -5.39 -19.37
CA ALA B 83 -14.24 -5.59 -20.43
C ALA B 83 -14.54 -7.07 -20.76
N LEU B 84 -13.50 -7.90 -20.74
CA LEU B 84 -13.67 -9.36 -20.97
C LEU B 84 -14.42 -9.99 -19.80
N LEU B 85 -14.03 -9.56 -18.58
CA LEU B 85 -14.76 -9.98 -17.34
C LEU B 85 -16.24 -9.73 -17.54
N ASP B 86 -16.59 -8.49 -17.78
CA ASP B 86 -17.96 -8.14 -18.04
C ASP B 86 -18.64 -8.93 -19.17
N ALA B 87 -17.88 -9.23 -20.22
CA ALA B 87 -18.43 -10.03 -21.33
C ALA B 87 -18.77 -11.44 -20.82
N ILE B 88 -17.84 -12.05 -20.09
CA ILE B 88 -18.15 -13.33 -19.56
C ILE B 88 -19.42 -13.27 -18.61
N ARG B 89 -19.52 -12.29 -17.70
CA ARG B 89 -20.68 -12.15 -16.81
C ARG B 89 -22.00 -11.87 -17.57
N ALA B 90 -21.93 -11.34 -18.83
CA ALA B 90 -23.08 -10.92 -19.57
C ALA B 90 -23.73 -12.00 -20.37
N GLN B 91 -23.17 -13.21 -20.38
CA GLN B 91 -23.72 -14.21 -21.26
C GLN B 91 -23.89 -15.46 -20.42
N PRO B 92 -24.73 -16.42 -20.84
CA PRO B 92 -25.11 -17.56 -19.95
C PRO B 92 -24.14 -18.75 -19.80
N LEU B 93 -23.29 -18.98 -20.79
CA LEU B 93 -22.49 -20.21 -20.81
C LEU B 93 -21.43 -20.27 -19.67
N PRO B 94 -21.26 -21.46 -19.10
CA PRO B 94 -20.08 -21.71 -18.25
C PRO B 94 -18.75 -21.35 -19.02
N VAL B 95 -17.78 -20.70 -18.37
CA VAL B 95 -16.48 -20.46 -18.99
C VAL B 95 -15.36 -21.09 -18.20
N VAL B 96 -14.53 -21.89 -18.84
CA VAL B 96 -13.36 -22.39 -18.13
C VAL B 96 -12.10 -21.65 -18.55
N GLU B 97 -11.42 -21.12 -17.57
CA GLU B 97 -10.21 -20.39 -17.81
C GLU B 97 -8.98 -21.30 -17.81
N VAL B 98 -8.22 -21.24 -18.89
CA VAL B 98 -7.08 -22.11 -19.12
C VAL B 98 -5.79 -21.29 -19.40
N HIS B 99 -4.68 -21.74 -18.83
CA HIS B 99 -3.34 -21.17 -19.20
C HIS B 99 -2.32 -22.27 -19.37
N LEU B 100 -1.42 -22.09 -20.35
CA LEU B 100 -0.34 -23.07 -20.57
C LEU B 100 0.68 -23.19 -19.43
N THR B 101 1.02 -22.04 -18.88
CA THR B 101 2.01 -21.94 -17.85
C THR B 101 1.39 -21.70 -16.53
N ASN B 102 2.14 -22.05 -15.51
CA ASN B 102 1.80 -21.71 -14.15
C ASN B 102 1.99 -20.17 -13.98
N LEU B 103 0.93 -19.42 -13.84
CA LEU B 103 1.00 -17.97 -13.70
C LEU B 103 1.69 -17.48 -12.43
N HIS B 104 1.75 -18.35 -11.44
CA HIS B 104 2.27 -18.03 -10.11
C HIS B 104 3.73 -18.21 -9.96
N ALA B 105 4.38 -18.85 -10.89
CA ALA B 105 5.82 -18.94 -10.86
C ALA B 105 6.42 -17.97 -11.90
N ARG B 106 5.69 -16.93 -12.33
CA ARG B 106 6.30 -16.03 -13.33
C ARG B 106 6.28 -14.64 -12.77
N GLU B 107 6.28 -13.57 -13.53
CA GLU B 107 6.32 -12.23 -12.90
C GLU B 107 5.04 -12.01 -12.07
N GLU B 108 5.16 -11.12 -11.08
CA GLU B 108 4.15 -10.73 -10.12
C GLU B 108 2.80 -10.37 -10.76
N PHE B 109 2.80 -9.64 -11.87
CA PHE B 109 1.57 -9.15 -12.47
C PHE B 109 0.75 -10.28 -13.12
N ARG B 110 1.43 -11.34 -13.57
CA ARG B 110 0.80 -12.53 -14.12
C ARG B 110 -0.01 -13.37 -13.12
N ARG B 111 0.21 -13.13 -11.85
CA ARG B 111 -0.55 -13.85 -10.80
C ARG B 111 -2.01 -13.34 -10.56
N HIS B 112 -2.37 -12.15 -10.99
CA HIS B 112 -3.71 -11.62 -10.70
C HIS B 112 -4.55 -11.81 -12.00
N SER B 113 -5.65 -12.55 -11.94
CA SER B 113 -6.58 -12.68 -13.07
C SER B 113 -7.89 -11.92 -12.85
N VAL B 114 -8.22 -10.98 -13.72
CA VAL B 114 -9.47 -10.24 -13.54
C VAL B 114 -10.65 -11.00 -14.21
N THR B 115 -10.40 -11.99 -15.00
CA THR B 115 -11.45 -12.82 -15.55
C THR B 115 -11.88 -14.00 -14.63
N ALA B 116 -10.94 -14.58 -13.89
CA ALA B 116 -11.13 -15.88 -13.15
C ALA B 116 -12.33 -15.84 -12.31
N PRO B 117 -12.63 -14.72 -11.62
CA PRO B 117 -13.78 -14.61 -10.72
C PRO B 117 -15.15 -14.98 -11.38
N ALA B 118 -15.35 -14.68 -12.64
CA ALA B 118 -16.59 -15.03 -13.37
C ALA B 118 -16.55 -16.44 -14.07
N CYS B 119 -15.43 -17.15 -13.93
CA CYS B 119 -15.30 -18.46 -14.56
C CYS B 119 -15.67 -19.53 -13.56
N ARG B 120 -16.15 -20.67 -14.10
CA ARG B 120 -16.42 -21.87 -13.41
C ARG B 120 -15.20 -22.38 -12.73
N GLY B 121 -14.09 -22.38 -13.43
CA GLY B 121 -12.83 -22.72 -12.82
C GLY B 121 -11.65 -22.35 -13.70
N ILE B 122 -10.47 -22.60 -13.19
CA ILE B 122 -9.22 -22.27 -13.86
C ILE B 122 -8.29 -23.43 -13.86
N VAL B 123 -7.73 -23.74 -15.05
CA VAL B 123 -6.64 -24.67 -15.08
C VAL B 123 -5.36 -24.13 -15.69
N SER B 124 -4.30 -24.24 -14.94
CA SER B 124 -3.11 -23.69 -15.51
C SER B 124 -1.81 -24.34 -15.14
N GLY B 125 -0.87 -24.32 -16.10
CA GLY B 125 0.48 -24.85 -15.93
C GLY B 125 0.85 -26.19 -16.53
N PHE B 126 -0.10 -26.85 -17.16
CA PHE B 126 0.06 -28.20 -17.74
C PHE B 126 0.30 -28.13 -19.23
N GLY B 127 0.70 -26.98 -19.71
CA GLY B 127 0.95 -26.80 -21.11
C GLY B 127 -0.29 -27.08 -21.90
N PRO B 128 -0.19 -27.68 -23.06
CA PRO B 128 -1.38 -27.97 -23.85
C PRO B 128 -2.45 -28.81 -23.12
N LEU B 129 -1.99 -29.61 -22.20
CA LEU B 129 -2.90 -30.48 -21.45
C LEU B 129 -3.87 -29.71 -20.56
N SER B 130 -3.59 -28.40 -20.32
CA SER B 130 -4.55 -27.58 -19.64
C SER B 130 -5.86 -27.56 -20.43
N TYR B 131 -5.78 -27.55 -21.77
CA TYR B 131 -6.96 -27.51 -22.61
C TYR B 131 -7.77 -28.82 -22.49
N LYS B 132 -7.03 -29.92 -22.55
CA LYS B 132 -7.58 -31.23 -22.35
C LYS B 132 -8.36 -31.38 -21.02
N LEU B 133 -7.79 -30.87 -19.91
CA LEU B 133 -8.49 -30.98 -18.65
C LEU B 133 -9.78 -30.16 -18.67
N ALA B 134 -9.80 -28.98 -19.28
CA ALA B 134 -11.02 -28.20 -19.39
C ALA B 134 -12.06 -29.04 -20.11
N LEU B 135 -11.65 -29.73 -21.18
CA LEU B 135 -12.58 -30.53 -21.99
C LEU B 135 -13.02 -31.74 -21.19
N VAL B 136 -12.14 -32.39 -20.44
CA VAL B 136 -12.64 -33.45 -19.57
C VAL B 136 -13.69 -32.93 -18.59
N TYR B 137 -13.55 -31.73 -17.99
CA TYR B 137 -14.60 -31.26 -17.10
C TYR B 137 -15.94 -31.00 -17.84
N LEU B 138 -15.84 -30.49 -19.06
CA LEU B 138 -16.99 -30.10 -19.79
C LEU B 138 -17.75 -31.34 -20.29
N ALA B 139 -17.02 -32.36 -20.72
CA ALA B 139 -17.67 -33.59 -21.14
C ALA B 139 -18.42 -34.19 -19.98
N GLU B 140 -17.89 -34.20 -18.76
CA GLU B 140 -18.67 -34.73 -17.63
C GLU B 140 -19.79 -33.85 -17.19
N THR B 141 -19.79 -32.53 -17.48
CA THR B 141 -20.86 -31.64 -16.98
C THR B 141 -21.87 -31.45 -18.04
N LEU B 142 -23.00 -31.04 -17.81
N MET C 1 16.49 -2.62 -42.67
CA MET C 1 15.27 -1.81 -42.73
C MET C 1 14.45 -1.79 -41.35
N VAL C 2 14.06 -0.58 -40.91
CA VAL C 2 13.46 -0.42 -39.60
C VAL C 2 12.00 0.06 -39.62
N LEU C 3 11.20 -0.61 -38.83
CA LEU C 3 9.75 -0.26 -38.70
C LEU C 3 9.48 0.63 -37.46
N ILE C 4 8.82 1.75 -37.68
CA ILE C 4 8.47 2.72 -36.65
C ILE C 4 6.99 2.65 -36.45
N LEU C 5 6.60 2.22 -35.26
CA LEU C 5 5.15 1.92 -34.92
C LEU C 5 4.73 2.84 -33.80
N ASN C 6 3.57 3.50 -34.03
CA ASN C 6 2.96 4.49 -33.17
C ASN C 6 1.58 4.00 -32.75
N GLY C 7 1.26 4.24 -31.46
CA GLY C 7 0.02 3.84 -30.87
C GLY C 7 -1.07 4.91 -30.89
N PRO C 8 -2.14 4.75 -30.10
CA PRO C 8 -3.29 5.63 -30.14
C PRO C 8 -3.03 7.08 -29.89
N ASN C 9 -3.82 7.88 -30.58
CA ASN C 9 -3.82 9.32 -30.42
C ASN C 9 -2.62 10.04 -31.02
N LEU C 10 -1.61 9.28 -31.44
CA LEU C 10 -0.49 9.94 -32.11
C LEU C 10 -0.91 10.48 -33.45
N ASN C 11 -1.99 9.98 -34.04
CA ASN C 11 -2.60 10.67 -35.26
C ASN C 11 -3.04 12.14 -35.04
N LEU C 12 -3.23 12.61 -33.79
CA LEU C 12 -3.68 14.00 -33.57
C LEU C 12 -2.56 14.92 -33.19
N LEU C 13 -1.33 14.46 -33.29
CA LEU C 13 -0.20 15.34 -33.03
C LEU C 13 -0.39 16.57 -33.89
N GLY C 14 -0.13 17.72 -33.27
CA GLY C 14 -0.28 19.02 -33.93
C GLY C 14 -1.39 19.86 -33.33
N ARG C 15 -2.58 19.31 -33.25
CA ARG C 15 -3.69 19.95 -32.54
C ARG C 15 -3.58 19.71 -31.01
N ARG C 16 -3.11 18.54 -30.61
CA ARG C 16 -3.28 18.12 -29.19
C ARG C 16 -2.21 18.76 -28.32
N GLU C 17 -2.62 19.76 -27.51
CA GLU C 17 -1.77 20.72 -26.68
C GLU C 17 -0.96 21.86 -27.41
N PRO C 18 -0.35 22.85 -26.70
CA PRO C 18 0.76 23.64 -27.25
C PRO C 18 2.10 23.22 -26.65
N GLU C 19 2.29 23.56 -25.35
CA GLU C 19 3.54 23.38 -24.60
C GLU C 19 3.72 21.94 -24.01
N VAL C 20 2.69 21.06 -24.03
CA VAL C 20 2.94 19.59 -23.78
C VAL C 20 3.49 18.83 -25.01
N TYR C 21 2.77 18.72 -26.13
CA TYR C 21 3.34 17.92 -27.24
C TYR C 21 4.09 18.68 -28.35
N GLY C 22 3.78 19.96 -28.57
CA GLY C 22 4.43 20.72 -29.62
C GLY C 22 3.56 20.77 -30.88
N ARG C 23 4.15 21.28 -31.96
CA ARG C 23 3.43 21.76 -33.11
C ARG C 23 3.45 20.72 -34.27
N THR C 24 4.42 19.80 -34.20
CA THR C 24 4.63 18.94 -35.34
C THR C 24 3.55 17.82 -35.47
N THR C 25 3.15 17.57 -36.71
CA THR C 25 2.00 16.72 -36.99
C THR C 25 2.57 15.35 -37.22
N LEU C 26 1.70 14.36 -37.39
CA LEU C 26 2.12 12.97 -37.52
C LEU C 26 2.84 12.77 -38.85
N GLU C 27 2.26 13.36 -39.88
CA GLU C 27 2.89 13.46 -41.22
C GLU C 27 4.26 14.12 -41.19
N GLU C 28 4.38 15.24 -40.49
CA GLU C 28 5.65 15.97 -40.45
C GLU C 28 6.64 15.12 -39.73
N LEU C 29 6.14 14.34 -38.76
CA LEU C 29 6.96 13.39 -38.06
C LEU C 29 7.46 12.25 -38.94
N GLU C 30 6.63 11.66 -39.81
CA GLU C 30 7.18 10.55 -40.60
C GLU C 30 8.24 11.08 -41.54
N ALA C 31 7.99 12.24 -42.14
CA ALA C 31 8.88 12.85 -43.12
C ALA C 31 10.26 13.19 -42.42
N LEU C 32 10.23 13.55 -41.14
CA LEU C 32 11.43 13.70 -40.38
C LEU C 32 12.19 12.35 -40.25
N CYS C 33 11.45 11.33 -39.84
CA CYS C 33 12.03 9.99 -39.71
C CYS C 33 12.62 9.48 -41.03
N GLU C 34 11.88 9.61 -42.13
CA GLU C 34 12.29 9.18 -43.52
C GLU C 34 13.73 9.73 -43.80
N ALA C 35 13.90 11.03 -43.49
CA ALA C 35 15.15 11.74 -43.71
C ALA C 35 16.25 11.37 -42.76
N TRP C 36 15.91 11.21 -41.48
CA TRP C 36 16.94 10.89 -40.49
C TRP C 36 17.50 9.52 -40.82
N GLY C 37 16.62 8.65 -41.28
CA GLY C 37 17.01 7.28 -41.61
C GLY C 37 17.84 7.29 -42.87
N ALA C 38 17.42 8.13 -43.83
CA ALA C 38 17.97 8.14 -45.18
C ALA C 38 19.39 8.62 -45.09
N GLU C 39 19.60 9.78 -44.47
CA GLU C 39 20.96 10.28 -44.45
C GLU C 39 21.75 9.05 -44.04
N LEU C 40 21.30 8.44 -42.97
CA LEU C 40 22.05 7.40 -42.30
C LEU C 40 22.03 5.90 -42.77
N GLY C 41 21.59 5.63 -43.98
CA GLY C 41 21.72 4.29 -44.58
C GLY C 41 20.69 3.31 -44.05
N LEU C 42 19.68 3.85 -43.35
CA LEU C 42 18.54 3.09 -42.81
C LEU C 42 17.23 3.36 -43.62
N GLY C 43 16.66 2.36 -44.22
CA GLY C 43 15.33 2.53 -44.77
C GLY C 43 14.30 2.52 -43.64
N VAL C 44 13.19 3.22 -43.83
CA VAL C 44 12.18 3.27 -42.78
C VAL C 44 10.77 3.25 -43.32
N VAL C 45 9.94 2.44 -42.67
CA VAL C 45 8.47 2.47 -42.82
C VAL C 45 7.78 2.86 -41.49
N PHE C 46 6.78 3.70 -41.60
CA PHE C 46 6.20 4.40 -40.48
C PHE C 46 4.71 4.18 -40.55
N ARG C 47 4.14 3.82 -39.36
CA ARG C 47 2.79 3.36 -39.21
C ARG C 47 2.25 3.81 -37.83
N GLN C 48 0.95 4.10 -37.81
CA GLN C 48 0.19 4.45 -36.60
C GLN C 48 -1.16 3.81 -36.58
N THR C 49 -1.61 3.35 -35.40
CA THR C 49 -3.00 2.85 -35.20
C THR C 49 -3.48 3.15 -33.77
N ASN C 50 -4.78 3.16 -33.70
CA ASN C 50 -5.48 3.40 -32.44
C ASN C 50 -5.95 2.08 -31.79
N TYR C 51 -5.67 0.94 -32.44
CA TYR C 51 -6.11 -0.43 -32.01
C TYR C 51 -4.98 -1.27 -31.51
N GLU C 52 -5.09 -1.64 -30.25
CA GLU C 52 -4.11 -2.44 -29.59
C GLU C 52 -3.76 -3.66 -30.40
N GLY C 53 -4.78 -4.38 -30.82
CA GLY C 53 -4.64 -5.61 -31.58
C GLY C 53 -3.90 -5.44 -32.93
N GLN C 54 -4.15 -4.30 -33.60
CA GLN C 54 -3.39 -3.96 -34.83
C GLN C 54 -1.90 -3.65 -34.50
N LEU C 55 -1.60 -2.99 -33.37
CA LEU C 55 -0.23 -2.69 -32.92
C LEU C 55 0.46 -3.98 -32.58
N ILE C 56 -0.21 -4.80 -31.87
CA ILE C 56 0.36 -6.08 -31.56
C ILE C 56 0.72 -6.89 -32.84
N GLU C 57 -0.21 -6.96 -33.76
CA GLU C 57 0.07 -7.74 -34.96
C GLU C 57 1.29 -7.17 -35.78
N TRP C 58 1.41 -5.84 -35.82
CA TRP C 58 2.56 -5.16 -36.50
C TRP C 58 3.80 -5.54 -35.81
N VAL C 59 3.81 -5.53 -34.48
CA VAL C 59 5.03 -5.98 -33.86
C VAL C 59 5.28 -7.49 -34.05
N GLN C 60 4.24 -8.29 -34.06
CA GLN C 60 4.44 -9.74 -34.21
C GLN C 60 5.04 -10.03 -35.57
N GLN C 61 4.66 -9.29 -36.58
CA GLN C 61 4.89 -9.65 -37.96
C GLN C 61 6.08 -8.80 -38.59
N ALA C 62 6.75 -7.96 -37.83
CA ALA C 62 7.86 -7.16 -38.36
C ALA C 62 9.04 -8.04 -38.90
N HIS C 63 9.44 -9.09 -38.16
CA HIS C 63 10.52 -9.99 -38.59
C HIS C 63 10.19 -10.76 -39.92
N GLN C 64 8.97 -11.23 -40.04
CA GLN C 64 8.49 -11.87 -41.24
C GLN C 64 8.51 -10.95 -42.42
N GLU C 65 8.25 -9.67 -42.25
CA GLU C 65 8.22 -8.73 -43.38
C GLU C 65 9.66 -8.27 -43.75
N GLY C 66 10.67 -8.76 -43.04
CA GLY C 66 12.04 -8.45 -43.35
C GLY C 66 12.67 -7.28 -42.64
N PHE C 67 11.95 -6.59 -41.74
CA PHE C 67 12.57 -5.56 -40.93
C PHE C 67 13.55 -6.20 -39.96
N LEU C 68 14.49 -5.42 -39.49
CA LEU C 68 15.48 -5.97 -38.62
C LEU C 68 15.49 -5.25 -37.24
N ALA C 69 14.67 -4.19 -37.10
CA ALA C 69 14.41 -3.59 -35.80
C ALA C 69 13.03 -2.85 -35.74
N ILE C 70 12.54 -2.52 -34.56
CA ILE C 70 11.32 -1.69 -34.45
C ILE C 70 11.60 -0.50 -33.55
N VAL C 71 11.07 0.68 -33.87
CA VAL C 71 11.02 1.87 -32.99
C VAL C 71 9.51 2.01 -32.68
N LEU C 72 9.17 2.04 -31.40
CA LEU C 72 7.81 1.84 -30.99
C LEU C 72 7.41 2.90 -29.92
N ASN C 73 6.50 3.80 -30.28
CA ASN C 73 5.76 4.65 -29.34
C ASN C 73 4.34 4.13 -29.09
N PRO C 74 4.06 3.37 -28.00
CA PRO C 74 2.69 2.84 -27.81
C PRO C 74 1.63 3.87 -27.44
N GLY C 75 1.97 5.16 -27.24
CA GLY C 75 0.92 6.08 -26.78
C GLY C 75 0.48 5.63 -25.36
N ALA C 76 -0.76 5.82 -24.93
CA ALA C 76 -1.07 5.52 -23.53
C ALA C 76 -1.03 3.98 -23.14
N LEU C 77 -1.10 3.15 -24.16
CA LEU C 77 -0.90 1.70 -24.06
C LEU C 77 0.33 1.31 -23.30
N THR C 78 1.34 2.18 -23.27
CA THR C 78 2.61 1.87 -22.60
C THR C 78 2.37 1.68 -21.12
N HIS C 79 1.29 2.21 -20.58
CA HIS C 79 1.07 2.02 -19.17
C HIS C 79 0.22 0.83 -18.76
N TYR C 80 -0.38 0.14 -19.67
CA TYR C 80 -1.17 -1.00 -19.24
C TYR C 80 -1.23 -2.17 -20.19
N SER C 81 -0.83 -2.04 -21.45
CA SER C 81 -0.93 -3.21 -22.39
C SER C 81 0.08 -4.32 -22.19
N TYR C 82 -0.22 -5.27 -21.30
CA TYR C 82 0.66 -6.43 -21.12
C TYR C 82 0.63 -7.28 -22.39
N ALA C 83 -0.44 -7.21 -23.16
CA ALA C 83 -0.51 -7.92 -24.42
C ALA C 83 0.52 -7.41 -25.39
N LEU C 84 0.73 -6.10 -25.44
CA LEU C 84 1.84 -5.58 -26.26
C LEU C 84 3.26 -6.01 -25.74
N LEU C 85 3.39 -6.15 -24.42
CA LEU C 85 4.65 -6.57 -23.86
C LEU C 85 4.85 -7.97 -24.33
N ASP C 86 3.85 -8.83 -24.22
CA ASP C 86 4.06 -10.20 -24.69
C ASP C 86 4.30 -10.22 -26.16
N ALA C 87 3.73 -9.32 -26.93
CA ALA C 87 4.08 -9.31 -28.37
C ALA C 87 5.58 -8.98 -28.62
N ILE C 88 6.16 -8.03 -27.87
CA ILE C 88 7.52 -7.72 -28.16
C ILE C 88 8.46 -8.87 -27.71
N ARG C 89 8.24 -9.45 -26.52
CA ARG C 89 9.00 -10.61 -26.05
C ARG C 89 8.86 -11.85 -26.95
N ALA C 90 7.72 -12.02 -27.61
CA ALA C 90 7.47 -13.18 -28.44
C ALA C 90 8.10 -13.11 -29.85
N GLN C 91 8.83 -12.05 -30.18
CA GLN C 91 9.29 -11.89 -31.54
C GLN C 91 10.79 -11.55 -31.37
N PRO C 92 11.65 -11.74 -32.38
CA PRO C 92 13.12 -11.64 -32.18
C PRO C 92 13.82 -10.25 -32.39
N LEU C 93 13.22 -9.34 -33.14
CA LEU C 93 13.83 -8.07 -33.36
C LEU C 93 14.06 -7.30 -32.08
N PRO C 94 15.14 -6.53 -32.06
CA PRO C 94 15.30 -5.43 -31.12
C PRO C 94 14.17 -4.36 -31.21
N VAL C 95 13.71 -3.91 -30.04
CA VAL C 95 12.68 -2.84 -29.95
C VAL C 95 13.14 -1.71 -29.08
N VAL C 96 13.02 -0.50 -29.63
CA VAL C 96 13.39 0.66 -28.85
C VAL C 96 12.14 1.43 -28.53
N GLU C 97 11.88 1.66 -27.25
CA GLU C 97 10.73 2.45 -26.82
C GLU C 97 11.01 3.93 -26.86
N VAL C 98 10.16 4.66 -27.51
CA VAL C 98 10.34 6.09 -27.71
C VAL C 98 9.09 6.87 -27.22
N HIS C 99 9.26 8.06 -26.70
CA HIS C 99 8.14 8.94 -26.27
C HIS C 99 8.55 10.39 -26.50
N LEU C 100 7.59 11.19 -26.91
CA LEU C 100 7.90 12.56 -27.21
C LEU C 100 8.20 13.36 -25.96
N THR C 101 7.36 13.12 -24.93
CA THR C 101 7.41 13.80 -23.63
C THR C 101 8.14 13.05 -22.61
N ASN C 102 8.51 13.76 -21.58
CA ASN C 102 9.12 13.16 -20.42
C ASN C 102 8.02 12.58 -19.60
N LEU C 103 7.86 11.27 -19.58
CA LEU C 103 6.82 10.64 -18.75
C LEU C 103 6.94 10.93 -17.25
N HIS C 104 8.12 11.32 -16.75
CA HIS C 104 8.31 11.58 -15.34
C HIS C 104 7.98 13.00 -14.85
N ALA C 105 7.50 13.87 -15.73
CA ALA C 105 7.12 15.22 -15.36
C ALA C 105 5.62 15.49 -15.61
N ARG C 106 4.85 14.43 -15.78
CA ARG C 106 3.39 14.46 -15.95
C ARG C 106 2.73 13.56 -14.85
N GLU C 107 1.58 12.96 -15.16
CA GLU C 107 0.72 12.36 -14.14
C GLU C 107 1.43 11.17 -13.67
N GLU C 108 1.17 10.76 -12.43
CA GLU C 108 1.77 9.61 -11.84
C GLU C 108 1.69 8.35 -12.69
N PHE C 109 0.56 8.08 -13.31
CA PHE C 109 0.37 6.80 -14.02
C PHE C 109 1.25 6.69 -15.23
N ARG C 110 1.58 7.79 -15.90
CA ARG C 110 2.49 7.76 -17.07
C ARG C 110 3.94 7.32 -16.74
N ARG C 111 4.28 7.26 -15.48
CA ARG C 111 5.61 6.97 -15.05
C ARG C 111 5.93 5.51 -15.13
N HIS C 112 4.97 4.64 -15.38
CA HIS C 112 5.18 3.20 -15.29
C HIS C 112 5.00 2.64 -16.72
N SER C 113 5.99 1.93 -17.19
CA SER C 113 5.92 1.45 -18.54
C SER C 113 5.87 -0.07 -18.47
N VAL C 114 4.77 -0.68 -18.91
CA VAL C 114 4.79 -2.15 -18.96
C VAL C 114 5.51 -2.72 -20.13
N THR C 115 5.75 -1.95 -21.17
CA THR C 115 6.51 -2.48 -22.30
C THR C 115 8.03 -2.31 -22.11
N ALA C 116 8.44 -1.27 -21.40
CA ALA C 116 9.89 -0.98 -21.32
C ALA C 116 10.80 -2.12 -20.85
N PRO C 117 10.39 -3.04 -19.98
CA PRO C 117 11.28 -4.18 -19.60
C PRO C 117 11.67 -5.12 -20.73
N ALA C 118 10.96 -5.15 -21.84
CA ALA C 118 11.35 -6.07 -22.90
C ALA C 118 12.09 -5.34 -24.05
N CYS C 119 12.21 -4.02 -23.93
CA CYS C 119 12.83 -3.25 -24.96
C CYS C 119 14.33 -3.25 -24.72
N ARG C 120 15.09 -3.01 -25.78
CA ARG C 120 16.52 -2.70 -25.72
C ARG C 120 16.78 -1.53 -24.85
N GLY C 121 16.02 -0.46 -25.10
CA GLY C 121 16.02 0.69 -24.21
C GLY C 121 14.92 1.67 -24.54
N ILE C 122 15.01 2.82 -23.88
CA ILE C 122 13.94 3.79 -23.87
C ILE C 122 14.56 5.17 -24.04
N VAL C 123 14.01 5.95 -24.97
CA VAL C 123 14.30 7.32 -25.00
C VAL C 123 13.04 8.19 -24.91
N SER C 124 13.10 9.13 -24.01
CA SER C 124 11.98 10.06 -23.92
C SER C 124 12.18 11.46 -23.39
N GLY C 125 11.37 12.36 -23.97
CA GLY C 125 11.33 13.73 -23.53
C GLY C 125 11.86 14.69 -24.58
N PHE C 126 12.34 14.17 -25.71
CA PHE C 126 13.05 15.01 -26.68
C PHE C 126 12.24 15.49 -27.83
N GLY C 127 10.89 15.43 -27.73
CA GLY C 127 9.97 15.72 -28.83
C GLY C 127 10.25 14.73 -29.96
N PRO C 128 10.06 15.17 -31.19
CA PRO C 128 10.46 14.42 -32.41
C PRO C 128 11.86 13.80 -32.41
N LEU C 129 12.81 14.49 -31.76
CA LEU C 129 14.20 14.01 -31.69
C LEU C 129 14.39 12.69 -30.94
N SER C 130 13.40 12.29 -30.10
CA SER C 130 13.47 10.92 -29.52
C SER C 130 13.58 9.85 -30.62
N TYR C 131 12.86 10.05 -31.71
CA TYR C 131 12.82 9.09 -32.77
C TYR C 131 14.19 9.03 -33.45
N LYS C 132 14.81 10.20 -33.55
CA LYS C 132 16.05 10.32 -34.23
C LYS C 132 17.08 9.66 -33.40
N LEU C 133 17.11 9.86 -32.09
CA LEU C 133 18.05 9.16 -31.28
C LEU C 133 18.02 7.63 -31.41
N ALA C 134 16.82 7.09 -31.51
CA ALA C 134 16.60 5.66 -31.71
C ALA C 134 17.16 5.18 -33.01
N LEU C 135 16.94 5.95 -34.07
CA LEU C 135 17.52 5.64 -35.36
C LEU C 135 19.06 5.67 -35.33
N VAL C 136 19.70 6.60 -34.58
CA VAL C 136 21.19 6.60 -34.50
C VAL C 136 21.76 5.41 -33.73
N TYR C 137 21.02 4.90 -32.75
CA TYR C 137 21.44 3.69 -32.04
C TYR C 137 21.29 2.47 -32.92
N LEU C 138 20.14 2.38 -33.59
CA LEU C 138 19.84 1.28 -34.53
C LEU C 138 20.88 1.20 -35.68
N ALA C 139 21.25 2.36 -36.23
CA ALA C 139 22.25 2.39 -37.32
C ALA C 139 23.58 1.78 -36.85
N GLU C 140 24.09 2.18 -35.70
CA GLU C 140 25.34 1.61 -35.15
C GLU C 140 25.33 0.09 -34.82
N THR C 141 24.17 -0.46 -34.51
CA THR C 141 24.05 -1.81 -33.98
C THR C 141 23.53 -2.75 -35.07
N LEU C 142 23.84 -3.91 -34.92
N MET D 1 -22.16 5.30 39.94
CA MET D 1 -23.04 5.63 38.82
C MET D 1 -22.35 5.56 37.45
N VAL D 2 -22.99 4.88 36.49
CA VAL D 2 -22.43 4.78 35.14
C VAL D 2 -23.23 5.52 33.99
N LEU D 3 -22.46 6.14 33.11
CA LEU D 3 -22.91 6.90 31.93
C LEU D 3 -22.71 6.12 30.62
N ILE D 4 -23.79 5.91 29.91
CA ILE D 4 -23.83 5.18 28.70
C ILE D 4 -24.10 6.20 27.63
N LEU D 5 -23.16 6.35 26.73
CA LEU D 5 -23.17 7.37 25.70
C LEU D 5 -23.20 6.78 24.32
N ASN D 6 -24.04 7.33 23.44
CA ASN D 6 -24.36 6.76 22.17
C ASN D 6 -24.18 7.84 21.12
N GLY D 7 -23.52 7.46 20.01
CA GLY D 7 -23.21 8.37 18.94
C GLY D 7 -24.30 8.37 17.88
N PRO D 8 -23.96 8.95 16.73
CA PRO D 8 -24.91 9.18 15.64
C PRO D 8 -25.66 7.99 15.17
N ASN D 9 -26.92 8.20 14.76
CA ASN D 9 -27.81 7.21 14.14
C ASN D 9 -28.38 6.14 15.02
N LEU D 10 -27.86 6.02 16.24
CA LEU D 10 -28.47 5.05 17.16
C LEU D 10 -29.88 5.45 17.61
N ASN D 11 -30.25 6.72 17.49
CA ASN D 11 -31.64 7.15 17.78
C ASN D 11 -32.58 6.49 16.81
N LEU D 12 -32.13 6.03 15.63
CA LEU D 12 -33.03 5.38 14.65
C LEU D 12 -33.10 3.85 14.78
N LEU D 13 -32.48 3.31 15.82
CA LEU D 13 -32.71 1.93 16.10
C LEU D 13 -34.22 1.59 16.10
N GLY D 14 -34.57 0.50 15.42
CA GLY D 14 -35.94 0.03 15.29
C GLY D 14 -36.24 -0.21 13.83
N ARG D 15 -36.23 0.87 13.07
CA ARG D 15 -36.48 0.85 11.63
C ARG D 15 -35.24 0.64 10.70
N ARG D 16 -34.02 0.78 11.24
CA ARG D 16 -32.82 0.62 10.38
C ARG D 16 -32.38 -0.86 10.22
N GLU D 17 -32.84 -1.51 9.15
CA GLU D 17 -32.69 -2.95 8.90
C GLU D 17 -33.72 -3.92 9.56
N PRO D 18 -33.70 -5.24 9.28
CA PRO D 18 -34.07 -6.26 10.29
C PRO D 18 -32.88 -7.13 10.71
N GLU D 19 -32.11 -7.65 9.75
CA GLU D 19 -31.04 -8.61 10.06
C GLU D 19 -29.65 -7.94 10.24
N VAL D 20 -29.46 -6.69 9.77
CA VAL D 20 -28.31 -5.90 10.27
C VAL D 20 -28.50 -5.45 11.72
N TYR D 21 -29.43 -4.54 12.01
CA TYR D 21 -29.62 -4.11 13.42
C TYR D 21 -30.75 -4.76 14.22
N GLY D 22 -31.79 -5.30 13.62
CA GLY D 22 -32.82 -5.86 14.49
C GLY D 22 -33.72 -4.78 15.09
N ARG D 23 -34.62 -5.19 15.98
CA ARG D 23 -35.91 -4.50 16.17
C ARG D 23 -36.02 -3.65 17.44
N THR D 24 -35.10 -3.78 18.37
CA THR D 24 -35.20 -2.93 19.49
C THR D 24 -34.80 -1.44 19.22
N THR D 25 -35.58 -0.52 19.83
CA THR D 25 -35.46 0.92 19.73
C THR D 25 -34.51 1.48 20.82
N LEU D 26 -34.06 2.69 20.60
CA LEU D 26 -33.16 3.33 21.51
C LEU D 26 -33.80 3.41 22.87
N GLU D 27 -35.04 3.91 22.92
CA GLU D 27 -35.93 3.84 24.08
C GLU D 27 -35.90 2.51 24.80
N GLU D 28 -36.16 1.43 24.06
CA GLU D 28 -36.23 0.11 24.71
C GLU D 28 -34.85 -0.28 25.22
N LEU D 29 -33.79 0.07 24.49
CA LEU D 29 -32.39 -0.14 24.90
C LEU D 29 -32.05 0.55 26.21
N GLU D 30 -32.46 1.79 26.40
CA GLU D 30 -32.22 2.42 27.68
C GLU D 30 -33.02 1.82 28.84
N ALA D 31 -34.24 1.37 28.60
CA ALA D 31 -34.94 0.60 29.65
C ALA D 31 -34.15 -0.67 30.01
N LEU D 32 -33.76 -1.48 29.02
CA LEU D 32 -32.97 -2.71 29.27
C LEU D 32 -31.73 -2.40 30.07
N CYS D 33 -31.01 -1.33 29.69
CA CYS D 33 -29.83 -0.92 30.42
C CYS D 33 -30.11 -0.44 31.88
N GLU D 34 -31.19 0.36 32.07
CA GLU D 34 -31.83 0.73 33.41
C GLU D 34 -31.98 -0.53 34.28
N ALA D 35 -32.64 -1.56 33.75
CA ALA D 35 -32.85 -2.78 34.52
C ALA D 35 -31.57 -3.59 34.74
N TRP D 36 -30.73 -3.69 33.71
CA TRP D 36 -29.49 -4.48 33.88
C TRP D 36 -28.61 -3.85 34.94
N GLY D 37 -28.65 -2.50 34.98
CA GLY D 37 -27.96 -1.72 36.00
C GLY D 37 -28.39 -2.16 37.40
N ALA D 38 -29.70 -2.06 37.65
CA ALA D 38 -30.25 -2.23 39.00
C ALA D 38 -30.15 -3.65 39.57
N GLU D 39 -30.40 -4.68 38.75
CA GLU D 39 -30.29 -6.05 39.30
C GLU D 39 -28.89 -6.16 39.87
N LEU D 40 -28.04 -5.37 39.26
CA LEU D 40 -26.62 -5.31 39.55
C LEU D 40 -26.03 -4.19 40.49
N GLY D 41 -26.86 -3.26 41.00
CA GLY D 41 -26.43 -2.30 42.01
C GLY D 41 -25.79 -1.02 41.44
N LEU D 42 -26.16 -0.70 40.21
CA LEU D 42 -25.52 0.34 39.43
C LEU D 42 -26.58 1.30 38.90
N GLY D 43 -26.40 2.58 39.27
CA GLY D 43 -27.23 3.63 38.69
C GLY D 43 -26.71 3.87 37.29
N VAL D 44 -27.59 4.14 36.34
CA VAL D 44 -27.16 4.36 34.97
C VAL D 44 -27.83 5.60 34.45
N VAL D 45 -27.13 6.38 33.63
CA VAL D 45 -27.87 7.34 32.80
C VAL D 45 -27.39 7.17 31.35
N PHE D 46 -28.33 7.41 30.47
CA PHE D 46 -28.27 7.00 29.07
C PHE D 46 -28.50 8.26 28.23
N ARG D 47 -27.53 8.60 27.39
CA ARG D 47 -27.57 9.71 26.44
C ARG D 47 -27.19 9.22 25.03
N GLN D 48 -27.85 9.81 24.04
CA GLN D 48 -27.52 9.71 22.61
C GLN D 48 -27.36 11.11 21.97
N THR D 49 -26.40 11.29 21.04
CA THR D 49 -26.30 12.50 20.21
C THR D 49 -25.79 12.19 18.75
N ASN D 50 -26.11 13.11 17.86
CA ASN D 50 -25.64 13.08 16.48
C ASN D 50 -24.44 13.94 16.22
N TYR D 51 -23.98 14.63 17.26
CA TYR D 51 -22.85 15.56 17.12
C TYR D 51 -21.63 15.02 17.83
N GLU D 52 -20.54 15.05 17.08
CA GLU D 52 -19.27 14.64 17.58
C GLU D 52 -18.90 15.54 18.78
N GLY D 53 -18.91 16.88 18.59
CA GLY D 53 -18.80 17.84 19.68
C GLY D 53 -19.48 17.48 21.00
N GLN D 54 -20.76 17.09 20.94
CA GLN D 54 -21.55 16.79 22.11
C GLN D 54 -21.14 15.45 22.75
N LEU D 55 -20.75 14.44 21.96
CA LEU D 55 -20.18 13.22 22.54
C LEU D 55 -18.89 13.53 23.24
N ILE D 56 -18.04 14.30 22.55
CA ILE D 56 -16.87 14.77 23.13
C ILE D 56 -17.11 15.50 24.49
N GLU D 57 -18.02 16.47 24.53
CA GLU D 57 -18.27 17.16 25.78
C GLU D 57 -18.78 16.17 26.84
N TRP D 58 -19.65 15.25 26.47
CA TRP D 58 -20.15 14.38 27.47
C TRP D 58 -19.01 13.55 28.05
N VAL D 59 -18.07 13.10 27.22
CA VAL D 59 -17.12 12.20 27.78
C VAL D 59 -16.20 13.00 28.72
N GLN D 60 -15.86 14.22 28.29
CA GLN D 60 -14.89 15.08 28.99
C GLN D 60 -15.37 15.41 30.41
N GLN D 61 -16.67 15.49 30.60
CA GLN D 61 -17.32 16.03 31.77
C GLN D 61 -17.79 14.93 32.72
N ALA D 62 -17.89 13.70 32.23
CA ALA D 62 -18.54 12.63 32.97
C ALA D 62 -18.10 12.59 34.47
N HIS D 63 -16.80 12.64 34.67
CA HIS D 63 -16.24 12.58 36.01
C HIS D 63 -16.70 13.74 36.97
N GLN D 64 -16.73 14.96 36.45
CA GLN D 64 -17.25 16.10 37.17
C GLN D 64 -18.71 15.93 37.59
N GLU D 65 -19.53 15.22 36.80
CA GLU D 65 -20.95 15.01 37.17
C GLU D 65 -21.10 13.90 38.19
N GLY D 66 -20.05 13.14 38.43
CA GLY D 66 -20.00 12.15 39.50
C GLY D 66 -19.88 10.69 39.05
N PHE D 67 -19.93 10.49 37.71
CA PHE D 67 -19.87 9.18 37.13
C PHE D 67 -18.56 8.52 37.44
N LEU D 68 -18.56 7.20 37.56
CA LEU D 68 -17.33 6.41 37.76
C LEU D 68 -16.90 5.64 36.57
N ALA D 69 -17.73 5.63 35.54
CA ALA D 69 -17.39 4.88 34.32
C ALA D 69 -18.34 5.19 33.15
N ILE D 70 -17.85 4.88 31.94
CA ILE D 70 -18.55 5.20 30.69
C ILE D 70 -18.59 3.99 29.77
N VAL D 71 -19.80 3.60 29.39
CA VAL D 71 -20.00 2.71 28.32
C VAL D 71 -20.27 3.58 27.09
N LEU D 72 -19.52 3.35 26.03
CA LEU D 72 -19.54 4.24 24.88
C LEU D 72 -19.77 3.49 23.59
N ASN D 73 -20.80 3.82 22.83
CA ASN D 73 -20.93 3.28 21.46
C ASN D 73 -20.91 4.46 20.53
N PRO D 74 -19.75 4.76 19.99
CA PRO D 74 -19.61 5.97 19.17
C PRO D 74 -20.29 5.93 17.82
N GLY D 75 -20.92 4.83 17.37
CA GLY D 75 -21.58 4.81 16.06
C GLY D 75 -20.46 4.85 15.03
N ALA D 76 -20.73 5.38 13.87
CA ALA D 76 -19.68 5.32 12.81
C ALA D 76 -18.44 6.22 13.17
N LEU D 77 -18.54 7.04 14.24
CA LEU D 77 -17.43 7.88 14.66
C LEU D 77 -16.26 7.05 15.14
N THR D 78 -16.51 5.77 15.42
CA THR D 78 -15.47 4.89 15.87
C THR D 78 -14.43 4.71 14.83
N HIS D 79 -14.81 4.82 13.56
CA HIS D 79 -13.82 4.57 12.54
C HIS D 79 -12.99 5.83 12.17
N TYR D 80 -13.23 7.04 12.70
CA TYR D 80 -12.50 8.22 12.25
C TYR D 80 -12.28 9.35 13.23
N SER D 81 -13.03 9.46 14.33
CA SER D 81 -12.94 10.61 15.20
C SER D 81 -11.81 10.46 16.16
N TYR D 82 -10.64 10.93 15.75
CA TYR D 82 -9.52 10.94 16.60
C TYR D 82 -9.77 12.00 17.71
N ALA D 83 -10.68 12.97 17.51
CA ALA D 83 -11.09 13.90 18.57
C ALA D 83 -11.79 13.23 19.71
N LEU D 84 -12.58 12.20 19.40
CA LEU D 84 -13.17 11.36 20.45
C LEU D 84 -12.15 10.56 21.24
N LEU D 85 -11.18 10.07 20.54
CA LEU D 85 -10.10 9.37 21.14
C LEU D 85 -9.43 10.24 22.12
N ASP D 86 -9.07 11.45 21.70
CA ASP D 86 -8.34 12.35 22.59
C ASP D 86 -9.19 12.68 23.83
N ALA D 87 -10.50 12.76 23.66
CA ALA D 87 -11.37 13.08 24.76
C ALA D 87 -11.33 11.95 25.76
N ILE D 88 -11.40 10.69 25.30
CA ILE D 88 -11.39 9.60 26.26
C ILE D 88 -10.01 9.58 27.07
N ARG D 89 -8.92 9.86 26.37
CA ARG D 89 -7.54 9.93 26.92
C ARG D 89 -7.33 11.09 27.89
N ALA D 90 -7.98 12.23 27.65
CA ALA D 90 -7.84 13.42 28.48
C ALA D 90 -8.69 13.37 29.79
N GLN D 91 -9.45 12.31 30.02
CA GLN D 91 -10.30 12.21 31.23
C GLN D 91 -9.95 10.91 32.01
N PRO D 92 -10.27 10.84 33.31
CA PRO D 92 -9.75 9.77 34.18
C PRO D 92 -10.68 8.52 34.26
N LEU D 93 -11.93 8.56 33.80
CA LEU D 93 -12.78 7.39 33.99
C LEU D 93 -12.41 6.23 33.06
N PRO D 94 -12.65 4.98 33.52
CA PRO D 94 -12.57 3.85 32.61
C PRO D 94 -13.70 3.95 31.56
N VAL D 95 -13.37 3.61 30.33
CA VAL D 95 -14.36 3.61 29.22
C VAL D 95 -14.48 2.25 28.57
N VAL D 96 -15.66 1.69 28.43
CA VAL D 96 -15.82 0.49 27.66
C VAL D 96 -16.51 0.79 26.34
N GLU D 97 -15.88 0.39 25.24
CA GLU D 97 -16.47 0.56 23.89
C GLU D 97 -17.39 -0.59 23.56
N VAL D 98 -18.55 -0.28 23.06
CA VAL D 98 -19.60 -1.27 22.80
C VAL D 98 -20.15 -1.08 21.36
N HIS D 99 -20.46 -2.16 20.67
CA HIS D 99 -21.15 -2.13 19.42
C HIS D 99 -22.13 -3.27 19.40
N LEU D 100 -23.28 -3.03 18.76
CA LEU D 100 -24.36 -3.98 18.66
C LEU D 100 -23.98 -5.07 17.66
N THR D 101 -23.39 -4.66 16.54
CA THR D 101 -23.06 -5.59 15.50
C THR D 101 -21.60 -5.90 15.58
N ASN D 102 -21.23 -6.95 14.86
CA ASN D 102 -19.89 -7.48 14.79
C ASN D 102 -19.17 -6.73 13.69
N LEU D 103 -18.28 -5.86 14.09
CA LEU D 103 -17.66 -4.94 13.15
C LEU D 103 -16.75 -5.67 12.12
N HIS D 104 -16.35 -6.91 12.43
CA HIS D 104 -15.49 -7.69 11.57
C HIS D 104 -16.23 -8.44 10.48
N ALA D 105 -17.55 -8.42 10.50
CA ALA D 105 -18.37 -9.10 9.51
C ALA D 105 -19.13 -8.15 8.56
N ARG D 106 -18.62 -6.94 8.37
CA ARG D 106 -19.31 -5.88 7.58
C ARG D 106 -18.29 -5.21 6.66
N GLU D 107 -18.43 -3.92 6.32
CA GLU D 107 -17.51 -3.34 5.35
C GLU D 107 -16.06 -3.30 5.94
N GLU D 108 -15.06 -3.28 5.08
CA GLU D 108 -13.68 -3.26 5.56
C GLU D 108 -13.37 -2.08 6.49
N PHE D 109 -13.91 -0.89 6.21
CA PHE D 109 -13.72 0.27 7.06
C PHE D 109 -14.22 0.15 8.47
N ARG D 110 -15.29 -0.63 8.72
CA ARG D 110 -15.77 -0.79 10.08
C ARG D 110 -14.87 -1.57 11.00
N ARG D 111 -13.87 -2.26 10.45
CA ARG D 111 -13.02 -3.11 11.24
C ARG D 111 -11.97 -2.25 11.96
N HIS D 112 -11.76 -0.97 11.64
CA HIS D 112 -10.75 -0.24 12.34
C HIS D 112 -11.44 0.65 13.33
N SER D 113 -11.06 0.51 14.62
CA SER D 113 -11.50 1.42 15.64
C SER D 113 -10.48 2.40 16.16
N VAL D 114 -10.66 3.71 15.87
CA VAL D 114 -9.74 4.68 16.46
C VAL D 114 -9.92 5.00 17.95
N THR D 115 -11.06 4.69 18.55
CA THR D 115 -11.26 4.88 19.96
C THR D 115 -10.84 3.72 20.79
N ALA D 116 -10.86 2.49 20.27
CA ALA D 116 -10.58 1.28 21.07
C ALA D 116 -9.24 1.30 21.82
N PRO D 117 -8.13 1.75 21.23
CA PRO D 117 -6.85 1.73 21.95
C PRO D 117 -6.83 2.44 23.37
N ALA D 118 -7.82 3.29 23.65
CA ALA D 118 -7.86 4.04 24.90
C ALA D 118 -9.00 3.55 25.77
N CYS D 119 -9.75 2.62 25.28
CA CYS D 119 -10.80 2.04 26.12
C CYS D 119 -10.23 0.88 26.97
N ARG D 120 -10.80 0.52 28.09
CA ARG D 120 -10.40 -0.72 28.79
C ARG D 120 -10.59 -1.92 27.94
N GLY D 121 -11.67 -1.95 27.19
CA GLY D 121 -11.86 -2.94 26.18
C GLY D 121 -13.01 -2.68 25.27
N ILE D 122 -13.32 -3.72 24.51
CA ILE D 122 -14.34 -3.66 23.53
C ILE D 122 -15.22 -4.86 23.54
N VAL D 123 -16.53 -4.64 23.39
CA VAL D 123 -17.49 -5.64 23.16
C VAL D 123 -18.36 -5.40 21.95
N SER D 124 -18.32 -6.37 21.06
CA SER D 124 -18.95 -6.13 19.83
C SER D 124 -19.63 -7.36 19.21
N GLY D 125 -20.89 -7.18 18.77
CA GLY D 125 -21.64 -8.23 18.12
C GLY D 125 -22.88 -8.83 18.75
N PHE D 126 -23.13 -8.51 19.99
CA PHE D 126 -24.14 -9.17 20.78
C PHE D 126 -25.51 -8.47 20.87
N GLY D 127 -25.83 -7.58 19.89
CA GLY D 127 -26.98 -6.67 19.93
C GLY D 127 -27.07 -5.86 21.22
N PRO D 128 -28.30 -5.64 21.75
CA PRO D 128 -28.40 -4.96 23.05
C PRO D 128 -27.53 -5.60 24.14
N LEU D 129 -27.26 -6.92 24.08
CA LEU D 129 -26.43 -7.59 25.13
C LEU D 129 -24.96 -7.12 25.22
N SER D 130 -24.46 -6.43 24.19
CA SER D 130 -23.16 -5.75 24.28
C SER D 130 -23.13 -4.79 25.46
N TYR D 131 -24.26 -4.17 25.70
CA TYR D 131 -24.31 -3.12 26.69
C TYR D 131 -24.32 -3.81 28.08
N LYS D 132 -25.07 -4.90 28.17
CA LYS D 132 -25.22 -5.77 29.39
C LYS D 132 -23.85 -6.27 29.79
N LEU D 133 -23.13 -6.82 28.85
CA LEU D 133 -21.81 -7.30 29.15
C LEU D 133 -20.89 -6.21 29.64
N ALA D 134 -21.03 -4.97 29.11
CA ALA D 134 -20.23 -3.88 29.63
C ALA D 134 -20.56 -3.58 31.08
N LEU D 135 -21.86 -3.51 31.35
CA LEU D 135 -22.23 -3.29 32.71
C LEU D 135 -21.73 -4.44 33.58
N VAL D 136 -21.78 -5.71 33.13
CA VAL D 136 -21.29 -6.73 34.06
C VAL D 136 -19.83 -6.56 34.38
N TYR D 137 -19.03 -6.14 33.41
CA TYR D 137 -17.62 -5.84 33.62
C TYR D 137 -17.43 -4.73 34.67
N LEU D 138 -18.23 -3.69 34.55
CA LEU D 138 -18.02 -2.47 35.32
C LEU D 138 -18.45 -2.67 36.79
N ALA D 139 -19.44 -3.50 37.01
CA ALA D 139 -19.96 -3.78 38.36
C ALA D 139 -18.91 -4.58 39.12
N GLU D 140 -18.19 -5.44 38.40
CA GLU D 140 -17.04 -6.11 38.98
C GLU D 140 -15.87 -5.20 39.33
N THR D 141 -15.56 -4.22 38.50
CA THR D 141 -14.37 -3.39 38.66
C THR D 141 -14.59 -2.20 39.55
N LEU D 142 -13.63 -1.88 40.18
N MET E 1 -42.56 16.60 -1.93
CA MET E 1 -41.55 17.70 -1.97
C MET E 1 -40.12 17.08 -1.88
N VAL E 2 -39.12 17.85 -2.29
CA VAL E 2 -37.78 17.41 -2.03
C VAL E 2 -36.93 18.34 -1.17
N LEU E 3 -36.03 17.71 -0.42
CA LEU E 3 -35.15 18.36 0.47
C LEU E 3 -33.78 18.37 -0.15
N ILE E 4 -33.26 19.59 -0.27
CA ILE E 4 -31.92 19.91 -0.78
C ILE E 4 -31.01 20.38 0.38
N LEU E 5 -30.01 19.58 0.72
CA LEU E 5 -29.16 19.74 1.92
C LEU E 5 -27.72 19.96 1.47
N ASN E 6 -27.09 20.98 2.04
CA ASN E 6 -25.79 21.40 1.70
C ASN E 6 -24.87 21.46 2.98
N GLY E 7 -23.65 21.01 2.76
CA GLY E 7 -22.75 20.77 3.83
C GLY E 7 -21.89 21.96 3.99
N PRO E 8 -20.84 21.75 4.79
CA PRO E 8 -19.89 22.82 5.13
C PRO E 8 -19.32 23.63 3.96
N ASN E 9 -19.10 24.91 4.24
CA ASN E 9 -18.52 25.79 3.30
C ASN E 9 -19.32 26.23 2.07
N LEU E 10 -20.50 25.69 1.84
CA LEU E 10 -21.20 25.99 0.62
C LEU E 10 -21.92 27.34 0.81
N ASN E 11 -22.07 27.75 2.10
CA ASN E 11 -22.48 29.17 2.45
C ASN E 11 -21.54 30.27 1.90
N LEU E 12 -20.30 29.89 1.58
CA LEU E 12 -19.37 30.85 1.05
C LEU E 12 -19.20 30.87 -0.45
N LEU E 13 -20.02 30.14 -1.18
CA LEU E 13 -20.02 30.16 -2.64
C LEU E 13 -20.18 31.59 -3.17
N GLY E 14 -19.46 31.93 -4.21
CA GLY E 14 -19.50 33.26 -4.78
C GLY E 14 -18.16 33.90 -4.50
N ARG E 15 -17.87 34.17 -3.24
CA ARG E 15 -16.59 34.74 -2.88
C ARG E 15 -15.42 33.68 -2.88
N ARG E 16 -15.73 32.40 -2.68
CA ARG E 16 -14.70 31.32 -2.67
C ARG E 16 -14.32 30.74 -4.10
N GLU E 17 -13.15 31.13 -4.65
CA GLU E 17 -12.67 30.91 -6.08
C GLU E 17 -13.35 31.70 -7.29
N PRO E 18 -12.74 31.76 -8.49
CA PRO E 18 -13.51 32.19 -9.67
C PRO E 18 -13.77 31.02 -10.60
N GLU E 19 -12.76 30.16 -10.78
CA GLU E 19 -12.77 29.09 -11.79
C GLU E 19 -13.17 27.75 -11.18
N VAL E 20 -12.49 27.32 -10.09
CA VAL E 20 -12.98 26.13 -9.33
C VAL E 20 -14.50 26.15 -9.15
N TYR E 21 -15.04 27.13 -8.42
CA TYR E 21 -16.48 27.13 -8.10
C TYR E 21 -17.44 27.88 -9.08
N GLY E 22 -17.11 29.15 -9.33
CA GLY E 22 -18.00 30.04 -10.05
C GLY E 22 -18.38 31.26 -9.19
N ARG E 23 -19.17 32.15 -9.75
CA ARG E 23 -19.57 33.32 -9.01
C ARG E 23 -20.93 33.16 -8.38
N THR E 24 -21.67 32.11 -8.72
CA THR E 24 -22.99 32.05 -8.22
C THR E 24 -23.02 31.75 -6.71
N THR E 25 -23.76 32.57 -5.93
CA THR E 25 -23.78 32.46 -4.47
C THR E 25 -24.81 31.38 -4.02
N LEU E 26 -24.80 31.10 -2.72
CA LEU E 26 -25.76 30.20 -2.12
C LEU E 26 -27.16 30.70 -2.18
N GLU E 27 -27.42 31.93 -1.78
CA GLU E 27 -28.71 32.59 -2.08
C GLU E 27 -29.12 32.33 -3.57
N GLU E 28 -28.28 32.57 -4.57
CA GLU E 28 -28.71 32.42 -6.01
C GLU E 28 -28.89 30.96 -6.40
N LEU E 29 -28.04 30.03 -5.89
CA LEU E 29 -28.33 28.62 -6.11
C LEU E 29 -29.72 28.27 -5.56
N GLU E 30 -30.09 28.70 -4.34
CA GLU E 30 -31.44 28.34 -3.90
C GLU E 30 -32.56 28.88 -4.77
N ALA E 31 -32.45 30.14 -5.15
CA ALA E 31 -33.46 30.73 -6.10
C ALA E 31 -33.47 29.96 -7.43
N LEU E 32 -32.31 29.58 -7.91
CA LEU E 32 -32.26 28.74 -9.11
C LEU E 32 -32.96 27.40 -8.85
N CYS E 33 -32.73 26.74 -7.71
CA CYS E 33 -33.42 25.46 -7.47
C CYS E 33 -34.98 25.61 -7.27
N GLU E 34 -35.43 26.75 -6.73
CA GLU E 34 -36.83 26.92 -6.45
C GLU E 34 -37.46 26.93 -7.83
N ALA E 35 -36.84 27.63 -8.80
CA ALA E 35 -37.44 27.87 -10.17
C ALA E 35 -37.29 26.63 -11.02
N TRP E 36 -36.16 25.99 -10.95
CA TRP E 36 -36.09 24.65 -11.57
C TRP E 36 -37.12 23.65 -11.11
N GLY E 37 -37.34 23.70 -9.81
CA GLY E 37 -38.29 22.80 -9.16
C GLY E 37 -39.68 23.06 -9.70
N ALA E 38 -40.03 24.34 -9.73
CA ALA E 38 -41.41 24.87 -9.82
C ALA E 38 -41.99 24.60 -11.12
N GLU E 39 -41.24 24.90 -12.15
CA GLU E 39 -41.93 25.05 -13.41
C GLU E 39 -42.70 23.74 -13.29
N LEU E 40 -41.98 22.86 -12.57
CA LEU E 40 -41.79 21.45 -13.00
C LEU E 40 -42.33 20.47 -12.02
N GLY E 41 -43.15 20.94 -11.10
CA GLY E 41 -44.00 20.08 -10.30
C GLY E 41 -43.32 19.49 -9.13
N LEU E 42 -42.13 19.97 -8.80
CA LEU E 42 -41.43 19.63 -7.58
C LEU E 42 -41.25 20.85 -6.68
N GLY E 43 -41.85 20.82 -5.50
CA GLY E 43 -41.49 21.70 -4.43
C GLY E 43 -40.11 21.37 -3.90
N VAL E 44 -39.34 22.38 -3.50
CA VAL E 44 -38.10 22.10 -2.86
C VAL E 44 -37.98 22.95 -1.59
N VAL E 45 -37.37 22.41 -0.54
CA VAL E 45 -36.76 23.22 0.51
C VAL E 45 -35.23 23.04 0.61
N PHE E 46 -34.53 24.13 0.93
CA PHE E 46 -33.13 24.27 0.69
C PHE E 46 -32.52 24.70 1.99
N ARG E 47 -31.54 23.92 2.45
CA ARG E 47 -30.88 24.11 3.75
C ARG E 47 -29.32 23.98 3.58
N GLN E 48 -28.57 24.74 4.37
CA GLN E 48 -27.15 24.57 4.44
C GLN E 48 -26.75 24.60 5.90
N THR E 49 -25.73 23.79 6.25
CA THR E 49 -25.09 23.81 7.59
C THR E 49 -23.56 23.43 7.55
N ASN E 50 -22.84 23.96 8.52
CA ASN E 50 -21.43 23.65 8.67
C ASN E 50 -21.17 22.47 9.65
N TYR E 51 -22.23 21.90 10.21
CA TYR E 51 -22.14 20.88 11.23
C TYR E 51 -22.58 19.56 10.74
N GLU E 52 -21.70 18.56 10.85
CA GLU E 52 -21.99 17.17 10.52
C GLU E 52 -23.25 16.67 11.16
N GLY E 53 -23.36 16.89 12.49
CA GLY E 53 -24.55 16.53 13.26
C GLY E 53 -25.88 17.11 12.79
N GLN E 54 -25.84 18.36 12.42
CA GLN E 54 -27.03 19.00 11.84
C GLN E 54 -27.43 18.37 10.49
N LEU E 55 -26.45 18.08 9.61
CA LEU E 55 -26.71 17.38 8.36
C LEU E 55 -27.30 16.03 8.53
N ILE E 56 -26.70 15.28 9.44
CA ILE E 56 -27.25 13.96 9.84
C ILE E 56 -28.71 14.05 10.35
N GLU E 57 -28.96 14.98 11.25
CA GLU E 57 -30.31 15.11 11.79
C GLU E 57 -31.32 15.39 10.68
N TRP E 58 -31.01 16.34 9.82
CA TRP E 58 -31.85 16.61 8.60
C TRP E 58 -32.04 15.43 7.66
N VAL E 59 -31.03 14.60 7.42
CA VAL E 59 -31.31 13.40 6.66
C VAL E 59 -32.19 12.37 7.36
N GLN E 60 -31.92 12.15 8.64
CA GLN E 60 -32.75 11.28 9.48
C GLN E 60 -34.22 11.72 9.57
N GLN E 61 -34.51 12.97 9.42
CA GLN E 61 -35.82 13.43 9.72
C GLN E 61 -36.63 13.77 8.52
N ALA E 62 -35.99 13.80 7.34
CA ALA E 62 -36.72 14.24 6.17
C ALA E 62 -38.04 13.49 5.89
N HIS E 63 -38.07 12.20 6.09
CA HIS E 63 -39.27 11.41 5.76
C HIS E 63 -40.46 11.79 6.70
N GLN E 64 -40.16 12.05 7.97
CA GLN E 64 -41.17 12.32 8.99
C GLN E 64 -41.79 13.68 8.68
N GLU E 65 -41.01 14.62 8.09
CA GLU E 65 -41.50 15.96 7.66
C GLU E 65 -42.20 15.97 6.28
N GLY E 66 -42.50 14.81 5.70
CA GLY E 66 -43.20 14.78 4.45
C GLY E 66 -42.35 14.61 3.19
N PHE E 67 -41.05 14.98 3.21
CA PHE E 67 -40.21 14.93 1.96
C PHE E 67 -40.22 13.52 1.32
N LEU E 68 -40.09 13.41 0.00
CA LEU E 68 -40.02 12.13 -0.75
C LEU E 68 -38.58 11.84 -1.21
N ALA E 69 -37.67 12.80 -1.13
CA ALA E 69 -36.31 12.55 -1.50
C ALA E 69 -35.41 13.64 -1.03
N ILE E 70 -34.12 13.38 -1.14
CA ILE E 70 -33.08 14.26 -0.66
C ILE E 70 -32.13 14.45 -1.81
N VAL E 71 -31.76 15.71 -2.10
CA VAL E 71 -30.57 16.04 -2.89
C VAL E 71 -29.56 16.52 -1.95
N LEU E 72 -28.37 15.93 -2.02
CA LEU E 72 -27.35 16.16 -0.97
C LEU E 72 -25.95 16.43 -1.47
N ASN E 73 -25.46 17.62 -1.16
CA ASN E 73 -24.07 18.02 -1.26
C ASN E 73 -23.39 18.05 0.13
N PRO E 74 -22.73 16.97 0.53
CA PRO E 74 -22.03 17.02 1.81
C PRO E 74 -20.89 18.00 1.86
N GLY E 75 -20.40 18.64 0.80
CA GLY E 75 -19.21 19.49 0.97
C GLY E 75 -18.05 18.51 1.28
N ALA E 76 -17.01 18.89 2.01
CA ALA E 76 -15.88 18.03 2.18
C ALA E 76 -16.15 16.77 3.04
N LEU E 77 -17.27 16.75 3.77
CA LEU E 77 -17.67 15.59 4.56
C LEU E 77 -17.88 14.36 3.63
N THR E 78 -17.97 14.59 2.32
CA THR E 78 -18.21 13.46 1.43
C THR E 78 -17.03 12.49 1.44
N HIS E 79 -15.85 13.02 1.74
CA HIS E 79 -14.62 12.19 1.79
C HIS E 79 -14.27 11.56 3.15
N TYR E 80 -15.05 11.80 4.24
CA TYR E 80 -14.81 11.14 5.50
C TYR E 80 -15.96 10.91 6.45
N SER E 81 -17.15 11.48 6.24
CA SER E 81 -18.20 11.25 7.24
C SER E 81 -19.00 9.93 7.07
N TYR E 82 -18.50 8.85 7.64
CA TYR E 82 -19.22 7.62 7.69
C TYR E 82 -20.45 7.71 8.56
N ALA E 83 -20.43 8.64 9.52
CA ALA E 83 -21.66 9.01 10.21
C ALA E 83 -22.76 9.48 9.26
N LEU E 84 -22.39 10.32 8.34
CA LEU E 84 -23.36 10.71 7.30
C LEU E 84 -23.79 9.57 6.42
N LEU E 85 -22.81 8.71 6.02
CA LEU E 85 -23.15 7.48 5.26
C LEU E 85 -24.26 6.66 5.97
N ASP E 86 -24.04 6.36 7.25
CA ASP E 86 -25.01 5.60 8.05
C ASP E 86 -26.37 6.35 8.22
N ALA E 87 -26.34 7.65 8.32
CA ALA E 87 -27.60 8.42 8.34
C ALA E 87 -28.43 8.20 7.08
N ILE E 88 -27.80 8.29 5.90
CA ILE E 88 -28.59 8.10 4.74
C ILE E 88 -29.12 6.66 4.60
N ARG E 89 -28.28 5.70 4.96
CA ARG E 89 -28.75 4.28 5.02
C ARG E 89 -29.84 3.99 6.11
N ALA E 90 -29.82 4.72 7.24
CA ALA E 90 -30.85 4.54 8.24
C ALA E 90 -32.25 5.04 7.87
N GLN E 91 -32.45 5.68 6.71
CA GLN E 91 -33.77 6.26 6.40
C GLN E 91 -34.27 5.80 5.04
N PRO E 92 -35.59 5.88 4.78
CA PRO E 92 -36.18 5.28 3.58
C PRO E 92 -36.11 6.13 2.28
N LEU E 93 -35.80 7.43 2.34
CA LEU E 93 -35.81 8.17 1.07
C LEU E 93 -34.63 7.99 0.17
N PRO E 94 -34.90 8.01 -1.13
CA PRO E 94 -33.81 8.01 -2.12
C PRO E 94 -32.95 9.27 -1.99
N VAL E 95 -31.65 9.14 -2.07
CA VAL E 95 -30.76 10.29 -1.89
C VAL E 95 -29.92 10.44 -3.14
N VAL E 96 -29.90 11.65 -3.68
CA VAL E 96 -29.11 11.98 -4.80
C VAL E 96 -27.93 12.85 -4.35
N GLU E 97 -26.72 12.38 -4.64
CA GLU E 97 -25.46 13.09 -4.30
C GLU E 97 -25.04 13.95 -5.42
N VAL E 98 -24.63 15.14 -5.09
CA VAL E 98 -24.36 16.19 -6.06
C VAL E 98 -23.15 16.98 -5.64
N HIS E 99 -22.32 17.33 -6.61
CA HIS E 99 -21.17 18.21 -6.47
C HIS E 99 -21.10 19.21 -7.64
N LEU E 100 -20.84 20.47 -7.28
CA LEU E 100 -20.61 21.53 -8.21
C LEU E 100 -19.44 21.23 -9.18
N THR E 101 -18.32 20.80 -8.59
CA THR E 101 -17.07 20.50 -9.33
C THR E 101 -16.90 19.02 -9.65
N ASN E 102 -15.98 18.75 -10.58
CA ASN E 102 -15.63 17.39 -11.02
C ASN E 102 -14.62 16.95 -9.99
N LEU E 103 -15.06 16.09 -9.11
CA LEU E 103 -14.22 15.57 -8.05
C LEU E 103 -12.91 14.83 -8.53
N HIS E 104 -12.95 14.25 -9.74
CA HIS E 104 -11.85 13.49 -10.29
C HIS E 104 -10.74 14.33 -10.94
N ALA E 105 -10.89 15.66 -10.96
CA ALA E 105 -9.93 16.54 -11.55
C ALA E 105 -9.35 17.43 -10.47
N ARG E 106 -9.37 17.02 -9.21
CA ARG E 106 -8.78 17.87 -8.14
C ARG E 106 -7.87 16.96 -7.29
N GLU E 107 -7.67 17.25 -5.98
CA GLU E 107 -6.71 16.47 -5.18
C GLU E 107 -7.17 15.05 -5.11
N GLU E 108 -6.22 14.16 -4.95
CA GLU E 108 -6.59 12.77 -4.89
C GLU E 108 -7.66 12.46 -3.81
N PHE E 109 -7.65 13.15 -2.67
CA PHE E 109 -8.53 12.75 -1.58
C PHE E 109 -9.98 12.95 -1.95
N ARG E 110 -10.24 13.98 -2.77
CA ARG E 110 -11.60 14.27 -3.32
C ARG E 110 -12.23 13.23 -4.21
N ARG E 111 -11.45 12.28 -4.66
CA ARG E 111 -11.97 11.27 -5.59
C ARG E 111 -12.74 10.23 -4.84
N HIS E 112 -12.61 10.13 -3.51
CA HIS E 112 -13.31 9.05 -2.84
C HIS E 112 -14.51 9.62 -2.06
N SER E 113 -15.68 9.07 -2.30
CA SER E 113 -16.87 9.45 -1.64
C SER E 113 -17.27 8.33 -0.74
N VAL E 114 -17.38 8.63 0.55
CA VAL E 114 -17.99 7.64 1.45
C VAL E 114 -19.48 7.58 1.52
N THR E 115 -20.21 8.62 1.11
CA THR E 115 -21.70 8.61 1.13
C THR E 115 -22.23 7.95 -0.11
N ALA E 116 -21.43 8.03 -1.17
CA ALA E 116 -21.89 7.62 -2.54
C ALA E 116 -22.52 6.25 -2.66
N PRO E 117 -21.96 5.25 -2.00
CA PRO E 117 -22.54 3.90 -2.09
C PRO E 117 -23.95 3.78 -1.67
N ALA E 118 -24.41 4.62 -0.75
CA ALA E 118 -25.79 4.47 -0.28
C ALA E 118 -26.75 5.38 -1.02
N CYS E 119 -26.23 6.19 -1.93
CA CYS E 119 -27.03 7.10 -2.77
C CYS E 119 -27.63 6.41 -4.01
N ARG E 120 -28.74 6.92 -4.55
CA ARG E 120 -29.27 6.41 -5.79
C ARG E 120 -28.26 6.63 -6.92
N GLY E 121 -27.70 7.81 -7.00
CA GLY E 121 -26.63 8.05 -7.94
C GLY E 121 -25.95 9.30 -7.52
N ILE E 122 -25.03 9.73 -8.39
CA ILE E 122 -24.20 10.86 -8.16
C ILE E 122 -24.09 11.72 -9.43
N VAL E 123 -24.15 13.04 -9.26
CA VAL E 123 -23.92 13.97 -10.29
C VAL E 123 -22.92 15.03 -9.88
N SER E 124 -21.89 15.21 -10.73
CA SER E 124 -20.86 16.17 -10.39
C SER E 124 -20.12 16.78 -11.56
N GLY E 125 -19.72 18.02 -11.38
CA GLY E 125 -18.97 18.76 -12.37
C GLY E 125 -19.71 19.89 -13.05
N PHE E 126 -21.03 19.92 -13.00
CA PHE E 126 -21.78 20.84 -13.80
C PHE E 126 -22.17 22.19 -13.20
N GLY E 127 -21.44 22.67 -12.22
CA GLY E 127 -21.83 23.85 -11.44
C GLY E 127 -23.22 23.72 -10.87
N PRO E 128 -23.96 24.85 -10.74
CA PRO E 128 -25.34 24.85 -10.22
C PRO E 128 -26.21 23.82 -10.92
N LEU E 129 -25.88 23.58 -12.20
CA LEU E 129 -26.63 22.60 -12.99
C LEU E 129 -26.61 21.15 -12.45
N SER E 130 -25.59 20.77 -11.68
CA SER E 130 -25.62 19.44 -11.04
C SER E 130 -26.94 19.29 -10.25
N TYR E 131 -27.37 20.40 -9.65
CA TYR E 131 -28.59 20.40 -8.83
C TYR E 131 -29.81 20.23 -9.71
N LYS E 132 -29.80 20.92 -10.83
CA LYS E 132 -30.90 20.82 -11.78
C LYS E 132 -31.10 19.42 -12.26
N LEU E 133 -29.98 18.77 -12.55
CA LEU E 133 -30.00 17.43 -13.03
C LEU E 133 -30.56 16.47 -12.04
N ALA E 134 -30.25 16.68 -10.76
CA ALA E 134 -30.76 15.77 -9.76
C ALA E 134 -32.25 15.94 -9.69
N LEU E 135 -32.72 17.19 -9.80
CA LEU E 135 -34.15 17.43 -9.80
C LEU E 135 -34.86 16.78 -10.99
N VAL E 136 -34.33 16.91 -12.20
CA VAL E 136 -34.99 16.21 -13.33
C VAL E 136 -35.02 14.75 -13.11
N TYR E 137 -33.99 14.14 -12.52
CA TYR E 137 -34.12 12.70 -12.22
C TYR E 137 -35.34 12.44 -11.24
N LEU E 138 -35.32 13.18 -10.16
CA LEU E 138 -36.30 13.01 -9.09
C LEU E 138 -37.78 13.20 -9.58
N ALA E 139 -38.03 14.21 -10.40
CA ALA E 139 -39.38 14.50 -11.03
C ALA E 139 -39.86 13.33 -11.86
N GLU E 140 -38.95 12.73 -12.61
CA GLU E 140 -39.40 11.57 -13.35
C GLU E 140 -39.67 10.37 -12.40
N THR E 141 -38.98 10.24 -11.28
CA THR E 141 -39.14 9.09 -10.40
C THR E 141 -40.04 9.24 -9.17
N LEU E 142 -40.43 8.12 -8.88
N MET F 1 -6.09 43.15 14.54
CA MET F 1 -6.69 42.14 15.44
C MET F 1 -6.32 40.73 14.92
N VAL F 2 -5.84 39.79 15.76
CA VAL F 2 -5.80 38.35 15.35
C VAL F 2 -6.66 37.36 16.19
N LEU F 3 -7.20 36.32 15.53
CA LEU F 3 -8.05 35.30 16.16
C LEU F 3 -7.30 34.05 16.36
N ILE F 4 -7.26 33.58 17.59
CA ILE F 4 -6.59 32.39 17.97
C ILE F 4 -7.67 31.41 18.20
N LEU F 5 -7.73 30.36 17.37
CA LEU F 5 -8.71 29.30 17.48
C LEU F 5 -8.18 27.87 17.83
N ASN F 6 -8.90 27.24 18.76
CA ASN F 6 -8.54 25.98 19.34
C ASN F 6 -9.68 25.01 19.22
N GLY F 7 -9.34 23.84 18.75
CA GLY F 7 -10.29 22.81 18.55
C GLY F 7 -10.43 21.91 19.75
N PRO F 8 -10.96 20.72 19.52
CA PRO F 8 -11.43 19.86 20.60
C PRO F 8 -10.33 19.43 21.57
N ASN F 9 -10.72 19.25 22.81
CA ASN F 9 -9.88 18.78 23.91
C ASN F 9 -8.93 19.80 24.53
N LEU F 10 -8.76 20.97 23.87
CA LEU F 10 -7.77 21.88 24.40
C LEU F 10 -8.31 22.61 25.59
N ASN F 11 -9.63 22.59 25.77
CA ASN F 11 -10.20 23.06 27.05
C ASN F 11 -9.66 22.27 28.24
N LEU F 12 -9.07 21.07 28.03
CA LEU F 12 -8.64 20.24 29.13
C LEU F 12 -7.15 20.26 29.42
N LEU F 13 -6.42 21.14 28.74
CA LEU F 13 -5.05 21.44 29.13
C LEU F 13 -4.91 21.63 30.66
N GLY F 14 -3.91 21.01 31.25
CA GLY F 14 -3.68 21.12 32.69
C GLY F 14 -3.56 19.72 33.29
N ARG F 15 -4.66 18.95 33.20
CA ARG F 15 -4.77 17.51 33.59
C ARG F 15 -4.55 16.39 32.50
N ARG F 16 -4.27 16.72 31.21
CA ARG F 16 -3.93 15.65 30.19
C ARG F 16 -2.42 15.46 30.03
N GLU F 17 -1.91 14.42 30.69
CA GLU F 17 -0.49 14.09 30.76
C GLU F 17 0.35 14.82 31.84
N PRO F 18 1.60 14.39 32.07
CA PRO F 18 2.66 15.33 32.42
C PRO F 18 3.58 15.57 31.21
N GLU F 19 4.09 14.50 30.60
CA GLU F 19 5.21 14.60 29.62
C GLU F 19 4.79 15.08 28.25
N VAL F 20 3.64 14.58 27.77
CA VAL F 20 3.08 15.06 26.49
C VAL F 20 2.78 16.57 26.51
N TYR F 21 1.82 17.06 27.33
CA TYR F 21 1.47 18.49 27.26
C TYR F 21 2.16 19.45 28.30
N GLY F 22 2.38 19.03 29.54
CA GLY F 22 2.91 19.96 30.55
C GLY F 22 1.73 20.54 31.33
N ARG F 23 1.93 21.60 32.11
CA ARG F 23 0.93 21.95 33.13
C ARG F 23 0.13 23.24 32.88
N THR F 24 0.46 23.98 31.82
CA THR F 24 -0.32 25.19 31.55
C THR F 24 -1.76 24.93 31.06
N THR F 25 -2.74 25.61 31.66
CA THR F 25 -4.13 25.42 31.31
C THR F 25 -4.55 26.30 30.05
N LEU F 26 -5.73 26.06 29.50
CA LEU F 26 -6.26 26.89 28.45
C LEU F 26 -6.32 28.38 28.90
N GLU F 27 -6.98 28.63 30.03
CA GLU F 27 -7.07 29.98 30.67
C GLU F 27 -5.71 30.71 30.74
N GLU F 28 -4.70 30.03 31.28
CA GLU F 28 -3.32 30.55 31.36
C GLU F 28 -2.75 30.67 29.99
N LEU F 29 -3.10 29.76 29.06
CA LEU F 29 -2.71 29.95 27.65
C LEU F 29 -3.24 31.25 27.08
N GLU F 30 -4.51 31.59 27.25
CA GLU F 30 -5.04 32.82 26.65
C GLU F 30 -4.44 34.08 27.29
N ALA F 31 -4.34 34.12 28.59
CA ALA F 31 -3.60 35.20 29.27
C ALA F 31 -2.18 35.34 28.72
N LEU F 32 -1.42 34.25 28.53
CA LEU F 32 -0.10 34.35 27.83
C LEU F 32 -0.19 34.98 26.42
N CYS F 33 -1.20 34.52 25.68
CA CYS F 33 -1.45 35.06 24.34
C CYS F 33 -1.80 36.57 24.38
N GLU F 34 -2.62 37.00 25.34
CA GLU F 34 -3.03 38.42 25.56
C GLU F 34 -1.74 39.28 25.81
N ALA F 35 -0.89 38.83 26.73
CA ALA F 35 0.39 39.50 27.01
C ALA F 35 1.28 39.54 25.80
N TRP F 36 1.34 38.47 25.03
CA TRP F 36 2.30 38.41 23.93
C TRP F 36 1.79 39.29 22.78
N GLY F 37 0.49 39.44 22.69
CA GLY F 37 -0.10 40.32 21.69
C GLY F 37 0.21 41.77 22.03
N ALA F 38 -0.10 42.16 23.26
CA ALA F 38 0.10 43.52 23.76
C ALA F 38 1.52 43.95 23.53
N GLU F 39 2.50 43.25 24.08
CA GLU F 39 3.86 43.86 24.13
C GLU F 39 4.20 44.35 22.74
N LEU F 40 4.18 43.40 21.85
CA LEU F 40 4.21 43.58 20.43
C LEU F 40 3.03 44.26 19.61
N GLY F 41 1.96 44.76 20.24
CA GLY F 41 1.03 45.61 19.49
C GLY F 41 -0.01 44.94 18.61
N LEU F 42 -0.47 43.77 19.03
CA LEU F 42 -1.45 43.02 18.26
C LEU F 42 -2.58 42.63 19.21
N GLY F 43 -3.77 43.08 18.88
CA GLY F 43 -5.00 42.64 19.53
C GLY F 43 -5.29 41.15 19.28
N VAL F 44 -5.72 40.43 20.30
CA VAL F 44 -5.97 39.01 20.18
C VAL F 44 -7.33 38.62 20.81
N VAL F 45 -8.13 37.86 20.09
CA VAL F 45 -9.23 37.18 20.75
C VAL F 45 -8.91 35.68 20.68
N PHE F 46 -9.16 35.01 21.75
CA PHE F 46 -8.79 33.63 21.94
C PHE F 46 -10.04 32.77 22.11
N ARG F 47 -10.21 31.73 21.31
CA ARG F 47 -11.42 30.89 21.39
C ARG F 47 -11.08 29.37 21.34
N GLN F 48 -12.01 28.56 21.82
CA GLN F 48 -11.92 27.12 21.86
C GLN F 48 -13.28 26.53 21.70
N THR F 49 -13.40 25.41 20.91
CA THR F 49 -14.59 24.59 20.82
C THR F 49 -14.20 23.09 20.65
N ASN F 50 -15.09 22.24 21.14
CA ASN F 50 -15.09 20.83 20.79
C ASN F 50 -15.84 20.49 19.49
N TYR F 51 -16.43 21.47 18.78
CA TYR F 51 -17.35 21.16 17.66
C TYR F 51 -16.68 21.59 16.40
N GLU F 52 -16.60 20.65 15.47
CA GLU F 52 -15.99 20.89 14.14
C GLU F 52 -16.69 22.05 13.42
N GLY F 53 -18.03 22.03 13.46
CA GLY F 53 -18.87 23.01 12.80
C GLY F 53 -18.64 24.44 13.28
N GLN F 54 -18.41 24.58 14.56
CA GLN F 54 -18.17 25.86 15.21
C GLN F 54 -16.82 26.37 14.85
N LEU F 55 -15.81 25.50 14.72
CA LEU F 55 -14.45 25.98 14.34
C LEU F 55 -14.48 26.47 12.91
N ILE F 56 -15.19 25.73 12.11
CA ILE F 56 -15.32 26.11 10.73
C ILE F 56 -16.01 27.52 10.62
N GLU F 57 -17.09 27.77 11.37
CA GLU F 57 -17.85 29.04 11.25
C GLU F 57 -16.89 30.11 11.66
N TRP F 58 -16.11 29.86 12.69
CA TRP F 58 -15.20 30.87 13.14
C TRP F 58 -14.17 31.17 12.10
N VAL F 59 -13.69 30.20 11.30
CA VAL F 59 -12.65 30.55 10.39
C VAL F 59 -13.29 31.26 9.20
N GLN F 60 -14.50 30.85 8.82
CA GLN F 60 -15.28 31.45 7.75
C GLN F 60 -15.55 32.96 8.01
N GLN F 61 -15.83 33.30 9.27
CA GLN F 61 -16.40 34.58 9.63
C GLN F 61 -15.33 35.54 10.12
N ALA F 62 -14.11 35.08 10.30
CA ALA F 62 -13.10 35.98 10.83
C ALA F 62 -12.82 37.27 10.00
N HIS F 63 -12.67 37.18 8.69
CA HIS F 63 -12.39 38.37 7.85
C HIS F 63 -13.57 39.44 8.06
N GLN F 64 -14.80 38.98 7.93
CA GLN F 64 -16.03 39.76 8.13
C GLN F 64 -16.01 40.45 9.50
N GLU F 65 -15.61 39.74 10.54
CA GLU F 65 -15.56 40.40 11.85
C GLU F 65 -14.41 41.37 11.97
N GLY F 66 -13.48 41.41 11.03
CA GLY F 66 -12.43 42.41 11.09
C GLY F 66 -11.05 41.94 11.46
N PHE F 67 -10.91 40.68 11.85
CA PHE F 67 -9.58 40.14 12.09
C PHE F 67 -8.78 40.18 10.79
N LEU F 68 -7.47 40.20 10.95
CA LEU F 68 -6.50 40.22 9.87
C LEU F 68 -5.75 38.85 9.64
N ALA F 69 -5.78 37.96 10.65
CA ALA F 69 -5.06 36.68 10.56
C ALA F 69 -5.62 35.76 11.62
N ILE F 70 -5.50 34.46 11.34
CA ILE F 70 -5.96 33.38 12.24
C ILE F 70 -4.77 32.54 12.68
N VAL F 71 -4.63 32.34 13.99
CA VAL F 71 -3.67 31.36 14.53
C VAL F 71 -4.52 30.19 14.88
N LEU F 72 -4.21 28.96 14.36
CA LEU F 72 -5.17 27.88 14.47
C LEU F 72 -4.54 26.57 14.97
N ASN F 73 -5.04 26.08 16.11
CA ASN F 73 -4.82 24.74 16.59
C ASN F 73 -6.06 23.88 16.51
N PRO F 74 -6.17 23.04 15.50
CA PRO F 74 -7.43 22.31 15.34
C PRO F 74 -7.55 21.11 16.31
N GLY F 75 -6.57 20.84 17.18
CA GLY F 75 -6.56 19.62 18.01
C GLY F 75 -6.53 18.40 17.07
N ALA F 76 -7.12 17.26 17.47
CA ALA F 76 -7.12 16.05 16.60
C ALA F 76 -7.78 16.25 15.18
N LEU F 77 -8.60 17.27 15.01
CA LEU F 77 -9.24 17.54 13.71
C LEU F 77 -8.20 17.71 12.66
N THR F 78 -7.03 18.11 13.07
CA THR F 78 -5.98 18.29 12.16
C THR F 78 -5.67 17.09 11.22
N HIS F 79 -5.92 15.84 11.66
CA HIS F 79 -5.55 14.69 10.91
C HIS F 79 -6.73 14.19 10.13
N TYR F 80 -7.90 14.85 10.15
CA TYR F 80 -8.99 14.34 9.33
C TYR F 80 -10.01 15.30 8.77
N SER F 81 -10.03 16.55 9.27
CA SER F 81 -11.12 17.43 8.92
C SER F 81 -10.88 18.12 7.60
N TYR F 82 -11.33 17.49 6.50
CA TYR F 82 -11.22 18.17 5.28
C TYR F 82 -12.15 19.40 5.17
N ALA F 83 -13.25 19.42 5.93
CA ALA F 83 -14.19 20.55 5.92
C ALA F 83 -13.46 21.71 6.52
N LEU F 84 -12.62 21.54 7.53
CA LEU F 84 -11.79 22.63 8.09
C LEU F 84 -10.80 23.11 7.09
N LEU F 85 -10.24 22.21 6.30
CA LEU F 85 -9.32 22.60 5.22
C LEU F 85 -10.05 23.49 4.27
N ASP F 86 -11.23 23.09 3.83
CA ASP F 86 -11.93 23.95 2.82
C ASP F 86 -12.36 25.34 3.46
N ALA F 87 -12.69 25.37 4.74
CA ALA F 87 -13.02 26.59 5.44
C ALA F 87 -11.86 27.51 5.31
N ILE F 88 -10.69 27.04 5.68
CA ILE F 88 -9.52 27.86 5.48
C ILE F 88 -9.22 28.34 3.99
N ARG F 89 -9.43 27.48 3.00
CA ARG F 89 -9.28 27.90 1.60
C ARG F 89 -10.40 28.84 1.14
N ALA F 90 -11.52 28.94 1.87
CA ALA F 90 -12.67 29.67 1.35
C ALA F 90 -12.68 31.09 1.83
N GLN F 91 -11.63 31.48 2.55
CA GLN F 91 -11.57 32.81 3.21
C GLN F 91 -10.22 33.42 3.00
N PRO F 92 -10.10 34.76 3.03
CA PRO F 92 -8.86 35.39 2.51
C PRO F 92 -7.75 35.57 3.58
N LEU F 93 -8.08 35.39 4.86
CA LEU F 93 -7.07 35.63 5.83
C LEU F 93 -5.98 34.54 5.77
N PRO F 94 -4.77 34.99 5.98
CA PRO F 94 -3.70 34.05 6.19
C PRO F 94 -3.90 33.25 7.51
N VAL F 95 -3.57 31.96 7.46
CA VAL F 95 -3.75 31.09 8.63
C VAL F 95 -2.47 30.42 9.04
N VAL F 96 -2.13 30.45 10.30
CA VAL F 96 -0.95 29.80 10.80
C VAL F 96 -1.40 28.64 11.75
N GLU F 97 -0.98 27.43 11.44
CA GLU F 97 -1.34 26.28 12.19
C GLU F 97 -0.30 26.13 13.26
N VAL F 98 -0.75 25.75 14.42
CA VAL F 98 0.09 25.66 15.61
C VAL F 98 -0.26 24.38 16.38
N HIS F 99 0.75 23.82 17.03
CA HIS F 99 0.58 22.69 17.91
C HIS F 99 1.54 22.81 19.06
N LEU F 100 1.05 22.48 20.25
CA LEU F 100 1.84 22.39 21.46
C LEU F 100 2.95 21.31 21.33
N THR F 101 2.62 20.12 20.83
CA THR F 101 3.61 19.05 20.79
C THR F 101 4.05 18.90 19.36
N ASN F 102 5.16 18.13 19.21
CA ASN F 102 5.77 17.79 18.00
C ASN F 102 5.01 16.59 17.46
N LEU F 103 4.15 16.85 16.51
CA LEU F 103 3.31 15.80 15.93
C LEU F 103 4.12 14.57 15.39
N HIS F 104 5.42 14.73 15.15
CA HIS F 104 6.23 13.67 14.55
C HIS F 104 6.95 12.75 15.51
N ALA F 105 6.74 12.96 16.80
CA ALA F 105 7.36 12.19 17.90
C ALA F 105 6.26 11.45 18.69
N ARG F 106 5.04 11.41 18.14
CA ARG F 106 3.90 10.68 18.71
C ARG F 106 3.35 9.52 17.78
N GLU F 107 2.07 9.11 17.92
CA GLU F 107 1.41 8.11 17.01
C GLU F 107 1.61 8.48 15.54
N GLU F 108 1.69 7.47 14.64
CA GLU F 108 1.85 7.69 13.20
C GLU F 108 0.69 8.57 12.61
N PHE F 109 -0.53 8.40 13.09
CA PHE F 109 -1.67 9.13 12.47
C PHE F 109 -1.51 10.67 12.70
N ARG F 110 -0.80 11.04 13.77
CA ARG F 110 -0.56 12.44 14.07
C ARG F 110 0.34 13.19 13.15
N ARG F 111 1.14 12.47 12.36
CA ARG F 111 2.07 13.05 11.39
C ARG F 111 1.48 13.69 10.17
N HIS F 112 0.24 13.46 9.87
CA HIS F 112 -0.30 13.94 8.59
C HIS F 112 -1.32 15.02 8.96
N SER F 113 -1.11 16.22 8.44
CA SER F 113 -2.08 17.27 8.64
C SER F 113 -2.83 17.45 7.34
N VAL F 114 -4.16 17.42 7.39
CA VAL F 114 -4.98 17.80 6.23
C VAL F 114 -5.27 19.29 6.17
N THR F 115 -5.01 20.01 7.24
CA THR F 115 -5.19 21.48 7.19
C THR F 115 -3.99 22.24 6.76
N ALA F 116 -2.81 21.67 7.03
CA ALA F 116 -1.59 22.38 6.77
C ALA F 116 -1.35 22.85 5.32
N PRO F 117 -1.71 22.11 4.25
CA PRO F 117 -1.46 22.65 2.91
C PRO F 117 -2.08 24.04 2.63
N ALA F 118 -3.09 24.41 3.34
CA ALA F 118 -3.75 25.66 3.08
C ALA F 118 -3.26 26.78 4.05
N CYS F 119 -2.28 26.47 4.89
CA CYS F 119 -1.86 27.44 5.90
C CYS F 119 -0.68 28.18 5.42
N ARG F 120 -0.39 29.36 5.98
CA ARG F 120 0.85 30.08 5.59
C ARG F 120 2.03 29.24 6.07
N GLY F 121 1.88 28.77 7.29
CA GLY F 121 2.96 28.00 7.88
C GLY F 121 2.51 27.21 9.07
N ILE F 122 3.39 26.40 9.64
CA ILE F 122 3.04 25.66 10.84
C ILE F 122 4.21 25.71 11.81
N VAL F 123 3.90 25.70 13.11
CA VAL F 123 4.86 25.68 14.16
C VAL F 123 4.44 24.62 15.17
N SER F 124 5.31 23.66 15.47
CA SER F 124 4.93 22.72 16.50
C SER F 124 6.08 22.15 17.29
N GLY F 125 5.76 21.86 18.55
CA GLY F 125 6.63 21.15 19.48
C GLY F 125 7.09 22.06 20.62
N PHE F 126 6.78 23.36 20.54
CA PHE F 126 7.31 24.34 21.51
C PHE F 126 6.35 24.67 22.67
N GLY F 127 5.39 23.80 22.98
CA GLY F 127 4.47 24.08 24.09
C GLY F 127 3.74 25.38 23.81
N PRO F 128 3.44 26.17 24.86
CA PRO F 128 2.76 27.48 24.64
C PRO F 128 3.45 28.42 23.70
N LEU F 129 4.77 28.30 23.66
CA LEU F 129 5.60 29.14 22.77
C LEU F 129 5.36 28.98 21.25
N SER F 130 4.77 27.86 20.80
CA SER F 130 4.25 27.77 19.44
C SER F 130 3.29 28.93 19.16
N TYR F 131 2.33 29.23 20.04
CA TYR F 131 1.41 30.31 19.77
C TYR F 131 2.16 31.65 19.69
N LYS F 132 3.14 31.84 20.56
CA LYS F 132 3.93 33.07 20.51
C LYS F 132 4.72 33.25 19.23
N LEU F 133 5.33 32.18 18.72
CA LEU F 133 6.07 32.36 17.45
C LEU F 133 5.12 32.65 16.39
N ALA F 134 3.94 32.02 16.38
CA ALA F 134 2.93 32.44 15.38
C ALA F 134 2.62 33.98 15.49
N LEU F 135 2.46 34.46 16.71
CA LEU F 135 2.18 35.90 16.88
C LEU F 135 3.34 36.77 16.42
N VAL F 136 4.58 36.38 16.66
CA VAL F 136 5.69 37.19 16.20
C VAL F 136 5.85 37.17 14.68
N TYR F 137 5.52 36.07 14.01
CA TYR F 137 5.50 36.09 12.54
C TYR F 137 4.46 37.13 11.96
N LEU F 138 3.28 37.14 12.54
CA LEU F 138 2.12 37.83 12.00
C LEU F 138 2.22 39.37 12.29
N ALA F 139 2.80 39.73 13.46
CA ALA F 139 3.06 41.15 13.83
C ALA F 139 4.02 41.76 12.80
N GLU F 140 5.03 40.99 12.42
CA GLU F 140 5.87 41.40 11.34
C GLU F 140 5.31 41.44 9.91
N THR F 141 4.27 40.67 9.59
CA THR F 141 3.88 40.51 8.19
C THR F 141 2.62 41.28 7.93
N LEU F 142 2.50 41.65 6.78
N MET G 1 23.94 -24.98 29.89
CA MET G 1 23.68 -25.80 28.69
C MET G 1 22.76 -25.08 27.70
N VAL G 2 22.81 -25.46 26.42
CA VAL G 2 22.09 -24.76 25.36
C VAL G 2 21.29 -25.73 24.46
N LEU G 3 20.08 -25.27 24.12
CA LEU G 3 19.13 -26.07 23.36
C LEU G 3 19.09 -25.45 22.03
N ILE G 4 19.28 -26.27 21.01
CA ILE G 4 19.31 -25.85 19.63
C ILE G 4 18.10 -26.48 18.96
N LEU G 5 17.22 -25.64 18.42
CA LEU G 5 15.87 -26.04 17.95
C LEU G 5 15.70 -25.68 16.49
N ASN G 6 15.23 -26.63 15.69
CA ASN G 6 15.10 -26.51 14.25
C ASN G 6 13.69 -26.81 13.80
N GLY G 7 13.10 -25.97 12.93
CA GLY G 7 11.78 -26.18 12.41
C GLY G 7 11.68 -26.99 11.16
N PRO G 8 10.54 -26.83 10.48
CA PRO G 8 10.19 -27.65 9.33
C PRO G 8 11.21 -27.66 8.22
N ASN G 9 11.35 -28.84 7.62
CA ASN G 9 12.10 -29.08 6.38
C ASN G 9 13.57 -29.18 6.59
N LEU G 10 14.03 -28.79 7.77
CA LEU G 10 15.44 -28.75 8.03
C LEU G 10 15.95 -30.17 8.23
N ASN G 11 15.06 -31.15 8.44
CA ASN G 11 15.41 -32.57 8.38
C ASN G 11 15.86 -33.06 7.03
N LEU G 12 15.60 -32.32 5.95
CA LEU G 12 15.86 -32.78 4.60
C LEU G 12 17.10 -32.06 4.01
N LEU G 13 17.79 -31.34 4.87
CA LEU G 13 19.10 -30.77 4.51
C LEU G 13 19.97 -31.83 3.81
N GLY G 14 20.50 -31.52 2.65
CA GLY G 14 21.30 -32.49 1.90
C GLY G 14 20.73 -32.74 0.54
N ARG G 15 19.57 -33.36 0.44
CA ARG G 15 18.92 -33.48 -0.88
C ARG G 15 18.07 -32.23 -1.31
N ARG G 16 17.83 -31.25 -0.44
CA ARG G 16 17.14 -30.03 -0.92
C ARG G 16 18.16 -28.98 -1.41
N GLU G 17 18.21 -28.74 -2.73
CA GLU G 17 19.21 -27.86 -3.43
C GLU G 17 20.66 -28.38 -3.66
N PRO G 18 21.52 -27.58 -4.33
CA PRO G 18 22.91 -27.39 -3.94
C PRO G 18 23.15 -25.96 -3.49
N GLU G 19 22.82 -24.96 -4.34
CA GLU G 19 23.31 -23.57 -4.23
C GLU G 19 22.58 -22.73 -3.18
N VAL G 20 21.37 -23.13 -2.86
CA VAL G 20 20.65 -22.48 -1.73
C VAL G 20 21.19 -23.03 -0.40
N TYR G 21 21.07 -24.33 -0.12
CA TYR G 21 21.50 -24.84 1.22
C TYR G 21 22.81 -25.72 1.32
N GLY G 22 23.46 -26.08 0.23
CA GLY G 22 24.67 -26.90 0.31
C GLY G 22 24.41 -28.41 0.45
N ARG G 23 25.34 -29.14 1.05
CA ARG G 23 25.31 -30.62 0.94
C ARG G 23 25.24 -31.35 2.28
N THR G 24 25.51 -30.62 3.35
CA THR G 24 25.49 -31.15 4.71
C THR G 24 24.09 -31.44 5.32
N THR G 25 23.96 -32.57 6.02
CA THR G 25 22.70 -33.09 6.52
C THR G 25 22.45 -32.59 7.90
N LEU G 26 21.25 -32.83 8.36
CA LEU G 26 20.91 -32.38 9.68
C LEU G 26 21.71 -33.19 10.64
N GLU G 27 21.86 -34.49 10.38
CA GLU G 27 22.77 -35.37 11.19
C GLU G 27 24.16 -34.73 11.40
N GLU G 28 24.82 -34.44 10.30
CA GLU G 28 26.16 -33.82 10.27
C GLU G 28 26.23 -32.41 10.89
N LEU G 29 25.18 -31.59 10.67
CA LEU G 29 25.02 -30.33 11.45
C LEU G 29 24.93 -30.56 12.93
N GLU G 30 24.19 -31.53 13.42
CA GLU G 30 24.20 -31.72 14.89
C GLU G 30 25.57 -32.20 15.45
N ALA G 31 26.30 -33.01 14.64
CA ALA G 31 27.69 -33.41 15.00
C ALA G 31 28.49 -32.13 15.13
N LEU G 32 28.29 -31.25 14.17
CA LEU G 32 29.10 -30.05 14.02
C LEU G 32 28.90 -29.14 15.23
N CYS G 33 27.63 -28.90 15.60
CA CYS G 33 27.27 -28.21 16.84
C CYS G 33 27.76 -28.86 18.13
N GLU G 34 27.69 -30.19 18.21
CA GLU G 34 28.22 -30.91 19.39
C GLU G 34 29.71 -30.53 19.62
N ALA G 35 30.52 -30.63 18.56
CA ALA G 35 31.95 -30.34 18.63
C ALA G 35 32.15 -28.88 18.99
N TRP G 36 31.41 -27.99 18.32
CA TRP G 36 31.62 -26.55 18.48
C TRP G 36 31.41 -26.16 19.92
N GLY G 37 30.33 -26.71 20.47
CA GLY G 37 30.02 -26.51 21.86
C GLY G 37 31.03 -27.14 22.83
N ALA G 38 31.24 -28.44 22.74
CA ALA G 38 32.21 -29.13 23.64
C ALA G 38 33.58 -28.49 23.54
N GLU G 39 34.18 -28.50 22.35
CA GLU G 39 35.38 -27.72 22.23
C GLU G 39 35.21 -26.53 23.21
N LEU G 40 34.17 -25.74 23.03
CA LEU G 40 34.03 -24.47 23.79
C LEU G 40 33.40 -24.39 25.20
N GLY G 41 33.34 -25.51 25.96
CA GLY G 41 32.83 -25.51 27.33
C GLY G 41 31.34 -25.42 27.40
N LEU G 42 30.62 -26.01 26.46
CA LEU G 42 29.14 -25.80 26.40
C LEU G 42 28.45 -27.11 26.08
N GLY G 43 27.56 -27.57 26.94
CA GLY G 43 26.69 -28.68 26.60
C GLY G 43 25.69 -28.19 25.54
N VAL G 44 25.42 -29.03 24.54
CA VAL G 44 24.31 -28.83 23.62
C VAL G 44 23.49 -30.10 23.34
N VAL G 45 22.19 -29.89 23.12
CA VAL G 45 21.26 -30.86 22.56
C VAL G 45 20.48 -30.20 21.42
N PHE G 46 20.13 -31.01 20.46
CA PHE G 46 19.75 -30.53 19.18
C PHE G 46 18.47 -31.26 18.76
N ARG G 47 17.40 -30.53 18.43
CA ARG G 47 16.07 -31.13 18.14
C ARG G 47 15.57 -30.50 16.84
N GLN G 48 14.71 -31.22 16.12
CA GLN G 48 14.08 -30.73 14.90
C GLN G 48 12.67 -31.33 14.82
N THR G 49 11.72 -30.49 14.42
CA THR G 49 10.35 -30.87 14.20
C THR G 49 9.74 -30.09 13.02
N ASN G 50 8.81 -30.75 12.36
CA ASN G 50 8.03 -30.18 11.29
C ASN G 50 6.76 -29.47 11.78
N TYR G 51 6.48 -29.48 13.09
CA TYR G 51 5.25 -28.99 13.70
C TYR G 51 5.43 -27.78 14.56
N GLU G 52 4.64 -26.76 14.20
CA GLU G 52 4.72 -25.47 14.85
C GLU G 52 4.50 -25.67 16.32
N GLY G 53 3.51 -26.47 16.62
CA GLY G 53 3.12 -26.78 17.98
C GLY G 53 4.25 -27.24 18.87
N GLN G 54 5.11 -28.10 18.30
CA GLN G 54 6.11 -28.86 19.06
C GLN G 54 7.25 -27.89 19.31
N LEU G 55 7.55 -27.02 18.32
CA LEU G 55 8.60 -25.98 18.45
C LEU G 55 8.24 -25.02 19.52
N ILE G 56 6.99 -24.62 19.54
CA ILE G 56 6.51 -23.77 20.63
C ILE G 56 6.68 -24.41 22.04
N GLU G 57 6.24 -25.67 22.21
CA GLU G 57 6.43 -26.41 23.46
C GLU G 57 7.93 -26.51 23.86
N TRP G 58 8.82 -26.77 22.89
CA TRP G 58 10.26 -26.88 23.22
C TRP G 58 10.75 -25.56 23.69
N VAL G 59 10.38 -24.45 23.03
CA VAL G 59 10.86 -23.18 23.55
C VAL G 59 10.24 -22.83 24.90
N GLN G 60 8.97 -23.18 25.11
CA GLN G 60 8.30 -22.87 26.37
C GLN G 60 8.94 -23.56 27.61
N GLN G 61 9.41 -24.80 27.40
CA GLN G 61 9.70 -25.76 28.49
C GLN G 61 11.21 -25.69 28.83
N ALA G 62 11.99 -25.04 27.96
CA ALA G 62 13.43 -25.15 27.95
C ALA G 62 14.04 -24.69 29.28
N HIS G 63 13.48 -23.64 29.88
CA HIS G 63 14.00 -23.05 31.10
C HIS G 63 13.74 -23.99 32.29
N GLN G 64 12.70 -24.81 32.20
CA GLN G 64 12.36 -25.88 33.13
C GLN G 64 13.21 -27.16 33.13
N GLU G 65 13.73 -27.49 31.94
CA GLU G 65 14.65 -28.59 31.72
C GLU G 65 16.13 -28.14 32.13
N GLY G 66 16.28 -26.91 32.61
CA GLY G 66 17.56 -26.39 33.09
C GLY G 66 18.49 -25.80 32.04
N PHE G 67 18.11 -25.76 30.75
CA PHE G 67 18.94 -25.11 29.69
C PHE G 67 18.92 -23.61 29.98
N LEU G 68 19.85 -22.88 29.41
CA LEU G 68 20.01 -21.51 29.85
C LEU G 68 20.02 -20.48 28.69
N ALA G 69 19.93 -21.00 27.45
CA ALA G 69 19.80 -20.21 26.20
C ALA G 69 19.33 -21.07 25.04
N ILE G 70 18.61 -20.52 24.05
CA ILE G 70 18.16 -21.34 22.91
C ILE G 70 18.77 -20.86 21.60
N VAL G 71 19.25 -21.72 20.75
CA VAL G 71 19.58 -21.29 19.41
C VAL G 71 18.35 -21.74 18.57
N LEU G 72 17.85 -20.90 17.70
CA LEU G 72 16.57 -21.18 17.04
C LEU G 72 16.55 -20.86 15.56
N ASN G 73 16.43 -21.90 14.74
CA ASN G 73 16.09 -21.84 13.36
C ASN G 73 14.60 -22.27 13.08
N PRO G 74 13.69 -21.29 12.95
CA PRO G 74 12.29 -21.61 12.62
C PRO G 74 11.97 -22.18 11.27
N GLY G 75 12.90 -22.21 10.28
CA GLY G 75 12.55 -22.69 8.95
C GLY G 75 11.54 -21.63 8.46
N ALA G 76 10.63 -22.02 7.55
CA ALA G 76 9.75 -21.00 6.95
C ALA G 76 8.80 -20.36 8.00
N LEU G 77 8.69 -20.98 9.18
CA LEU G 77 7.88 -20.42 10.26
C LEU G 77 8.33 -19.04 10.69
N THR G 78 9.56 -18.72 10.43
CA THR G 78 10.08 -17.39 10.77
C THR G 78 9.29 -16.25 10.10
N HIS G 79 8.66 -16.47 8.95
CA HIS G 79 7.90 -15.46 8.26
C HIS G 79 6.39 -15.35 8.56
N TYR G 80 5.87 -16.12 9.50
CA TYR G 80 4.45 -16.04 9.84
C TYR G 80 4.00 -16.53 11.17
N SER G 81 4.85 -17.28 11.88
CA SER G 81 4.46 -17.77 13.19
C SER G 81 4.57 -16.81 14.37
N TYR G 82 3.47 -16.15 14.57
CA TYR G 82 3.36 -15.23 15.66
C TYR G 82 3.13 -16.04 16.92
N ALA G 83 2.69 -17.28 16.77
CA ALA G 83 2.54 -18.13 17.92
C ALA G 83 3.96 -18.46 18.44
N LEU G 84 4.94 -18.73 17.59
CA LEU G 84 6.34 -18.84 18.03
C LEU G 84 6.84 -17.59 18.66
N LEU G 85 6.53 -16.47 18.08
CA LEU G 85 7.03 -15.23 18.67
C LEU G 85 6.63 -15.10 20.14
N ASP G 86 5.34 -15.32 20.41
CA ASP G 86 4.78 -15.18 21.77
C ASP G 86 5.41 -16.26 22.73
N ALA G 87 5.69 -17.47 22.23
CA ALA G 87 6.40 -18.50 23.02
C ALA G 87 7.76 -17.97 23.47
N ILE G 88 8.58 -17.51 22.52
CA ILE G 88 9.80 -16.85 22.92
C ILE G 88 9.66 -15.65 23.91
N ARG G 89 8.62 -14.82 23.79
CA ARG G 89 8.35 -13.77 24.77
C ARG G 89 7.89 -14.30 26.13
N ALA G 90 7.36 -15.50 26.20
CA ALA G 90 6.73 -15.90 27.48
C ALA G 90 7.71 -16.63 28.40
N GLN G 91 8.94 -16.84 27.96
CA GLN G 91 9.95 -17.62 28.71
C GLN G 91 11.21 -16.73 28.93
N PRO G 92 12.04 -16.98 30.00
CA PRO G 92 13.11 -16.04 30.37
C PRO G 92 14.50 -16.18 29.64
N LEU G 93 14.67 -17.12 28.76
CA LEU G 93 15.98 -17.41 28.28
C LEU G 93 16.24 -16.56 27.05
N PRO G 94 17.48 -16.12 26.86
CA PRO G 94 17.89 -15.41 25.65
C PRO G 94 17.82 -16.42 24.51
N VAL G 95 17.38 -15.98 23.34
CA VAL G 95 17.21 -16.89 22.20
C VAL G 95 17.95 -16.21 21.10
N VAL G 96 18.74 -16.97 20.36
CA VAL G 96 19.37 -16.48 19.15
C VAL G 96 18.81 -17.09 17.88
N GLU G 97 18.47 -16.23 16.91
CA GLU G 97 17.91 -16.69 15.65
C GLU G 97 18.96 -16.97 14.64
N VAL G 98 18.82 -18.09 13.97
CA VAL G 98 19.89 -18.55 13.12
C VAL G 98 19.29 -18.99 11.80
N HIS G 99 19.90 -18.61 10.67
CA HIS G 99 19.57 -19.20 9.38
C HIS G 99 20.81 -19.52 8.62
N LEU G 100 20.69 -20.53 7.82
CA LEU G 100 21.73 -21.04 6.96
C LEU G 100 21.95 -20.11 5.80
N THR G 101 20.84 -19.61 5.21
CA THR G 101 20.94 -18.76 4.03
C THR G 101 20.73 -17.33 4.45
N ASN G 102 21.12 -16.42 3.56
CA ASN G 102 20.84 -14.98 3.69
C ASN G 102 19.40 -14.77 3.20
N LEU G 103 18.55 -14.33 4.11
CA LEU G 103 17.13 -14.13 3.83
C LEU G 103 16.93 -12.94 2.89
N HIS G 104 17.86 -12.01 2.93
CA HIS G 104 17.70 -10.79 2.10
C HIS G 104 18.04 -10.98 0.63
N ALA G 105 18.58 -12.14 0.26
CA ALA G 105 18.88 -12.42 -1.16
C ALA G 105 17.97 -13.48 -1.71
N ARG G 106 16.75 -13.60 -1.21
CA ARG G 106 15.91 -14.67 -1.75
C ARG G 106 14.58 -14.03 -2.02
N GLU G 107 13.50 -14.76 -1.90
CA GLU G 107 12.20 -14.27 -2.36
C GLU G 107 11.86 -13.23 -1.36
N GLU G 108 10.96 -12.33 -1.71
CA GLU G 108 10.63 -11.24 -0.83
C GLU G 108 10.00 -11.59 0.52
N PHE G 109 9.18 -12.66 0.58
CA PHE G 109 8.53 -13.02 1.84
C PHE G 109 9.55 -13.48 2.92
N ARG G 110 10.76 -13.83 2.52
CA ARG G 110 11.77 -14.34 3.47
C ARG G 110 12.52 -13.28 4.19
N ARG G 111 12.34 -12.04 3.73
CA ARG G 111 13.04 -10.87 4.27
C ARG G 111 12.41 -10.42 5.55
N HIS G 112 11.29 -10.99 5.94
CA HIS G 112 10.62 -10.46 7.11
C HIS G 112 10.54 -11.61 8.15
N SER G 113 11.05 -11.36 9.35
CA SER G 113 10.95 -12.32 10.43
C SER G 113 10.08 -11.78 11.55
N VAL G 114 9.08 -12.55 11.94
CA VAL G 114 8.21 -12.13 13.02
C VAL G 114 8.76 -12.53 14.36
N THR G 115 9.68 -13.45 14.35
CA THR G 115 10.39 -13.83 15.59
C THR G 115 11.56 -12.92 15.98
N ALA G 116 12.34 -12.49 15.00
CA ALA G 116 13.57 -11.71 15.28
C ALA G 116 13.44 -10.63 16.38
N PRO G 117 12.34 -9.88 16.46
CA PRO G 117 12.19 -8.83 17.51
C PRO G 117 12.27 -9.27 19.00
N ALA G 118 11.97 -10.53 19.27
CA ALA G 118 12.03 -11.05 20.64
C ALA G 118 13.35 -11.75 20.97
N CYS G 119 14.20 -11.86 19.99
CA CYS G 119 15.48 -12.51 20.06
C CYS G 119 16.61 -11.52 20.49
N ARG G 120 17.58 -12.00 21.23
CA ARG G 120 18.84 -11.28 21.46
C ARG G 120 19.47 -10.86 20.14
N GLY G 121 19.45 -11.73 19.14
CA GLY G 121 20.06 -11.36 17.88
C GLY G 121 19.91 -12.38 16.82
N ILE G 122 20.39 -12.09 15.61
CA ILE G 122 20.22 -12.94 14.49
C ILE G 122 21.50 -13.07 13.71
N VAL G 123 21.72 -14.27 13.21
CA VAL G 123 22.83 -14.48 12.34
C VAL G 123 22.42 -15.33 11.22
N SER G 124 22.74 -14.92 10.01
CA SER G 124 22.31 -15.64 8.87
C SER G 124 23.18 -15.44 7.69
N GLY G 125 23.28 -16.47 6.84
CA GLY G 125 23.96 -16.38 5.59
C GLY G 125 25.25 -17.21 5.55
N PHE G 126 25.65 -17.81 6.69
CA PHE G 126 26.94 -18.51 6.85
C PHE G 126 26.90 -20.05 6.87
N GLY G 127 25.94 -20.64 6.16
CA GLY G 127 25.60 -22.05 6.35
C GLY G 127 25.64 -22.54 7.80
N PRO G 128 26.16 -23.77 7.96
CA PRO G 128 26.44 -24.38 9.28
C PRO G 128 27.12 -23.49 10.31
N LEU G 129 27.97 -22.54 9.88
CA LEU G 129 28.70 -21.60 10.75
C LEU G 129 27.84 -20.50 11.43
N SER G 130 26.71 -20.20 10.82
CA SER G 130 25.66 -19.46 11.52
C SER G 130 25.38 -20.04 12.90
N TYR G 131 25.29 -21.37 13.01
CA TYR G 131 25.09 -22.03 14.32
C TYR G 131 26.35 -21.80 15.19
N LYS G 132 27.50 -21.96 14.57
CA LYS G 132 28.75 -21.77 15.31
C LYS G 132 28.88 -20.39 15.88
N LEU G 133 28.54 -19.40 15.07
CA LEU G 133 28.59 -17.99 15.51
C LEU G 133 27.69 -17.82 16.73
N ALA G 134 26.49 -18.43 16.68
CA ALA G 134 25.51 -18.40 17.78
C ALA G 134 26.08 -18.89 19.10
N LEU G 135 26.86 -19.95 18.98
CA LEU G 135 27.44 -20.68 20.12
C LEU G 135 28.50 -19.84 20.75
N VAL G 136 29.36 -19.21 19.93
CA VAL G 136 30.41 -18.34 20.51
C VAL G 136 29.86 -17.15 21.26
N TYR G 137 28.80 -16.53 20.76
CA TYR G 137 28.20 -15.41 21.49
C TYR G 137 27.70 -15.93 22.87
N LEU G 138 27.03 -17.08 22.87
CA LEU G 138 26.47 -17.63 24.07
C LEU G 138 27.59 -18.07 25.05
N ALA G 139 28.63 -18.74 24.58
CA ALA G 139 29.83 -19.00 25.41
C ALA G 139 30.27 -17.74 26.19
N GLU G 140 30.52 -16.63 25.51
CA GLU G 140 30.87 -15.41 26.24
C GLU G 140 29.83 -14.95 27.25
N THR G 141 28.56 -15.10 26.92
CA THR G 141 27.48 -14.44 27.70
C THR G 141 26.84 -15.35 28.77
N LEU G 142 26.27 -14.81 29.75
N MET H 1 2.00 -45.25 -8.77
CA MET H 1 1.23 -44.85 -7.55
C MET H 1 1.21 -43.33 -7.36
N VAL H 2 0.03 -42.75 -6.98
CA VAL H 2 -0.09 -41.34 -6.65
C VAL H 2 -0.81 -41.08 -5.34
N LEU H 3 -0.22 -40.17 -4.57
CA LEU H 3 -0.67 -39.83 -3.25
C LEU H 3 -1.48 -38.52 -3.35
N ILE H 4 -2.75 -38.61 -2.95
CA ILE H 4 -3.66 -37.49 -2.90
C ILE H 4 -3.66 -37.06 -1.47
N LEU H 5 -3.43 -35.76 -1.24
CA LEU H 5 -3.23 -35.22 0.11
C LEU H 5 -4.08 -33.98 0.29
N ASN H 6 -4.61 -33.89 1.51
CA ASN H 6 -5.72 -33.00 1.84
C ASN H 6 -5.53 -32.40 3.19
N GLY H 7 -5.67 -31.08 3.33
CA GLY H 7 -5.38 -30.39 4.56
C GLY H 7 -6.63 -30.14 5.35
N PRO H 8 -6.55 -29.17 6.28
CA PRO H 8 -7.60 -28.98 7.30
C PRO H 8 -9.00 -28.65 6.76
N ASN H 9 -10.01 -29.08 7.52
CA ASN H 9 -11.40 -28.91 7.22
C ASN H 9 -12.03 -29.73 6.16
N LEU H 10 -11.21 -30.28 5.30
CA LEU H 10 -11.72 -31.14 4.28
C LEU H 10 -12.37 -32.43 4.87
N ASN H 11 -12.01 -32.83 6.12
CA ASN H 11 -12.65 -34.01 6.73
C ASN H 11 -14.10 -33.76 6.95
N LEU H 12 -14.55 -32.49 6.94
CA LEU H 12 -15.92 -32.13 7.21
C LEU H 12 -16.80 -31.87 5.99
N LEU H 13 -16.29 -32.19 4.80
CA LEU H 13 -17.07 -32.00 3.54
C LEU H 13 -18.41 -32.68 3.67
N GLY H 14 -19.49 -32.04 3.23
CA GLY H 14 -20.81 -32.67 3.19
C GLY H 14 -21.74 -31.85 4.06
N ARG H 15 -21.41 -31.72 5.33
CA ARG H 15 -22.01 -30.77 6.26
C ARG H 15 -21.51 -29.33 6.06
N ARG H 16 -20.25 -29.18 5.69
CA ARG H 16 -19.78 -27.81 5.47
C ARG H 16 -20.26 -27.24 4.07
N GLU H 17 -21.53 -26.70 3.99
CA GLU H 17 -22.12 -25.86 2.85
C GLU H 17 -23.01 -26.63 1.79
N PRO H 18 -23.54 -26.00 0.71
CA PRO H 18 -24.25 -26.78 -0.34
C PRO H 18 -24.11 -26.34 -1.81
N GLU H 19 -23.49 -25.17 -1.92
CA GLU H 19 -23.42 -24.39 -3.14
C GLU H 19 -22.04 -23.73 -3.02
N VAL H 20 -21.59 -23.29 -1.81
CA VAL H 20 -20.10 -23.17 -1.64
C VAL H 20 -19.40 -24.49 -1.86
N TYR H 21 -19.49 -25.46 -0.97
CA TYR H 21 -18.74 -26.72 -1.19
C TYR H 21 -19.45 -27.86 -1.88
N GLY H 22 -20.78 -27.85 -1.93
CA GLY H 22 -21.51 -29.02 -2.43
C GLY H 22 -21.60 -30.12 -1.38
N ARG H 23 -22.17 -31.26 -1.75
CA ARG H 23 -22.68 -32.21 -0.75
C ARG H 23 -21.81 -33.44 -0.53
N THR H 24 -20.89 -33.77 -1.42
CA THR H 24 -20.13 -35.00 -1.33
C THR H 24 -19.08 -34.94 -0.21
N THR H 25 -18.88 -36.08 0.45
CA THR H 25 -18.11 -36.16 1.70
C THR H 25 -16.69 -36.54 1.37
N LEU H 26 -15.85 -36.52 2.38
CA LEU H 26 -14.51 -36.91 2.21
C LEU H 26 -14.40 -38.33 1.68
N GLU H 27 -15.08 -39.27 2.35
CA GLU H 27 -15.19 -40.70 1.97
C GLU H 27 -15.60 -40.89 0.52
N GLU H 28 -16.64 -40.20 0.15
CA GLU H 28 -17.16 -40.23 -1.23
C GLU H 28 -16.11 -39.71 -2.20
N LEU H 29 -15.40 -38.67 -1.76
CA LEU H 29 -14.29 -38.16 -2.52
C LEU H 29 -13.18 -39.19 -2.71
N GLU H 30 -12.65 -39.85 -1.67
CA GLU H 30 -11.60 -40.85 -1.93
C GLU H 30 -12.13 -41.93 -2.82
N ALA H 31 -13.40 -42.33 -2.64
CA ALA H 31 -13.95 -43.41 -3.50
C ALA H 31 -13.96 -42.97 -4.94
N LEU H 32 -14.29 -41.71 -5.21
CA LEU H 32 -14.31 -41.24 -6.62
C LEU H 32 -12.89 -41.21 -7.17
N CYS H 33 -11.93 -40.84 -6.32
CA CYS H 33 -10.52 -40.76 -6.72
C CYS H 33 -9.92 -42.18 -7.04
N GLU H 34 -10.27 -43.19 -6.23
CA GLU H 34 -9.86 -44.61 -6.47
C GLU H 34 -10.46 -45.11 -7.82
N ALA H 35 -11.74 -44.82 -8.06
CA ALA H 35 -12.36 -45.24 -9.34
C ALA H 35 -11.67 -44.54 -10.46
N TRP H 36 -11.42 -43.23 -10.30
CA TRP H 36 -10.88 -42.46 -11.42
C TRP H 36 -9.47 -42.94 -11.72
N GLY H 37 -8.72 -43.28 -10.67
CA GLY H 37 -7.41 -43.86 -10.86
C GLY H 37 -7.41 -45.20 -11.60
N ALA H 38 -8.36 -46.06 -11.26
CA ALA H 38 -8.24 -47.52 -11.41
C ALA H 38 -8.79 -48.11 -12.71
N GLU H 39 -9.60 -47.32 -13.44
CA GLU H 39 -9.96 -47.68 -14.82
C GLU H 39 -8.73 -47.42 -15.68
N LEU H 40 -8.06 -46.36 -15.22
CA LEU H 40 -7.06 -45.58 -15.96
C LEU H 40 -5.56 -45.91 -15.61
N GLY H 41 -5.33 -46.95 -14.82
CA GLY H 41 -3.99 -47.45 -14.64
C GLY H 41 -3.20 -46.73 -13.56
N LEU H 42 -3.88 -45.96 -12.70
CA LEU H 42 -3.19 -45.35 -11.55
C LEU H 42 -3.72 -45.90 -10.28
N GLY H 43 -2.83 -46.40 -9.43
CA GLY H 43 -3.15 -46.67 -8.03
C GLY H 43 -3.06 -45.34 -7.29
N VAL H 44 -3.91 -45.19 -6.28
CA VAL H 44 -3.92 -43.98 -5.50
C VAL H 44 -4.19 -44.29 -4.04
N VAL H 45 -3.50 -43.53 -3.18
CA VAL H 45 -3.84 -43.45 -1.82
C VAL H 45 -4.18 -42.01 -1.47
N PHE H 46 -5.01 -41.89 -0.46
CA PHE H 46 -5.80 -40.71 -0.19
C PHE H 46 -5.76 -40.43 1.29
N ARG H 47 -5.31 -39.24 1.67
CA ARG H 47 -5.02 -38.93 3.09
C ARG H 47 -5.45 -37.47 3.45
N GLN H 48 -5.84 -37.27 4.71
CA GLN H 48 -6.29 -36.00 5.21
C GLN H 48 -5.82 -35.75 6.62
N THR H 49 -5.43 -34.51 6.90
CA THR H 49 -5.08 -34.08 8.22
C THR H 49 -5.40 -32.60 8.44
N ASN H 50 -5.66 -32.28 9.68
CA ASN H 50 -5.89 -30.98 10.16
C ASN H 50 -4.59 -30.29 10.63
N TYR H 51 -3.44 -30.98 10.54
CA TYR H 51 -2.15 -30.49 11.07
C TYR H 51 -1.18 -30.20 9.96
N GLU H 52 -0.69 -28.96 9.91
CA GLU H 52 0.30 -28.52 8.95
C GLU H 52 1.53 -29.44 8.93
N GLY H 53 2.02 -29.72 10.13
CA GLY H 53 3.22 -30.53 10.32
C GLY H 53 3.05 -31.92 9.70
N GLN H 54 1.81 -32.47 9.75
CA GLN H 54 1.52 -33.82 9.31
C GLN H 54 1.50 -33.79 7.82
N LEU H 55 1.01 -32.68 7.23
CA LEU H 55 0.96 -32.58 5.76
C LEU H 55 2.34 -32.42 5.22
N ILE H 56 3.12 -31.60 5.89
CA ILE H 56 4.53 -31.42 5.61
C ILE H 56 5.25 -32.79 5.60
N GLU H 57 5.16 -33.54 6.71
CA GLU H 57 5.76 -34.86 6.73
C GLU H 57 5.32 -35.71 5.54
N TRP H 58 4.00 -35.72 5.24
CA TRP H 58 3.53 -36.60 4.14
C TRP H 58 4.14 -36.18 2.84
N VAL H 59 4.38 -34.89 2.61
CA VAL H 59 4.91 -34.56 1.29
C VAL H 59 6.37 -34.91 1.25
N GLN H 60 7.05 -34.74 2.37
CA GLN H 60 8.47 -34.96 2.44
C GLN H 60 8.70 -36.42 2.02
N GLN H 61 7.85 -37.30 2.54
CA GLN H 61 8.10 -38.73 2.62
C GLN H 61 7.61 -39.54 1.40
N ALA H 62 6.79 -38.92 0.56
CA ALA H 62 6.06 -39.67 -0.42
C ALA H 62 6.96 -40.42 -1.43
N HIS H 63 8.08 -39.81 -1.81
CA HIS H 63 8.97 -40.43 -2.75
C HIS H 63 9.58 -41.67 -2.09
N GLN H 64 9.90 -41.61 -0.79
CA GLN H 64 10.42 -42.78 0.01
C GLN H 64 9.44 -43.94 0.00
N GLU H 65 8.16 -43.67 0.14
CA GLU H 65 7.09 -44.66 0.06
C GLU H 65 6.81 -45.16 -1.38
N GLY H 66 7.50 -44.63 -2.39
CA GLY H 66 7.38 -45.15 -3.72
C GLY H 66 6.48 -44.36 -4.63
N PHE H 67 5.86 -43.30 -4.12
CA PHE H 67 4.89 -42.58 -4.91
C PHE H 67 5.64 -41.82 -6.01
N LEU H 68 4.96 -41.67 -7.13
CA LEU H 68 5.54 -41.05 -8.31
C LEU H 68 5.10 -39.58 -8.46
N ALA H 69 3.94 -39.24 -7.86
CA ALA H 69 3.33 -37.89 -7.92
C ALA H 69 2.42 -37.61 -6.74
N ILE H 70 2.28 -36.30 -6.45
CA ILE H 70 1.36 -35.79 -5.42
C ILE H 70 0.28 -34.86 -5.98
N VAL H 71 -0.96 -35.20 -5.65
CA VAL H 71 -2.08 -34.30 -5.83
C VAL H 71 -2.38 -33.70 -4.43
N LEU H 72 -2.44 -32.36 -4.36
CA LEU H 72 -2.37 -31.68 -3.10
C LEU H 72 -3.41 -30.56 -2.99
N ASN H 73 -4.27 -30.70 -2.00
CA ASN H 73 -5.27 -29.71 -1.63
C ASN H 73 -4.96 -29.28 -0.19
N PRO H 74 -4.22 -28.19 -0.02
CA PRO H 74 -3.81 -27.81 1.32
C PRO H 74 -4.93 -27.17 2.17
N GLY H 75 -6.15 -26.96 1.65
CA GLY H 75 -7.21 -26.33 2.49
C GLY H 75 -6.74 -24.85 2.71
N ALA H 76 -7.13 -24.19 3.78
CA ALA H 76 -6.72 -22.82 3.99
C ALA H 76 -5.22 -22.58 4.07
N LEU H 77 -4.46 -23.65 4.28
CA LEU H 77 -3.05 -23.48 4.48
C LEU H 77 -2.45 -22.96 3.20
N THR H 78 -3.16 -23.07 2.07
CA THR H 78 -2.73 -22.55 0.82
C THR H 78 -2.45 -21.08 0.89
N HIS H 79 -3.12 -20.33 1.76
CA HIS H 79 -2.92 -18.90 1.79
C HIS H 79 -1.85 -18.39 2.72
N TYR H 80 -1.16 -19.27 3.41
CA TYR H 80 -0.19 -18.80 4.33
C TYR H 80 0.94 -19.70 4.77
N SER H 81 0.93 -21.01 4.42
CA SER H 81 1.89 -21.95 5.02
C SER H 81 3.09 -22.13 4.06
N TYR H 82 4.07 -21.27 4.27
CA TYR H 82 5.34 -21.26 3.54
C TYR H 82 6.12 -22.50 3.94
N ALA H 83 5.88 -23.07 5.11
CA ALA H 83 6.51 -24.33 5.49
C ALA H 83 6.06 -25.44 4.56
N LEU H 84 4.81 -25.43 4.14
CA LEU H 84 4.32 -26.39 3.14
C LEU H 84 4.99 -26.21 1.84
N LEU H 85 5.17 -24.95 1.49
CA LEU H 85 5.83 -24.59 0.22
C LEU H 85 7.21 -25.15 0.19
N ASP H 86 7.96 -24.89 1.27
CA ASP H 86 9.34 -25.31 1.33
C ASP H 86 9.38 -26.84 1.37
N ALA H 87 8.34 -27.48 1.85
CA ALA H 87 8.29 -28.94 1.81
C ALA H 87 8.12 -29.43 0.38
N ILE H 88 7.29 -28.74 -0.41
CA ILE H 88 7.09 -29.23 -1.73
C ILE H 88 8.45 -29.03 -2.58
N ARG H 89 9.21 -27.99 -2.26
CA ARG H 89 10.45 -27.65 -2.96
C ARG H 89 11.60 -28.55 -2.49
N ALA H 90 11.58 -29.03 -1.24
CA ALA H 90 12.55 -29.98 -0.72
C ALA H 90 12.43 -31.40 -1.27
N GLN H 91 11.53 -31.71 -2.18
CA GLN H 91 11.34 -33.09 -2.58
C GLN H 91 11.20 -33.10 -4.07
N PRO H 92 11.52 -34.22 -4.75
CA PRO H 92 11.54 -34.25 -6.24
C PRO H 92 10.20 -34.60 -6.96
N LEU H 93 9.24 -35.19 -6.31
CA LEU H 93 8.01 -35.49 -7.04
C LEU H 93 7.31 -34.23 -7.51
N PRO H 94 6.62 -34.33 -8.63
CA PRO H 94 5.75 -33.24 -9.07
C PRO H 94 4.44 -33.21 -8.23
N VAL H 95 3.95 -32.00 -8.01
CA VAL H 95 2.77 -31.75 -7.16
C VAL H 95 1.77 -30.96 -8.01
N VAL H 96 0.54 -31.45 -8.05
CA VAL H 96 -0.59 -30.75 -8.63
C VAL H 96 -1.47 -30.23 -7.47
N GLU H 97 -1.67 -28.90 -7.45
CA GLU H 97 -2.47 -28.28 -6.41
C GLU H 97 -3.86 -28.19 -6.95
N VAL H 98 -4.82 -28.53 -6.12
CA VAL H 98 -6.22 -28.73 -6.52
C VAL H 98 -7.10 -28.07 -5.45
N HIS H 99 -8.25 -27.49 -5.83
CA HIS H 99 -9.24 -26.89 -4.91
C HIS H 99 -10.58 -27.10 -5.47
N LEU H 100 -11.49 -27.44 -4.59
CA LEU H 100 -12.83 -27.74 -4.98
C LEU H 100 -13.47 -26.46 -5.55
N THR H 101 -13.25 -25.34 -4.86
CA THR H 101 -13.86 -24.12 -5.32
C THR H 101 -12.92 -23.21 -6.08
N ASN H 102 -13.53 -22.25 -6.74
CA ASN H 102 -12.84 -21.21 -7.43
C ASN H 102 -12.38 -20.21 -6.43
N LEU H 103 -11.10 -20.20 -6.19
CA LEU H 103 -10.52 -19.30 -5.22
C LEU H 103 -10.67 -17.82 -5.55
N HIS H 104 -10.83 -17.47 -6.83
CA HIS H 104 -11.00 -16.07 -7.26
C HIS H 104 -12.38 -15.56 -7.13
N ALA H 105 -13.36 -16.39 -6.86
CA ALA H 105 -14.73 -15.89 -6.66
C ALA H 105 -15.17 -15.73 -5.22
N ARG H 106 -14.23 -15.68 -4.29
CA ARG H 106 -14.57 -15.72 -2.86
C ARG H 106 -13.81 -14.56 -2.19
N GLU H 107 -13.36 -14.70 -0.92
CA GLU H 107 -12.72 -13.62 -0.15
C GLU H 107 -11.37 -13.29 -0.75
N GLU H 108 -10.98 -12.03 -0.56
CA GLU H 108 -9.71 -11.55 -1.08
C GLU H 108 -8.53 -12.49 -0.77
N PHE H 109 -8.44 -12.94 0.48
CA PHE H 109 -7.23 -13.64 0.93
C PHE H 109 -7.09 -15.01 0.31
N ARG H 110 -8.19 -15.59 -0.16
CA ARG H 110 -8.20 -16.89 -0.84
C ARG H 110 -7.54 -16.87 -2.18
N ARG H 111 -7.40 -15.69 -2.79
CA ARG H 111 -6.75 -15.56 -4.12
C ARG H 111 -5.22 -15.73 -4.12
N HIS H 112 -4.57 -15.72 -2.97
CA HIS H 112 -3.09 -15.82 -3.01
C HIS H 112 -2.72 -17.25 -2.54
N SER H 113 -2.22 -18.05 -3.49
CA SER H 113 -1.67 -19.37 -3.17
C SER H 113 -0.18 -19.32 -2.92
N VAL H 114 0.25 -19.50 -1.66
CA VAL H 114 1.72 -19.55 -1.40
C VAL H 114 2.43 -20.82 -1.84
N THR H 115 1.69 -21.91 -2.07
CA THR H 115 2.19 -23.24 -2.55
C THR H 115 2.30 -23.29 -4.04
N ALA H 116 1.35 -22.65 -4.75
CA ALA H 116 1.27 -22.72 -6.25
C ALA H 116 2.58 -22.51 -7.07
N PRO H 117 3.41 -21.57 -6.69
CA PRO H 117 4.63 -21.29 -7.48
C PRO H 117 5.54 -22.54 -7.65
N ALA H 118 5.45 -23.50 -6.72
CA ALA H 118 6.24 -24.74 -6.70
C ALA H 118 5.61 -25.98 -7.29
N CYS H 119 4.37 -25.89 -7.76
CA CYS H 119 3.57 -26.99 -8.23
C CYS H 119 3.65 -27.03 -9.76
N ARG H 120 3.41 -28.19 -10.39
CA ARG H 120 3.35 -28.20 -11.83
C ARG H 120 2.26 -27.32 -12.31
N GLY H 121 1.20 -27.32 -11.54
CA GLY H 121 0.03 -26.64 -11.98
C GLY H 121 -1.04 -26.63 -10.94
N ILE H 122 -2.11 -25.95 -11.28
CA ILE H 122 -3.25 -25.83 -10.39
C ILE H 122 -4.59 -25.97 -11.11
N VAL H 123 -5.52 -26.58 -10.39
CA VAL H 123 -6.84 -26.76 -10.90
C VAL H 123 -7.80 -26.42 -9.82
N SER H 124 -8.70 -25.51 -10.14
CA SER H 124 -9.65 -25.15 -9.16
C SER H 124 -11.01 -24.73 -9.63
N GLY H 125 -12.01 -25.10 -8.83
CA GLY H 125 -13.38 -24.70 -9.06
C GLY H 125 -14.23 -25.79 -9.59
N PHE H 126 -13.72 -26.99 -9.83
CA PHE H 126 -14.53 -27.97 -10.53
C PHE H 126 -15.17 -29.00 -9.60
N GLY H 127 -15.31 -28.63 -8.30
CA GLY H 127 -15.66 -29.58 -7.25
C GLY H 127 -14.77 -30.82 -7.20
N PRO H 128 -15.30 -32.01 -6.85
CA PRO H 128 -14.54 -33.28 -6.94
C PRO H 128 -13.78 -33.50 -8.23
N LEU H 129 -14.33 -33.01 -9.31
CA LEU H 129 -13.74 -33.18 -10.60
C LEU H 129 -12.39 -32.46 -10.76
N SER H 130 -12.01 -31.63 -9.79
CA SER H 130 -10.72 -31.00 -9.80
C SER H 130 -9.67 -32.07 -9.61
N TYR H 131 -10.02 -33.06 -8.79
CA TYR H 131 -9.13 -34.21 -8.53
C TYR H 131 -9.02 -35.09 -9.76
N LYS H 132 -10.13 -35.33 -10.44
CA LYS H 132 -10.11 -36.10 -11.68
C LYS H 132 -9.12 -35.50 -12.68
N LEU H 133 -9.26 -34.18 -12.86
CA LEU H 133 -8.45 -33.47 -13.81
C LEU H 133 -6.97 -33.61 -13.42
N ALA H 134 -6.63 -33.43 -12.18
CA ALA H 134 -5.25 -33.65 -11.82
C ALA H 134 -4.82 -35.09 -12.15
N LEU H 135 -5.72 -36.06 -12.00
CA LEU H 135 -5.36 -37.43 -12.30
C LEU H 135 -5.11 -37.65 -13.78
N VAL H 136 -5.93 -37.12 -14.67
CA VAL H 136 -5.70 -37.34 -16.11
C VAL H 136 -4.43 -36.68 -16.62
N TYR H 137 -4.17 -35.45 -16.18
CA TYR H 137 -2.86 -34.89 -16.40
C TYR H 137 -1.80 -35.91 -15.97
N LEU H 138 -1.91 -36.45 -14.75
CA LEU H 138 -0.83 -37.29 -14.20
C LEU H 138 -0.71 -38.69 -14.88
N ALA H 139 -1.83 -39.22 -15.35
CA ALA H 139 -1.82 -40.47 -16.06
C ALA H 139 -1.00 -40.35 -17.35
N GLU H 140 -1.14 -39.20 -17.98
CA GLU H 140 -0.47 -38.84 -19.22
C GLU H 140 1.07 -38.63 -19.09
N THR H 141 1.56 -38.25 -17.91
CA THR H 141 2.92 -37.77 -17.67
C THR H 141 3.79 -38.75 -16.91
N LEU H 142 5.00 -38.51 -16.86
N MET I 1 -24.43 -27.30 27.64
CA MET I 1 -23.05 -27.08 28.07
C MET I 1 -22.23 -26.29 27.03
N VAL I 2 -21.24 -25.50 27.49
CA VAL I 2 -20.34 -24.82 26.55
C VAL I 2 -18.85 -25.23 26.65
N LEU I 3 -18.14 -25.17 25.51
CA LEU I 3 -16.76 -25.56 25.40
C LEU I 3 -15.87 -24.29 25.23
N ILE I 4 -14.90 -24.13 26.11
CA ILE I 4 -14.00 -23.00 26.10
C ILE I 4 -12.63 -23.52 25.69
N LEU I 5 -12.11 -22.98 24.58
CA LEU I 5 -10.91 -23.50 23.91
C LEU I 5 -9.92 -22.41 23.78
N ASN I 6 -8.67 -22.75 24.06
CA ASN I 6 -7.58 -21.77 24.18
C ASN I 6 -6.39 -22.23 23.44
N GLY I 7 -5.75 -21.28 22.74
CA GLY I 7 -4.70 -21.61 21.79
C GLY I 7 -3.35 -21.44 22.41
N PRO I 8 -2.33 -21.30 21.58
CA PRO I 8 -0.98 -21.27 22.08
C PRO I 8 -0.60 -20.17 23.07
N ASN I 9 0.32 -20.62 23.92
CA ASN I 9 1.00 -19.86 24.93
C ASN I 9 0.14 -19.51 26.14
N LEU I 10 -1.15 -19.83 26.12
CA LEU I 10 -1.98 -19.44 27.26
C LEU I 10 -1.77 -20.39 28.45
N ASN I 11 -1.16 -21.53 28.23
CA ASN I 11 -0.69 -22.38 29.36
C ASN I 11 0.29 -21.64 30.27
N LEU I 12 0.95 -20.57 29.78
CA LEU I 12 1.95 -19.83 30.59
C LEU I 12 1.42 -18.58 31.24
N LEU I 13 0.13 -18.29 31.09
CA LEU I 13 -0.48 -17.24 31.86
C LEU I 13 0.11 -17.17 33.27
N GLY I 14 0.60 -16.02 33.68
CA GLY I 14 0.90 -15.83 35.07
C GLY I 14 2.36 -15.53 35.22
N ARG I 15 3.18 -16.06 34.34
CA ARG I 15 4.60 -15.66 34.27
C ARG I 15 5.05 -14.90 33.00
N ARG I 16 4.24 -14.94 31.93
CA ARG I 16 4.32 -13.90 30.85
C ARG I 16 3.82 -12.51 31.30
N GLU I 17 4.73 -11.57 31.58
CA GLU I 17 4.40 -10.16 31.94
C GLU I 17 3.93 -9.76 33.39
N PRO I 18 3.71 -8.45 33.70
CA PRO I 18 2.78 -7.97 34.74
C PRO I 18 1.68 -6.99 34.29
N GLU I 19 1.95 -6.12 33.32
CA GLU I 19 1.01 -5.05 32.99
C GLU I 19 0.28 -5.32 31.68
N VAL I 20 0.86 -6.23 30.88
CA VAL I 20 0.14 -6.81 29.73
C VAL I 20 -0.90 -7.81 30.20
N TYR I 21 -0.50 -9.01 30.64
CA TYR I 21 -1.47 -10.15 30.82
C TYR I 21 -2.18 -10.23 32.18
N GLY I 22 -1.36 -10.23 33.23
CA GLY I 22 -1.81 -10.37 34.60
C GLY I 22 -0.95 -11.41 35.31
N ARG I 23 -1.40 -11.80 36.50
CA ARG I 23 -0.80 -12.85 37.29
C ARG I 23 -1.76 -14.08 37.38
N THR I 24 -3.03 -13.99 36.95
CA THR I 24 -3.88 -15.17 37.02
C THR I 24 -3.44 -16.29 36.11
N THR I 25 -3.28 -17.51 36.62
CA THR I 25 -2.80 -18.63 35.79
C THR I 25 -3.88 -19.23 34.96
N LEU I 26 -3.49 -20.18 34.10
CA LEU I 26 -4.46 -20.89 33.27
C LEU I 26 -5.42 -21.67 34.14
N GLU I 27 -4.91 -22.33 35.21
CA GLU I 27 -5.79 -23.17 36.10
C GLU I 27 -6.76 -22.27 36.84
N GLU I 28 -6.34 -21.09 37.25
CA GLU I 28 -7.24 -20.18 37.94
C GLU I 28 -8.32 -19.67 36.96
N LEU I 29 -7.94 -19.44 35.71
CA LEU I 29 -8.87 -18.97 34.65
C LEU I 29 -9.96 -20.02 34.47
N GLU I 30 -9.57 -21.29 34.28
CA GLU I 30 -10.58 -22.34 34.23
C GLU I 30 -11.56 -22.39 35.41
N ALA I 31 -10.98 -22.37 36.61
CA ALA I 31 -11.80 -22.43 37.84
C ALA I 31 -12.81 -21.23 37.76
N LEU I 32 -12.35 -20.07 37.39
CA LEU I 32 -13.22 -18.90 37.24
C LEU I 32 -14.37 -19.10 36.24
N CYS I 33 -13.99 -19.48 35.03
CA CYS I 33 -14.87 -19.74 33.92
C CYS I 33 -15.94 -20.81 34.30
N GLU I 34 -15.51 -21.87 35.00
CA GLU I 34 -16.44 -22.92 35.55
C GLU I 34 -17.43 -22.27 36.46
N ALA I 35 -16.97 -21.49 37.42
CA ALA I 35 -17.88 -20.84 38.36
C ALA I 35 -18.86 -19.86 37.68
N TRP I 36 -18.32 -19.05 36.74
CA TRP I 36 -19.16 -18.04 36.05
C TRP I 36 -20.29 -18.68 35.29
N GLY I 37 -19.94 -19.78 34.60
CA GLY I 37 -20.93 -20.62 33.96
C GLY I 37 -21.95 -21.21 34.92
N ALA I 38 -21.49 -21.97 35.93
CA ALA I 38 -22.36 -22.69 36.82
C ALA I 38 -23.37 -21.73 37.43
N GLU I 39 -22.96 -20.55 37.89
CA GLU I 39 -23.91 -19.77 38.73
C GLU I 39 -25.12 -19.34 37.96
N LEU I 40 -24.84 -19.27 36.71
CA LEU I 40 -25.78 -19.09 35.72
C LEU I 40 -26.45 -20.30 34.97
N GLY I 41 -26.28 -21.54 35.41
CA GLY I 41 -27.07 -22.65 34.82
C GLY I 41 -26.45 -23.16 33.55
N LEU I 42 -25.18 -22.84 33.34
CA LEU I 42 -24.39 -23.20 32.12
C LEU I 42 -23.05 -23.96 32.37
N GLY I 43 -23.02 -25.27 32.09
CA GLY I 43 -21.89 -26.12 32.32
C GLY I 43 -20.74 -25.77 31.40
N VAL I 44 -19.53 -26.15 31.75
CA VAL I 44 -18.39 -25.74 30.95
C VAL I 44 -17.36 -26.82 30.94
N VAL I 45 -16.76 -27.09 29.79
CA VAL I 45 -15.42 -27.62 29.76
C VAL I 45 -14.50 -26.59 29.14
N PHE I 46 -13.27 -26.69 29.57
CA PHE I 46 -12.22 -25.76 29.30
C PHE I 46 -11.03 -26.59 28.85
N ARG I 47 -10.45 -26.27 27.71
CA ARG I 47 -9.20 -26.87 27.18
C ARG I 47 -8.20 -25.82 26.62
N GLN I 48 -6.95 -26.19 26.53
CA GLN I 48 -5.90 -25.36 25.95
C GLN I 48 -4.96 -26.23 25.15
N THR I 49 -4.36 -25.71 24.06
CA THR I 49 -3.41 -26.41 23.24
C THR I 49 -2.45 -25.43 22.46
N ASN I 50 -1.27 -25.91 22.22
CA ASN I 50 -0.30 -25.16 21.53
C ASN I 50 -0.33 -25.50 20.04
N TYR I 51 -1.12 -26.50 19.62
CA TYR I 51 -1.12 -26.94 18.21
C TYR I 51 -2.38 -26.45 17.47
N GLU I 52 -2.14 -25.83 16.29
CA GLU I 52 -3.22 -25.31 15.48
C GLU I 52 -4.19 -26.42 15.15
N GLY I 53 -3.63 -27.51 14.69
CA GLY I 53 -4.36 -28.70 14.31
C GLY I 53 -5.25 -29.24 15.39
N GLN I 54 -4.72 -29.25 16.61
CA GLN I 54 -5.49 -29.72 17.70
C GLN I 54 -6.62 -28.73 17.95
N LEU I 55 -6.36 -27.43 17.97
CA LEU I 55 -7.46 -26.43 18.11
C LEU I 55 -8.56 -26.56 17.06
N ILE I 56 -8.12 -26.75 15.83
CA ILE I 56 -9.03 -27.01 14.74
C ILE I 56 -9.94 -28.21 14.97
N GLU I 57 -9.39 -29.38 15.28
CA GLU I 57 -10.20 -30.54 15.60
C GLU I 57 -11.13 -30.32 16.75
N TRP I 58 -10.68 -29.58 17.78
CA TRP I 58 -11.59 -29.30 18.89
C TRP I 58 -12.75 -28.47 18.48
N VAL I 59 -12.53 -27.41 17.65
CA VAL I 59 -13.69 -26.73 17.01
C VAL I 59 -14.59 -27.53 16.09
N GLN I 60 -14.01 -28.33 15.21
CA GLN I 60 -14.74 -29.24 14.35
C GLN I 60 -15.71 -30.18 15.15
N GLN I 61 -15.27 -30.67 16.28
CA GLN I 61 -15.86 -31.86 16.84
C GLN I 61 -16.73 -31.53 18.03
N ALA I 62 -16.80 -30.27 18.36
CA ALA I 62 -17.51 -29.79 19.54
C ALA I 62 -19.10 -30.09 19.50
N HIS I 63 -19.73 -29.82 18.38
CA HIS I 63 -21.15 -30.12 18.24
C HIS I 63 -21.42 -31.60 18.46
N GLN I 64 -20.52 -32.49 17.97
CA GLN I 64 -20.63 -33.93 18.03
C GLN I 64 -20.53 -34.38 19.46
N GLU I 65 -19.88 -33.58 20.28
CA GLU I 65 -19.64 -33.92 21.68
C GLU I 65 -20.75 -33.44 22.57
N GLY I 66 -21.67 -32.72 21.99
CA GLY I 66 -22.94 -32.36 22.63
C GLY I 66 -22.89 -30.95 23.12
N PHE I 67 -21.75 -30.29 22.99
CA PHE I 67 -21.71 -28.86 23.40
C PHE I 67 -22.60 -28.03 22.48
N LEU I 68 -22.94 -26.89 22.98
CA LEU I 68 -23.92 -26.02 22.38
C LEU I 68 -23.37 -24.66 21.93
N ALA I 69 -22.14 -24.38 22.32
CA ALA I 69 -21.48 -23.13 22.01
C ALA I 69 -19.97 -23.32 22.36
N ILE I 70 -19.16 -22.50 21.73
CA ILE I 70 -17.72 -22.44 21.92
C ILE I 70 -17.36 -20.99 22.31
N VAL I 71 -16.56 -20.81 23.36
CA VAL I 71 -15.85 -19.57 23.70
C VAL I 71 -14.33 -19.73 23.30
N LEU I 72 -13.78 -18.91 22.41
CA LEU I 72 -12.49 -19.25 21.73
C LEU I 72 -11.48 -18.08 21.89
N ASN I 73 -10.34 -18.37 22.48
CA ASN I 73 -9.20 -17.48 22.52
C ASN I 73 -8.12 -18.18 21.68
N PRO I 74 -7.96 -17.86 20.39
CA PRO I 74 -6.96 -18.61 19.62
C PRO I 74 -5.58 -18.18 19.98
N GLY I 75 -5.35 -17.18 20.83
CA GLY I 75 -3.96 -16.88 21.07
C GLY I 75 -3.42 -16.19 19.83
N ALA I 76 -2.12 -16.27 19.55
CA ALA I 76 -1.60 -15.49 18.40
C ALA I 76 -2.09 -15.99 16.98
N LEU I 77 -2.74 -17.14 16.96
CA LEU I 77 -3.29 -17.71 15.76
C LEU I 77 -4.45 -16.86 15.25
N THR I 78 -4.96 -16.03 16.12
CA THR I 78 -5.97 -15.15 15.67
C THR I 78 -5.55 -14.21 14.55
N HIS I 79 -4.29 -13.86 14.47
CA HIS I 79 -3.79 -12.98 13.40
C HIS I 79 -3.30 -13.68 12.13
N TYR I 80 -3.44 -14.99 12.01
CA TYR I 80 -3.00 -15.62 10.77
C TYR I 80 -3.60 -16.98 10.39
N SER I 81 -4.26 -17.69 11.31
CA SER I 81 -4.79 -19.03 11.01
C SER I 81 -6.14 -19.02 10.34
N TYR I 82 -6.13 -18.93 9.01
CA TYR I 82 -7.32 -19.08 8.22
C TYR I 82 -7.87 -20.51 8.34
N ALA I 83 -7.00 -21.49 8.70
CA ALA I 83 -7.48 -22.87 8.84
C ALA I 83 -8.44 -22.89 10.03
N LEU I 84 -8.16 -22.09 11.04
CA LEU I 84 -9.01 -22.02 12.20
C LEU I 84 -10.27 -21.33 11.84
N LEU I 85 -10.14 -20.23 11.07
CA LEU I 85 -11.37 -19.57 10.52
C LEU I 85 -12.28 -20.53 9.79
N ASP I 86 -11.69 -21.38 8.95
CA ASP I 86 -12.51 -22.26 8.15
C ASP I 86 -13.13 -23.32 9.11
N ALA I 87 -12.39 -23.69 10.13
CA ALA I 87 -12.89 -24.66 11.09
C ALA I 87 -14.13 -24.11 11.77
N ILE I 88 -14.08 -22.86 12.19
CA ILE I 88 -15.27 -22.30 12.72
C ILE I 88 -16.52 -22.21 11.78
N ARG I 89 -16.29 -21.96 10.48
CA ARG I 89 -17.32 -21.93 9.46
C ARG I 89 -17.84 -23.29 9.11
N ALA I 90 -17.03 -24.33 9.34
CA ALA I 90 -17.42 -25.67 8.95
C ALA I 90 -18.42 -26.35 9.88
N GLN I 91 -18.79 -25.75 11.00
CA GLN I 91 -19.54 -26.46 12.05
C GLN I 91 -20.63 -25.54 12.58
N PRO I 92 -21.71 -26.07 13.19
CA PRO I 92 -22.95 -25.29 13.34
C PRO I 92 -23.03 -24.46 14.61
N LEU I 93 -22.13 -24.66 15.57
CA LEU I 93 -22.21 -23.90 16.84
C LEU I 93 -21.88 -22.45 16.80
N PRO I 94 -22.59 -21.64 17.55
CA PRO I 94 -22.19 -20.24 17.74
C PRO I 94 -20.85 -20.06 18.54
N VAL I 95 -20.00 -19.13 18.08
CA VAL I 95 -18.65 -19.01 18.61
C VAL I 95 -18.40 -17.62 19.03
N VAL I 96 -18.03 -17.44 20.29
CA VAL I 96 -17.63 -16.13 20.82
C VAL I 96 -16.17 -16.09 20.98
N GLU I 97 -15.52 -15.10 20.35
CA GLU I 97 -14.13 -14.84 20.51
C GLU I 97 -13.80 -13.93 21.64
N VAL I 98 -12.73 -14.26 22.35
CA VAL I 98 -12.44 -13.64 23.60
C VAL I 98 -10.90 -13.39 23.70
N HIS I 99 -10.49 -12.26 24.24
CA HIS I 99 -9.06 -11.96 24.37
C HIS I 99 -8.90 -11.29 25.70
N LEU I 100 -7.95 -11.76 26.47
CA LEU I 100 -7.62 -11.09 27.70
C LEU I 100 -7.24 -9.62 27.54
N THR I 101 -6.43 -9.32 26.53
CA THR I 101 -5.86 -7.98 26.40
C THR I 101 -6.61 -7.19 25.35
N ASN I 102 -6.47 -5.88 25.38
CA ASN I 102 -7.06 -5.03 24.36
C ASN I 102 -6.15 -5.15 23.16
N LEU I 103 -6.59 -5.83 22.10
CA LEU I 103 -5.77 -6.03 20.89
C LEU I 103 -5.36 -4.69 20.18
N HIS I 104 -6.15 -3.63 20.39
CA HIS I 104 -5.97 -2.40 19.63
C HIS I 104 -4.94 -1.54 20.27
N ALA I 105 -4.38 -2.01 21.39
CA ALA I 105 -3.41 -1.25 22.11
C ALA I 105 -2.05 -1.93 22.16
N ARG I 106 -1.70 -2.76 21.17
CA ARG I 106 -0.38 -3.44 21.24
C ARG I 106 0.35 -3.19 19.95
N GLU I 107 0.86 -4.23 19.31
CA GLU I 107 1.57 -4.08 18.06
C GLU I 107 0.49 -4.11 16.94
N GLU I 108 0.75 -3.41 15.83
CA GLU I 108 -0.15 -3.41 14.69
C GLU I 108 -0.68 -4.76 14.22
N PHE I 109 0.15 -5.79 14.16
CA PHE I 109 -0.27 -7.07 13.57
C PHE I 109 -1.37 -7.72 14.46
N ARG I 110 -1.39 -7.42 15.76
CA ARG I 110 -2.40 -7.90 16.67
C ARG I 110 -3.83 -7.36 16.44
N ARG I 111 -3.96 -6.24 15.70
CA ARG I 111 -5.24 -5.57 15.49
C ARG I 111 -6.14 -6.21 14.43
N HIS I 112 -5.65 -7.21 13.68
CA HIS I 112 -6.39 -7.88 12.65
C HIS I 112 -6.75 -9.32 13.12
N SER I 113 -8.02 -9.65 13.17
CA SER I 113 -8.36 -10.98 13.61
C SER I 113 -8.91 -11.71 12.42
N VAL I 114 -8.30 -12.84 12.04
CA VAL I 114 -8.91 -13.59 10.93
C VAL I 114 -10.11 -14.50 11.26
N THR I 115 -10.38 -14.78 12.52
CA THR I 115 -11.40 -15.64 12.94
C THR I 115 -12.59 -14.79 13.29
N ALA I 116 -12.40 -13.52 13.74
CA ALA I 116 -13.57 -12.73 14.16
C ALA I 116 -14.78 -12.64 13.22
N PRO I 117 -14.59 -12.49 11.93
CA PRO I 117 -15.75 -12.45 11.02
C PRO I 117 -16.72 -13.62 11.11
N ALA I 118 -16.26 -14.80 11.54
CA ALA I 118 -17.18 -15.95 11.58
C ALA I 118 -17.76 -16.11 13.00
N CYS I 119 -17.38 -15.29 13.96
CA CYS I 119 -17.85 -15.45 15.33
C CYS I 119 -19.13 -14.57 15.57
N ARG I 120 -19.95 -14.92 16.55
CA ARG I 120 -21.13 -14.13 16.87
C ARG I 120 -20.70 -12.80 17.31
N GLY I 121 -19.59 -12.80 17.98
CA GLY I 121 -19.02 -11.57 18.47
C GLY I 121 -17.69 -11.74 19.09
N ILE I 122 -17.17 -10.62 19.60
CA ILE I 122 -15.88 -10.54 20.12
C ILE I 122 -15.83 -9.71 21.39
N VAL I 123 -15.12 -10.23 22.36
CA VAL I 123 -14.87 -9.44 23.55
C VAL I 123 -13.42 -9.45 23.97
N SER I 124 -12.89 -8.25 24.18
CA SER I 124 -11.51 -8.20 24.54
C SER I 124 -11.08 -7.04 25.33
N GLY I 125 -10.13 -7.32 26.23
CA GLY I 125 -9.54 -6.26 27.02
C GLY I 125 -9.68 -6.42 28.53
N PHE I 126 -10.57 -7.29 28.94
CA PHE I 126 -11.08 -7.23 30.27
C PHE I 126 -10.41 -8.27 31.19
N GLY I 127 -9.27 -8.79 30.78
CA GLY I 127 -8.63 -9.85 31.55
C GLY I 127 -9.51 -11.09 31.56
N PRO I 128 -9.39 -11.91 32.59
CA PRO I 128 -10.32 -13.06 32.82
C PRO I 128 -11.75 -12.76 32.54
N LEU I 129 -12.18 -11.57 32.95
CA LEU I 129 -13.52 -11.20 32.79
C LEU I 129 -14.02 -11.18 31.31
N SER I 130 -13.16 -11.13 30.27
CA SER I 130 -13.69 -11.25 28.88
C SER I 130 -14.46 -12.60 28.73
N TYR I 131 -14.00 -13.66 29.46
CA TYR I 131 -14.64 -14.97 29.42
C TYR I 131 -15.93 -14.87 30.12
N LYS I 132 -15.92 -14.21 31.26
CA LYS I 132 -17.20 -14.02 31.92
C LYS I 132 -18.25 -13.36 31.01
N LEU I 133 -17.86 -12.28 30.38
CA LEU I 133 -18.77 -11.60 29.45
C LEU I 133 -19.32 -12.54 28.38
N ALA I 134 -18.46 -13.34 27.77
CA ALA I 134 -18.93 -14.31 26.77
C ALA I 134 -19.94 -15.32 27.34
N LEU I 135 -19.71 -15.77 28.56
CA LEU I 135 -20.63 -16.75 29.19
C LEU I 135 -22.00 -16.14 29.49
N VAL I 136 -22.02 -14.92 29.99
CA VAL I 136 -23.33 -14.26 30.20
C VAL I 136 -24.10 -14.09 28.88
N TYR I 137 -23.38 -13.94 27.75
CA TYR I 137 -24.11 -13.76 26.48
C TYR I 137 -24.70 -15.07 26.15
N LEU I 138 -23.90 -16.09 26.34
CA LEU I 138 -24.31 -17.40 25.87
C LEU I 138 -25.43 -17.94 26.68
N ALA I 139 -25.46 -17.62 27.96
CA ALA I 139 -26.48 -18.13 28.82
C ALA I 139 -27.83 -17.53 28.51
N GLU I 140 -27.86 -16.26 28.21
CA GLU I 140 -29.09 -15.68 27.75
C GLU I 140 -29.52 -16.12 26.34
N THR I 141 -28.62 -16.65 25.51
CA THR I 141 -29.00 -16.99 24.15
C THR I 141 -29.15 -18.47 23.91
N LEU I 142 -29.92 -18.60 22.96
N MET J 1 29.65 23.75 -25.35
CA MET J 1 30.34 23.02 -24.24
C MET J 1 29.32 22.36 -23.29
N VAL J 2 29.51 21.03 -23.09
CA VAL J 2 28.62 20.25 -22.24
C VAL J 2 29.38 19.42 -21.26
N LEU J 3 28.86 19.44 -20.02
CA LEU J 3 29.44 18.74 -18.87
C LEU J 3 28.73 17.39 -18.73
N ILE J 4 29.51 16.32 -18.79
CA ILE J 4 29.07 14.94 -18.59
C ILE J 4 29.47 14.52 -17.22
N LEU J 5 28.51 14.23 -16.36
CA LEU J 5 28.76 13.91 -14.97
C LEU J 5 28.30 12.50 -14.61
N ASN J 6 29.08 11.78 -13.82
CA ASN J 6 28.77 10.42 -13.48
C ASN J 6 28.88 10.18 -12.02
N GLY J 7 27.95 9.41 -11.47
CA GLY J 7 27.87 9.24 -10.05
C GLY J 7 28.59 8.03 -9.59
N PRO J 8 28.32 7.67 -8.34
CA PRO J 8 28.96 6.57 -7.65
C PRO J 8 29.10 5.32 -8.44
N ASN J 9 30.25 4.71 -8.30
CA ASN J 9 30.50 3.36 -8.83
C ASN J 9 30.76 3.26 -10.26
N LEU J 10 30.50 4.27 -11.06
CA LEU J 10 30.84 4.18 -12.46
C LEU J 10 32.35 4.25 -12.73
N ASN J 11 33.13 4.66 -11.72
CA ASN J 11 34.57 4.48 -11.81
C ASN J 11 35.00 3.02 -11.94
N LEU J 12 34.15 2.04 -11.51
CA LEU J 12 34.48 0.61 -11.55
C LEU J 12 33.97 -0.07 -12.79
N LEU J 13 33.64 0.70 -13.83
CA LEU J 13 33.18 0.17 -15.12
C LEU J 13 34.22 -0.77 -15.76
N GLY J 14 33.75 -1.91 -16.28
CA GLY J 14 34.68 -2.91 -16.81
C GLY J 14 34.89 -4.08 -15.87
N ARG J 15 34.72 -3.88 -14.56
CA ARG J 15 34.96 -4.98 -13.60
C ARG J 15 33.71 -5.49 -12.88
N ARG J 16 32.80 -4.57 -12.51
CA ARG J 16 31.42 -4.97 -12.18
C ARG J 16 30.74 -5.73 -13.32
N GLU J 17 30.52 -7.03 -13.14
CA GLU J 17 29.68 -7.85 -14.04
C GLU J 17 30.21 -8.15 -15.46
N PRO J 18 29.62 -9.12 -16.16
CA PRO J 18 29.68 -9.14 -17.64
C PRO J 18 28.39 -8.71 -18.29
N GLU J 19 27.30 -9.41 -17.93
CA GLU J 19 26.02 -9.33 -18.65
C GLU J 19 25.41 -7.99 -18.36
N VAL J 20 25.51 -7.54 -17.09
CA VAL J 20 24.81 -6.34 -16.67
C VAL J 20 25.46 -5.14 -17.32
N TYR J 21 26.73 -4.91 -17.07
CA TYR J 21 27.34 -3.64 -17.55
C TYR J 21 28.12 -3.72 -18.90
N GLY J 22 28.92 -4.74 -19.18
CA GLY J 22 29.71 -4.76 -20.41
C GLY J 22 31.16 -4.38 -20.13
N ARG J 23 32.02 -4.40 -21.14
CA ARG J 23 33.49 -4.29 -20.89
C ARG J 23 34.12 -2.85 -20.86
N THR J 24 33.50 -1.84 -21.49
CA THR J 24 34.14 -0.53 -21.58
C THR J 24 34.29 0.19 -20.23
N THR J 25 35.48 0.78 -20.02
CA THR J 25 35.86 1.32 -18.71
C THR J 25 35.57 2.77 -18.66
N LEU J 26 35.63 3.33 -17.48
CA LEU J 26 35.32 4.75 -17.33
C LEU J 26 36.20 5.54 -18.28
N GLU J 27 37.51 5.28 -18.26
CA GLU J 27 38.44 5.97 -19.23
C GLU J 27 38.04 5.82 -20.73
N GLU J 28 37.78 4.60 -21.19
CA GLU J 28 37.30 4.41 -22.56
C GLU J 28 35.95 5.17 -22.88
N LEU J 29 35.08 5.26 -21.86
CA LEU J 29 33.81 6.02 -21.97
C LEU J 29 34.06 7.52 -22.08
N GLU J 30 35.00 8.11 -21.35
CA GLU J 30 35.29 9.53 -21.64
C GLU J 30 35.89 9.76 -23.04
N ALA J 31 36.74 8.87 -23.50
CA ALA J 31 37.34 9.08 -24.86
C ALA J 31 36.28 8.88 -25.90
N LEU J 32 35.30 8.03 -25.64
CA LEU J 32 34.22 7.78 -26.63
C LEU J 32 33.32 9.03 -26.66
N CYS J 33 33.00 9.55 -25.48
CA CYS J 33 32.31 10.81 -25.42
C CYS J 33 33.13 11.96 -26.04
N GLU J 34 34.47 11.97 -25.84
CA GLU J 34 35.39 13.00 -26.42
C GLU J 34 35.18 13.02 -27.93
N ALA J 35 35.18 11.85 -28.57
CA ALA J 35 35.14 11.74 -30.03
C ALA J 35 33.77 11.99 -30.62
N TRP J 36 32.72 11.54 -29.89
CA TRP J 36 31.35 11.64 -30.36
C TRP J 36 31.07 13.12 -30.29
N GLY J 37 31.63 13.75 -29.28
CA GLY J 37 31.50 15.19 -29.11
C GLY J 37 32.23 16.04 -30.13
N ALA J 38 33.50 15.76 -30.38
CA ALA J 38 34.22 16.54 -31.36
C ALA J 38 33.60 16.25 -32.72
N GLU J 39 33.38 15.00 -33.09
CA GLU J 39 33.08 14.75 -34.49
C GLU J 39 31.98 15.67 -34.96
N LEU J 40 31.09 15.91 -34.02
CA LEU J 40 29.88 16.68 -34.25
C LEU J 40 29.76 18.10 -33.59
N GLY J 41 30.83 18.74 -33.16
CA GLY J 41 30.84 20.19 -32.93
C GLY J 41 30.82 20.62 -31.46
N LEU J 42 31.03 19.65 -30.55
CA LEU J 42 30.79 19.88 -29.13
C LEU J 42 32.01 19.58 -28.29
N GLY J 43 32.41 20.55 -27.50
CA GLY J 43 33.49 20.34 -26.54
C GLY J 43 32.88 19.63 -25.35
N VAL J 44 33.56 18.63 -24.82
CA VAL J 44 33.05 17.93 -23.69
C VAL J 44 34.09 17.91 -22.56
N VAL J 45 33.58 17.80 -21.33
CA VAL J 45 34.39 17.51 -20.16
C VAL J 45 33.59 16.54 -19.31
N PHE J 46 34.30 15.58 -18.75
CA PHE J 46 33.71 14.38 -18.23
C PHE J 46 34.27 14.24 -16.83
N ARG J 47 33.39 14.13 -15.83
CA ARG J 47 33.77 13.97 -14.41
C ARG J 47 33.01 12.75 -13.76
N GLN J 48 33.60 12.09 -12.77
CA GLN J 48 32.89 11.15 -11.97
C GLN J 48 33.23 11.35 -10.52
N THR J 49 32.25 11.12 -9.65
CA THR J 49 32.46 11.11 -8.18
C THR J 49 31.55 10.08 -7.45
N ASN J 50 32.03 9.61 -6.31
CA ASN J 50 31.31 8.74 -5.41
C ASN J 50 30.57 9.54 -4.37
N TYR J 51 30.68 10.87 -4.43
CA TYR J 51 30.12 11.71 -3.34
C TYR J 51 28.95 12.45 -3.93
N GLU J 52 27.78 12.32 -3.27
CA GLU J 52 26.53 13.06 -3.59
C GLU J 52 26.71 14.56 -3.59
N GLY J 53 27.25 15.09 -2.47
CA GLY J 53 27.62 16.52 -2.38
C GLY J 53 28.47 17.02 -3.58
N GLN J 54 29.39 16.20 -4.07
CA GLN J 54 30.27 16.62 -5.16
C GLN J 54 29.51 16.78 -6.45
N LEU J 55 28.75 15.75 -6.82
CA LEU J 55 27.71 15.85 -7.86
C LEU J 55 26.79 17.05 -7.76
N ILE J 56 26.26 17.30 -6.61
CA ILE J 56 25.34 18.45 -6.40
C ILE J 56 26.12 19.71 -6.73
N GLU J 57 27.35 19.76 -6.21
CA GLU J 57 28.22 20.88 -6.53
C GLU J 57 28.54 21.09 -7.99
N TRP J 58 28.82 20.02 -8.72
CA TRP J 58 29.18 20.11 -10.13
C TRP J 58 27.96 20.54 -10.88
N VAL J 59 26.78 20.01 -10.56
CA VAL J 59 25.62 20.56 -11.30
C VAL J 59 25.22 21.99 -10.97
N GLN J 60 25.32 22.39 -9.70
CA GLN J 60 25.04 23.77 -9.38
C GLN J 60 25.94 24.77 -10.18
N GLN J 61 27.19 24.41 -10.37
CA GLN J 61 28.24 25.39 -10.72
C GLN J 61 28.44 25.41 -12.18
N ALA J 62 27.78 24.50 -12.89
CA ALA J 62 28.09 24.28 -14.30
C ALA J 62 27.90 25.52 -15.22
N HIS J 63 26.81 26.25 -15.04
CA HIS J 63 26.56 27.38 -15.89
C HIS J 63 27.55 28.54 -15.61
N GLN J 64 28.00 28.67 -14.37
CA GLN J 64 29.03 29.65 -14.00
C GLN J 64 30.38 29.33 -14.59
N GLU J 65 30.64 28.08 -14.91
CA GLU J 65 31.81 27.65 -15.70
C GLU J 65 31.59 27.77 -17.23
N GLY J 66 30.46 28.29 -17.67
CA GLY J 66 30.22 28.48 -19.09
C GLY J 66 29.76 27.27 -19.86
N PHE J 67 29.47 26.16 -19.19
CA PHE J 67 28.77 25.06 -19.84
C PHE J 67 27.32 25.43 -20.28
N LEU J 68 26.86 24.77 -21.33
CA LEU J 68 25.59 25.06 -21.96
C LEU J 68 24.50 23.97 -21.67
N ALA J 69 24.89 22.78 -21.19
CA ALA J 69 23.99 21.68 -20.90
C ALA J 69 24.73 20.57 -20.10
N ILE J 70 24.02 19.81 -19.27
CA ILE J 70 24.56 18.70 -18.45
C ILE J 70 24.02 17.34 -18.91
N VAL J 71 24.93 16.39 -19.10
CA VAL J 71 24.57 14.97 -19.31
C VAL J 71 24.95 14.31 -17.99
N LEU J 72 23.96 13.59 -17.41
CA LEU J 72 23.99 13.16 -16.00
C LEU J 72 23.50 11.69 -15.88
N ASN J 73 24.43 10.89 -15.37
CA ASN J 73 24.21 9.55 -14.92
C ASN J 73 24.46 9.51 -13.45
N PRO J 74 23.42 9.70 -12.62
CA PRO J 74 23.59 9.68 -11.18
C PRO J 74 24.00 8.37 -10.51
N GLY J 75 24.23 7.28 -11.23
CA GLY J 75 24.46 6.02 -10.56
C GLY J 75 23.20 5.69 -9.72
N ALA J 76 23.34 5.04 -8.60
CA ALA J 76 22.19 4.57 -7.88
C ALA J 76 21.49 5.74 -7.23
N LEU J 77 22.17 6.89 -7.19
CA LEU J 77 21.60 8.03 -6.59
C LEU J 77 20.35 8.48 -7.29
N THR J 78 20.20 8.04 -8.51
CA THR J 78 18.98 8.33 -9.22
C THR J 78 17.72 7.82 -8.55
N HIS J 79 17.84 6.86 -7.64
CA HIS J 79 16.69 6.33 -7.01
C HIS J 79 16.37 6.93 -5.69
N TYR J 80 17.18 7.84 -5.16
CA TYR J 80 16.86 8.40 -3.85
C TYR J 80 17.38 9.75 -3.45
N SER J 81 18.19 10.37 -4.27
CA SER J 81 18.83 11.65 -3.98
C SER J 81 17.92 12.81 -4.40
N TYR J 82 17.05 13.27 -3.53
CA TYR J 82 16.21 14.42 -3.81
C TYR J 82 17.00 15.72 -3.72
N ALA J 83 18.17 15.69 -3.07
CA ALA J 83 19.10 16.85 -3.05
C ALA J 83 19.73 17.06 -4.44
N LEU J 84 20.00 16.01 -5.20
CA LEU J 84 20.40 16.17 -6.57
C LEU J 84 19.27 16.73 -7.44
N LEU J 85 18.04 16.32 -7.16
CA LEU J 85 16.89 16.80 -7.93
C LEU J 85 16.78 18.31 -7.76
N ASP J 86 16.89 18.71 -6.51
CA ASP J 86 16.79 20.10 -6.15
C ASP J 86 17.94 20.88 -6.81
N ALA J 87 19.07 20.24 -6.99
CA ALA J 87 20.25 20.90 -7.55
C ALA J 87 19.98 21.13 -9.01
N ILE J 88 19.56 20.10 -9.74
CA ILE J 88 19.23 20.30 -11.15
C ILE J 88 18.15 21.36 -11.36
N ARG J 89 17.17 21.44 -10.46
CA ARG J 89 16.09 22.44 -10.55
C ARG J 89 16.61 23.85 -10.23
N ALA J 90 17.65 23.97 -9.42
CA ALA J 90 18.01 25.28 -8.90
C ALA J 90 18.87 26.08 -9.84
N GLN J 91 19.11 25.54 -11.03
CA GLN J 91 20.12 26.03 -11.93
C GLN J 91 19.48 25.94 -13.30
N PRO J 92 20.00 26.69 -14.30
CA PRO J 92 19.25 26.90 -15.53
C PRO J 92 19.61 25.98 -16.74
N LEU J 93 20.63 25.13 -16.69
CA LEU J 93 20.94 24.38 -17.91
C LEU J 93 19.95 23.22 -18.07
N PRO J 94 19.70 22.84 -19.31
CA PRO J 94 19.07 21.56 -19.60
C PRO J 94 19.94 20.43 -19.10
N VAL J 95 19.34 19.46 -18.47
CA VAL J 95 19.99 18.21 -18.05
C VAL J 95 19.33 17.02 -18.75
N VAL J 96 20.13 16.19 -19.39
CA VAL J 96 19.67 14.93 -19.94
C VAL J 96 20.14 13.84 -19.02
N GLU J 97 19.20 12.99 -18.56
CA GLU J 97 19.58 11.84 -17.76
C GLU J 97 19.89 10.66 -18.65
N VAL J 98 20.90 9.88 -18.31
CA VAL J 98 21.46 8.87 -19.15
C VAL J 98 21.79 7.68 -18.24
N HIS J 99 21.53 6.48 -18.71
CA HIS J 99 21.97 5.28 -18.05
C HIS J 99 22.41 4.29 -19.08
N LEU J 100 23.43 3.53 -18.67
CA LEU J 100 23.90 2.44 -19.44
C LEU J 100 22.83 1.28 -19.59
N THR J 101 22.19 0.88 -18.51
CA THR J 101 21.32 -0.29 -18.52
C THR J 101 19.91 0.15 -18.60
N ASN J 102 19.08 -0.78 -19.00
CA ASN J 102 17.66 -0.56 -19.02
C ASN J 102 17.21 -0.74 -17.59
N LEU J 103 16.82 0.34 -16.95
CA LEU J 103 16.30 0.31 -15.57
C LEU J 103 15.08 -0.58 -15.29
N HIS J 104 14.29 -0.86 -16.32
CA HIS J 104 13.02 -1.54 -16.10
C HIS J 104 13.13 -3.02 -16.26
N ALA J 105 14.34 -3.54 -16.52
CA ALA J 105 14.59 -4.98 -16.63
C ALA J 105 15.48 -5.42 -15.47
N ARG J 106 15.63 -4.60 -14.46
CA ARG J 106 16.46 -4.97 -13.28
C ARG J 106 15.54 -5.00 -12.08
N GLU J 107 16.07 -4.76 -10.91
CA GLU J 107 15.30 -4.75 -9.65
C GLU J 107 14.31 -3.62 -9.61
N GLU J 108 13.24 -3.81 -8.86
CA GLU J 108 12.10 -2.93 -8.82
C GLU J 108 12.51 -1.51 -8.42
N PHE J 109 13.40 -1.35 -7.46
CA PHE J 109 13.81 -0.03 -6.95
C PHE J 109 14.57 0.78 -7.96
N ARG J 110 15.16 0.09 -8.94
CA ARG J 110 15.81 0.79 -10.04
C ARG J 110 14.84 1.53 -10.94
N ARG J 111 13.57 1.11 -10.91
CA ARG J 111 12.57 1.57 -11.86
C ARG J 111 12.18 3.01 -11.61
N HIS J 112 12.40 3.54 -10.44
CA HIS J 112 11.90 4.88 -10.20
C HIS J 112 13.11 5.87 -10.11
N SER J 113 13.07 6.97 -10.85
CA SER J 113 14.14 7.97 -10.81
C SER J 113 13.58 9.23 -10.29
N VAL J 114 14.13 9.71 -9.17
CA VAL J 114 13.67 10.97 -8.59
C VAL J 114 14.29 12.17 -9.32
N THR J 115 15.29 11.98 -10.20
CA THR J 115 15.92 13.12 -10.92
C THR J 115 15.21 13.40 -12.23
N ALA J 116 14.73 12.33 -12.85
CA ALA J 116 14.02 12.40 -14.11
C ALA J 116 12.97 13.53 -14.28
N PRO J 117 12.14 13.82 -13.27
CA PRO J 117 11.12 14.89 -13.44
C PRO J 117 11.61 16.34 -13.81
N ALA J 118 12.89 16.60 -13.56
CA ALA J 118 13.51 17.90 -13.72
C ALA J 118 14.45 17.94 -14.93
N CYS J 119 14.60 16.82 -15.59
CA CYS J 119 15.37 16.68 -16.80
C CYS J 119 14.56 16.91 -18.04
N ARG J 120 15.27 17.34 -19.06
CA ARG J 120 14.70 17.48 -20.38
C ARG J 120 14.17 16.13 -20.81
N GLY J 121 14.98 15.10 -20.65
CA GLY J 121 14.59 13.78 -21.10
C GLY J 121 15.52 12.78 -20.54
N ILE J 122 15.37 11.52 -20.92
CA ILE J 122 16.09 10.43 -20.35
C ILE J 122 16.36 9.41 -21.39
N VAL J 123 17.57 8.86 -21.40
CA VAL J 123 17.82 7.83 -22.32
C VAL J 123 18.53 6.77 -21.55
N SER J 124 18.12 5.51 -21.81
CA SER J 124 18.63 4.48 -20.95
C SER J 124 18.61 3.10 -21.58
N GLY J 125 19.64 2.30 -21.36
CA GLY J 125 19.63 0.94 -21.93
C GLY J 125 20.55 0.68 -23.09
N PHE J 126 21.21 1.74 -23.57
CA PHE J 126 22.05 1.59 -24.78
C PHE J 126 23.58 1.42 -24.55
N GLY J 127 23.98 0.97 -23.38
CA GLY J 127 25.36 0.94 -23.01
C GLY J 127 26.00 2.32 -23.13
N PRO J 128 27.31 2.38 -23.44
CA PRO J 128 27.97 3.67 -23.73
C PRO J 128 27.21 4.52 -24.75
N LEU J 129 26.51 3.88 -25.68
CA LEU J 129 25.74 4.64 -26.70
C LEU J 129 24.59 5.50 -26.17
N SER J 130 24.15 5.24 -24.95
CA SER J 130 23.16 6.17 -24.39
C SER J 130 23.78 7.57 -24.31
N TYR J 131 25.10 7.65 -24.02
CA TYR J 131 25.75 8.98 -23.88
C TYR J 131 25.84 9.68 -25.27
N LYS J 132 26.11 8.89 -26.29
CA LYS J 132 26.05 9.46 -27.57
C LYS J 132 24.71 10.03 -27.96
N LEU J 133 23.59 9.36 -27.61
CA LEU J 133 22.30 9.91 -28.07
C LEU J 133 22.08 11.16 -27.29
N ALA J 134 22.45 11.20 -26.07
CA ALA J 134 22.31 12.45 -25.33
C ALA J 134 23.05 13.60 -26.13
N LEU J 135 24.28 13.31 -26.62
CA LEU J 135 25.05 14.35 -27.25
C LEU J 135 24.43 14.76 -28.61
N VAL J 136 23.76 13.88 -29.33
CA VAL J 136 23.21 14.34 -30.59
C VAL J 136 21.99 15.20 -30.34
N TYR J 137 21.24 14.90 -29.29
CA TYR J 137 20.06 15.74 -29.06
C TYR J 137 20.59 17.18 -28.72
N LEU J 138 21.53 17.21 -27.80
CA LEU J 138 22.12 18.44 -27.34
C LEU J 138 22.77 19.26 -28.45
N ALA J 139 23.39 18.59 -29.45
CA ALA J 139 24.06 19.29 -30.58
C ALA J 139 23.07 20.08 -31.38
N GLU J 140 21.93 19.42 -31.68
CA GLU J 140 20.86 20.01 -32.48
C GLU J 140 20.17 21.22 -31.80
N THR J 141 20.09 21.18 -30.50
CA THR J 141 19.22 22.06 -29.74
C THR J 141 19.97 23.30 -29.22
N LEU J 142 19.25 24.23 -28.86
N MET K 1 44.14 -10.90 5.84
CA MET K 1 43.81 -9.49 6.30
C MET K 1 42.36 -9.02 5.92
N VAL K 2 41.64 -8.44 6.90
CA VAL K 2 40.28 -7.98 6.75
C VAL K 2 40.13 -6.51 7.16
N LEU K 3 39.25 -5.82 6.42
CA LEU K 3 38.96 -4.39 6.55
C LEU K 3 37.59 -4.26 7.21
N ILE K 4 37.53 -3.52 8.30
CA ILE K 4 36.29 -3.34 9.05
C ILE K 4 35.88 -1.87 8.98
N LEU K 5 34.76 -1.61 8.29
CA LEU K 5 34.31 -0.26 7.97
C LEU K 5 33.07 0.07 8.72
N ASN K 6 33.00 1.29 9.23
CA ASN K 6 31.90 1.77 10.02
C ASN K 6 31.39 3.06 9.40
N GLY K 7 30.08 3.20 9.32
CA GLY K 7 29.45 4.39 8.72
C GLY K 7 29.14 5.45 9.75
N PRO K 8 28.34 6.46 9.35
CA PRO K 8 27.99 7.63 10.21
C PRO K 8 27.50 7.40 11.65
N ASN K 9 27.98 8.24 12.56
CA ASN K 9 27.70 8.22 13.98
C ASN K 9 28.25 7.12 14.84
N LEU K 10 28.79 6.07 14.25
CA LEU K 10 29.48 5.08 15.08
C LEU K 10 30.70 5.68 15.86
N ASN K 11 31.34 6.77 15.39
CA ASN K 11 32.24 7.60 16.28
C ASN K 11 31.62 8.16 17.63
N LEU K 12 30.30 8.30 17.73
CA LEU K 12 29.70 8.76 19.01
C LEU K 12 29.33 7.62 20.00
N LEU K 13 29.80 6.41 19.72
CA LEU K 13 29.54 5.26 20.61
C LEU K 13 30.06 5.58 22.02
N GLY K 14 29.19 5.52 23.00
CA GLY K 14 29.60 5.77 24.38
C GLY K 14 28.75 6.85 24.97
N ARG K 15 28.41 7.83 24.15
CA ARG K 15 27.50 8.89 24.56
C ARG K 15 25.99 8.77 24.13
N ARG K 16 25.65 8.03 23.05
CA ARG K 16 24.22 7.83 22.60
C ARG K 16 23.35 6.76 23.38
N GLU K 17 22.65 7.18 24.45
CA GLU K 17 21.86 6.26 25.36
C GLU K 17 22.66 5.52 26.49
N PRO K 18 21.97 4.82 27.43
CA PRO K 18 22.53 3.61 28.10
C PRO K 18 21.93 2.28 27.63
N GLU K 19 20.68 2.28 27.14
CA GLU K 19 19.94 1.04 26.80
C GLU K 19 19.92 0.79 25.28
N VAL K 20 19.96 1.84 24.46
CA VAL K 20 20.08 1.60 23.01
C VAL K 20 21.49 1.06 22.62
N TYR K 21 22.55 1.86 22.74
CA TYR K 21 23.89 1.38 22.35
C TYR K 21 24.81 0.90 23.49
N GLY K 22 24.57 1.32 24.75
CA GLY K 22 25.43 0.87 25.86
C GLY K 22 26.60 1.82 26.01
N ARG K 23 27.73 1.40 26.63
CA ARG K 23 28.75 2.40 26.96
C ARG K 23 30.12 2.26 26.30
N THR K 24 30.37 1.16 25.58
CA THR K 24 31.65 0.97 24.90
C THR K 24 31.94 1.92 23.64
N THR K 25 33.16 2.48 23.59
CA THR K 25 33.55 3.48 22.60
C THR K 25 34.06 2.81 21.33
N LEU K 26 34.19 3.65 20.32
CA LEU K 26 34.67 3.21 19.04
C LEU K 26 36.07 2.79 19.20
N GLU K 27 36.83 3.62 19.92
CA GLU K 27 38.19 3.34 20.41
C GLU K 27 38.25 1.94 21.00
N GLU K 28 37.45 1.73 22.05
CA GLU K 28 37.48 0.43 22.78
C GLU K 28 37.05 -0.72 21.86
N LEU K 29 36.19 -0.39 20.87
CA LEU K 29 35.68 -1.34 19.90
C LEU K 29 36.73 -1.76 18.85
N GLU K 30 37.55 -0.84 18.37
CA GLU K 30 38.66 -1.27 17.47
C GLU K 30 39.75 -2.07 18.24
N ALA K 31 40.03 -1.70 19.48
CA ALA K 31 41.02 -2.43 20.33
C ALA K 31 40.49 -3.84 20.35
N LEU K 32 39.27 -3.94 20.87
CA LEU K 32 38.52 -5.21 20.92
C LEU K 32 38.63 -5.98 19.59
N CYS K 33 38.29 -5.39 18.44
CA CYS K 33 38.42 -6.21 17.23
C CYS K 33 39.90 -6.58 16.82
N GLU K 34 40.90 -5.78 17.24
CA GLU K 34 42.30 -6.10 16.92
C GLU K 34 42.71 -7.34 17.75
N ALA K 35 42.24 -7.41 18.99
CA ALA K 35 42.48 -8.59 19.83
C ALA K 35 41.74 -9.83 19.31
N TRP K 36 40.45 -9.72 18.97
CA TRP K 36 39.72 -10.91 18.44
C TRP K 36 40.38 -11.34 17.13
N GLY K 37 40.81 -10.38 16.36
CA GLY K 37 41.56 -10.71 15.17
C GLY K 37 42.86 -11.39 15.53
N ALA K 38 43.67 -10.78 16.40
CA ALA K 38 44.99 -11.33 16.67
C ALA K 38 44.80 -12.73 17.26
N GLU K 39 43.95 -12.88 18.31
CA GLU K 39 43.91 -14.21 18.95
C GLU K 39 43.88 -15.18 17.83
N LEU K 40 42.96 -15.01 16.90
CA LEU K 40 42.80 -15.99 15.83
C LEU K 40 43.55 -15.77 14.47
N GLY K 41 44.80 -15.30 14.51
CA GLY K 41 45.60 -15.19 13.27
C GLY K 41 44.95 -14.45 12.10
N LEU K 42 44.08 -13.49 12.44
CA LEU K 42 43.50 -12.56 11.46
C LEU K 42 44.06 -11.15 11.61
N GLY K 43 44.69 -10.60 10.58
CA GLY K 43 45.10 -9.19 10.63
C GLY K 43 43.90 -8.27 10.38
N VAL K 44 43.81 -7.13 11.07
CA VAL K 44 42.66 -6.22 10.92
C VAL K 44 42.95 -4.72 10.90
N VAL K 45 42.19 -4.02 10.05
CA VAL K 45 42.15 -2.57 10.05
C VAL K 45 40.71 -2.03 10.21
N PHE K 46 40.62 -0.86 10.82
CA PHE K 46 39.42 -0.39 11.42
C PHE K 46 39.30 1.08 11.08
N ARG K 47 38.23 1.41 10.32
CA ARG K 47 37.96 2.73 9.79
C ARG K 47 36.48 3.09 9.97
N GLN K 48 36.20 4.38 10.00
CA GLN K 48 34.86 4.89 10.27
C GLN K 48 34.76 6.24 9.64
N THR K 49 33.64 6.50 8.98
CA THR K 49 33.39 7.78 8.33
C THR K 49 31.91 8.19 8.39
N ASN K 50 31.69 9.47 8.25
CA ASN K 50 30.36 10.05 8.27
C ASN K 50 29.80 10.28 6.86
N TYR K 51 30.56 9.93 5.83
CA TYR K 51 30.32 10.35 4.46
C TYR K 51 30.11 9.08 3.66
N GLU K 52 28.94 9.00 3.01
CA GLU K 52 28.54 7.87 2.21
C GLU K 52 29.63 7.62 1.24
N GLY K 53 30.08 8.66 0.59
CA GLY K 53 31.04 8.53 -0.48
C GLY K 53 32.43 8.03 -0.11
N GLN K 54 32.83 8.27 1.14
CA GLN K 54 34.04 7.67 1.65
C GLN K 54 33.86 6.15 1.90
N LEU K 55 32.73 5.72 2.49
CA LEU K 55 32.49 4.28 2.71
C LEU K 55 32.56 3.59 1.40
N ILE K 56 31.91 4.18 0.41
CA ILE K 56 31.90 3.59 -0.91
C ILE K 56 33.30 3.37 -1.52
N GLU K 57 34.14 4.39 -1.43
CA GLU K 57 35.55 4.28 -1.92
C GLU K 57 36.31 3.24 -1.20
N TRP K 58 36.10 3.14 0.11
CA TRP K 58 36.82 2.14 0.94
C TRP K 58 36.35 0.77 0.56
N VAL K 59 35.04 0.56 0.31
CA VAL K 59 34.66 -0.80 -0.10
C VAL K 59 35.09 -1.11 -1.52
N GLN K 60 35.17 -0.11 -2.39
CA GLN K 60 35.56 -0.32 -3.80
C GLN K 60 37.05 -0.69 -3.90
N GLN K 61 37.81 -0.09 -2.99
CA GLN K 61 39.25 -0.15 -3.05
C GLN K 61 39.96 -1.17 -2.19
N ALA K 62 39.21 -1.95 -1.43
CA ALA K 62 39.79 -2.84 -0.46
C ALA K 62 40.59 -3.97 -1.12
N HIS K 63 40.11 -4.57 -2.20
CA HIS K 63 40.91 -5.60 -2.85
C HIS K 63 42.24 -5.06 -3.42
N GLN K 64 42.19 -3.84 -3.97
CA GLN K 64 43.37 -3.17 -4.51
C GLN K 64 44.44 -3.07 -3.41
N GLU K 65 44.02 -2.75 -2.18
CA GLU K 65 44.90 -2.63 -1.03
C GLU K 65 45.27 -4.02 -0.46
N GLY K 66 44.78 -5.07 -1.12
CA GLY K 66 45.08 -6.45 -0.75
C GLY K 66 44.29 -7.04 0.40
N PHE K 67 43.14 -6.46 0.80
CA PHE K 67 42.30 -7.10 1.85
C PHE K 67 41.58 -8.31 1.23
N LEU K 68 41.23 -9.29 2.06
CA LEU K 68 40.62 -10.55 1.61
C LEU K 68 39.12 -10.47 1.79
N ALA K 69 38.66 -9.61 2.71
CA ALA K 69 37.26 -9.57 3.16
C ALA K 69 36.90 -8.29 3.87
N ILE K 70 35.61 -7.92 3.83
CA ILE K 70 35.12 -6.78 4.60
C ILE K 70 34.07 -7.14 5.62
N VAL K 71 34.12 -6.50 6.78
CA VAL K 71 33.04 -6.42 7.75
C VAL K 71 32.56 -4.96 7.73
N LEU K 72 31.24 -4.74 7.66
CA LEU K 72 30.71 -3.40 7.34
C LEU K 72 29.49 -3.12 8.17
N ASN K 73 29.63 -2.15 9.06
CA ASN K 73 28.50 -1.57 9.71
C ASN K 73 28.17 -0.25 9.08
N PRO K 74 27.20 -0.19 8.16
CA PRO K 74 26.88 1.10 7.50
C PRO K 74 26.21 2.21 8.30
N GLY K 75 25.92 1.96 9.56
CA GLY K 75 25.07 2.85 10.32
C GLY K 75 23.72 3.06 9.60
N ALA K 76 23.12 4.19 9.74
CA ALA K 76 21.80 4.45 9.17
C ALA K 76 21.70 4.27 7.63
N LEU K 77 22.86 4.17 6.98
CA LEU K 77 22.92 4.06 5.55
C LEU K 77 22.42 2.70 5.06
N THR K 78 22.38 1.73 5.94
CA THR K 78 21.93 0.39 5.58
C THR K 78 20.47 0.43 5.10
N HIS K 79 19.78 1.47 5.44
CA HIS K 79 18.40 1.58 5.13
C HIS K 79 18.04 2.44 3.96
N TYR K 80 18.99 3.13 3.40
CA TYR K 80 18.68 3.87 2.19
C TYR K 80 19.71 4.02 1.09
N SER K 81 20.94 3.54 1.33
CA SER K 81 22.02 3.82 0.42
C SER K 81 22.29 2.72 -0.61
N TYR K 82 21.62 2.81 -1.78
CA TYR K 82 21.74 1.88 -2.89
C TYR K 82 23.08 2.03 -3.60
N ALA K 83 23.65 3.18 -3.40
CA ALA K 83 25.02 3.44 -3.84
C ALA K 83 26.00 2.54 -3.11
N LEU K 84 25.91 2.44 -1.79
CA LEU K 84 26.69 1.47 -0.98
C LEU K 84 26.34 0.06 -1.43
N LEU K 85 25.08 -0.20 -1.83
CA LEU K 85 24.76 -1.54 -2.30
C LEU K 85 25.65 -1.88 -3.49
N ASP K 86 25.64 -0.98 -4.45
CA ASP K 86 26.31 -1.18 -5.71
C ASP K 86 27.86 -1.19 -5.55
N ALA K 87 28.37 -0.49 -4.55
CA ALA K 87 29.76 -0.54 -4.28
C ALA K 87 29.99 -1.97 -3.87
N ILE K 88 29.18 -2.52 -2.95
CA ILE K 88 29.51 -3.84 -2.51
C ILE K 88 29.49 -4.86 -3.67
N ARG K 89 28.58 -4.68 -4.64
CA ARG K 89 28.38 -5.63 -5.77
C ARG K 89 29.44 -5.42 -6.90
N ALA K 90 30.02 -4.23 -6.94
CA ALA K 90 31.04 -3.87 -7.91
C ALA K 90 32.46 -4.46 -7.62
N GLN K 91 32.73 -4.94 -6.42
CA GLN K 91 34.06 -5.41 -6.03
C GLN K 91 34.01 -6.90 -5.60
N PRO K 92 35.12 -7.65 -5.63
CA PRO K 92 35.03 -9.11 -5.51
C PRO K 92 35.17 -9.67 -4.10
N LEU K 93 35.43 -8.88 -3.07
CA LEU K 93 35.49 -9.44 -1.74
C LEU K 93 34.12 -9.77 -1.06
N PRO K 94 34.07 -10.85 -0.31
CA PRO K 94 32.96 -11.11 0.62
C PRO K 94 32.80 -10.03 1.65
N VAL K 95 31.57 -9.62 1.91
CA VAL K 95 31.27 -8.61 2.94
C VAL K 95 30.26 -9.20 3.89
N VAL K 96 30.53 -9.05 5.19
CA VAL K 96 29.63 -9.47 6.25
C VAL K 96 29.15 -8.16 6.80
N GLU K 97 27.81 -8.01 6.90
CA GLU K 97 27.17 -6.84 7.47
C GLU K 97 27.05 -7.10 8.91
N VAL K 98 27.14 -6.05 9.72
CA VAL K 98 27.20 -6.27 11.11
C VAL K 98 26.45 -5.14 11.76
N HIS K 99 25.76 -5.41 12.84
CA HIS K 99 25.29 -4.32 13.60
C HIS K 99 25.29 -4.68 15.05
N LEU K 100 25.28 -3.65 15.88
CA LEU K 100 25.34 -3.77 17.28
C LEU K 100 24.01 -4.06 17.86
N THR K 101 22.98 -3.38 17.37
CA THR K 101 21.62 -3.61 17.84
C THR K 101 20.87 -4.62 16.97
N ASN K 102 19.79 -5.11 17.55
CA ASN K 102 18.86 -5.94 16.80
C ASN K 102 17.95 -4.96 16.01
N LEU K 103 18.07 -4.97 14.72
CA LEU K 103 17.32 -4.00 13.94
C LEU K 103 15.76 -4.16 14.06
N HIS K 104 15.35 -5.39 14.27
CA HIS K 104 13.93 -5.71 14.26
C HIS K 104 13.19 -5.39 15.51
N ALA K 105 13.89 -4.80 16.47
CA ALA K 105 13.30 -4.50 17.75
C ALA K 105 13.38 -3.01 17.96
N ARG K 106 13.48 -2.25 16.87
CA ARG K 106 13.49 -0.78 16.90
C ARG K 106 12.46 -0.23 15.89
N GLU K 107 12.64 0.98 15.36
CA GLU K 107 11.68 1.63 14.49
C GLU K 107 11.47 0.77 13.31
N GLU K 108 10.34 0.86 12.60
CA GLU K 108 10.12 0.12 11.36
C GLU K 108 11.18 0.30 10.28
N PHE K 109 11.62 1.55 10.08
CA PHE K 109 12.52 1.85 8.95
C PHE K 109 13.86 1.11 9.13
N ARG K 110 14.19 0.74 10.37
CA ARG K 110 15.46 0.02 10.60
C ARG K 110 15.46 -1.44 10.19
N ARG K 111 14.26 -2.00 9.94
CA ARG K 111 14.08 -3.42 9.60
C ARG K 111 14.48 -3.70 8.21
N HIS K 112 14.59 -2.69 7.36
CA HIS K 112 14.95 -2.99 6.00
C HIS K 112 16.43 -2.67 5.74
N SER K 113 17.16 -3.60 5.16
CA SER K 113 18.54 -3.38 4.81
C SER K 113 18.75 -3.44 3.33
N VAL K 114 19.09 -2.31 2.70
CA VAL K 114 19.36 -2.34 1.28
C VAL K 114 20.75 -2.85 0.88
N THR K 115 21.68 -2.93 1.81
CA THR K 115 22.95 -3.59 1.66
C THR K 115 22.99 -5.12 1.78
N ALA K 116 22.23 -5.65 2.73
CA ALA K 116 22.39 -7.05 3.09
C ALA K 116 22.20 -8.04 1.93
N PRO K 117 21.37 -7.77 0.92
CA PRO K 117 21.25 -8.69 -0.23
C PRO K 117 22.56 -9.05 -0.95
N ALA K 118 23.58 -8.18 -0.88
CA ALA K 118 24.83 -8.47 -1.57
C ALA K 118 25.93 -8.90 -0.58
N CYS K 119 25.62 -9.02 0.71
CA CYS K 119 26.54 -9.54 1.69
C CYS K 119 26.46 -11.05 1.84
N ARG K 120 27.57 -11.67 2.21
CA ARG K 120 27.59 -13.07 2.60
C ARG K 120 26.53 -13.35 3.67
N GLY K 121 26.57 -12.58 4.74
CA GLY K 121 25.60 -12.82 5.80
C GLY K 121 25.44 -11.55 6.59
N ILE K 122 24.68 -11.62 7.68
CA ILE K 122 24.40 -10.50 8.53
C ILE K 122 24.34 -10.98 9.96
N VAL K 123 24.92 -10.24 10.90
CA VAL K 123 24.79 -10.52 12.29
C VAL K 123 24.42 -9.26 12.98
N SER K 124 23.41 -9.32 13.83
CA SER K 124 23.08 -8.13 14.55
C SER K 124 22.39 -8.44 15.85
N GLY K 125 22.63 -7.58 16.82
CA GLY K 125 21.97 -7.57 18.11
C GLY K 125 22.85 -7.99 19.28
N PHE K 126 24.09 -8.32 19.00
CA PHE K 126 24.97 -8.82 20.00
C PHE K 126 25.92 -7.73 20.53
N GLY K 127 25.64 -6.46 20.35
CA GLY K 127 26.62 -5.43 20.70
C GLY K 127 28.01 -5.61 20.03
N PRO K 128 29.12 -5.19 20.69
CA PRO K 128 30.48 -5.40 20.14
C PRO K 128 30.78 -6.84 19.61
N LEU K 129 30.10 -7.83 20.22
CA LEU K 129 30.28 -9.24 19.85
C LEU K 129 29.79 -9.57 18.45
N SER K 130 29.00 -8.69 17.84
CA SER K 130 28.58 -8.89 16.46
C SER K 130 29.81 -8.89 15.55
N TYR K 131 30.78 -7.99 15.79
CA TYR K 131 32.00 -7.89 14.98
C TYR K 131 32.85 -9.13 15.15
N LYS K 132 32.94 -9.55 16.41
CA LYS K 132 33.63 -10.75 16.71
C LYS K 132 33.05 -11.90 15.96
N LEU K 133 31.71 -12.05 15.93
CA LEU K 133 31.14 -13.22 15.24
C LEU K 133 31.54 -13.20 13.78
N ALA K 134 31.55 -12.03 13.17
CA ALA K 134 31.92 -11.93 11.77
C ALA K 134 33.39 -12.32 11.59
N LEU K 135 34.26 -11.97 12.56
CA LEU K 135 35.66 -12.38 12.43
C LEU K 135 35.75 -13.92 12.49
N VAL K 136 35.19 -14.58 13.50
CA VAL K 136 35.28 -16.07 13.49
C VAL K 136 34.69 -16.72 12.22
N TYR K 137 33.68 -16.11 11.58
CA TYR K 137 33.32 -16.66 10.28
C TYR K 137 34.43 -16.48 9.24
N LEU K 138 34.97 -15.28 9.11
CA LEU K 138 35.99 -15.01 8.06
C LEU K 138 37.26 -15.88 8.30
N ALA K 139 37.65 -16.03 9.56
CA ALA K 139 38.72 -16.99 9.91
C ALA K 139 38.56 -18.32 9.20
N GLU K 140 37.45 -19.01 9.46
CA GLU K 140 37.19 -20.31 8.84
C GLU K 140 37.15 -20.25 7.30
N THR K 141 37.00 -19.07 6.73
CA THR K 141 36.62 -19.08 5.31
C THR K 141 37.66 -18.56 4.35
N LEU K 142 37.85 -19.12 3.32
N MET L 1 25.21 30.89 22.88
CA MET L 1 25.65 30.76 21.47
C MET L 1 24.81 29.64 20.78
N VAL L 2 24.27 29.91 19.57
CA VAL L 2 23.58 28.88 18.75
C VAL L 2 24.15 28.73 17.34
N LEU L 3 24.13 27.50 16.81
CA LEU L 3 24.60 27.20 15.48
C LEU L 3 23.41 27.02 14.55
N ILE L 4 23.40 27.61 13.38
CA ILE L 4 22.36 27.46 12.38
C ILE L 4 23.02 26.74 11.23
N LEU L 5 22.55 25.56 10.90
CA LEU L 5 23.15 24.74 9.87
C LEU L 5 22.15 24.57 8.75
N ASN L 6 22.63 24.65 7.50
CA ASN L 6 21.79 24.63 6.32
C ASN L 6 22.35 23.58 5.41
N GLY L 7 21.45 22.75 4.82
CA GLY L 7 21.82 21.63 4.02
C GLY L 7 22.00 22.01 2.58
N PRO L 8 21.93 21.03 1.68
CA PRO L 8 22.22 21.26 0.27
C PRO L 8 21.25 22.15 -0.52
N ASN L 9 21.82 22.83 -1.50
CA ASN L 9 21.11 23.73 -2.36
C ASN L 9 20.75 25.08 -1.83
N LEU L 10 20.79 25.23 -0.53
CA LEU L 10 20.40 26.50 0.10
C LEU L 10 21.43 27.65 -0.17
N ASN L 11 22.65 27.29 -0.58
CA ASN L 11 23.55 28.27 -1.23
C ASN L 11 23.00 29.03 -2.48
N LEU L 12 22.02 28.50 -3.24
CA LEU L 12 21.48 29.23 -4.43
C LEU L 12 20.22 30.03 -4.20
N LEU L 13 19.81 30.13 -2.94
CA LEU L 13 18.71 31.01 -2.59
C LEU L 13 18.91 32.32 -3.34
N GLY L 14 17.88 32.75 -4.06
CA GLY L 14 17.97 33.98 -4.82
C GLY L 14 17.74 33.78 -6.29
N ARG L 15 18.40 32.79 -6.89
CA ARG L 15 18.12 32.42 -8.26
C ARG L 15 17.18 31.16 -8.42
N ARG L 16 16.84 30.43 -7.36
CA ARG L 16 15.86 29.30 -7.56
C ARG L 16 14.39 29.69 -7.40
N GLU L 17 13.68 29.90 -8.52
CA GLU L 17 12.26 30.41 -8.59
C GLU L 17 12.06 31.97 -8.53
N PRO L 18 10.83 32.49 -8.44
CA PRO L 18 10.48 33.58 -7.52
C PRO L 18 9.42 33.19 -6.48
N GLU L 19 8.30 32.59 -6.92
CA GLU L 19 7.12 32.35 -6.05
C GLU L 19 7.35 31.19 -5.08
N VAL L 20 8.11 30.16 -5.48
CA VAL L 20 8.41 29.11 -4.50
C VAL L 20 9.33 29.58 -3.36
N TYR L 21 10.54 30.10 -3.62
CA TYR L 21 11.42 30.57 -2.52
C TYR L 21 11.58 32.09 -2.25
N GLY L 22 11.39 32.97 -3.22
CA GLY L 22 11.55 34.40 -2.94
C GLY L 22 12.98 34.90 -3.25
N ARG L 23 13.29 36.16 -2.94
CA ARG L 23 14.50 36.80 -3.50
C ARG L 23 15.73 36.87 -2.53
N THR L 24 15.51 36.63 -1.27
CA THR L 24 16.57 36.84 -0.35
C THR L 24 17.68 35.72 -0.47
N THR L 25 18.96 36.12 -0.50
CA THR L 25 20.10 35.18 -0.73
C THR L 25 20.60 34.56 0.58
N LEU L 26 21.46 33.56 0.46
CA LEU L 26 21.97 32.91 1.61
C LEU L 26 22.74 33.93 2.47
N GLU L 27 23.56 34.78 1.85
CA GLU L 27 24.24 35.86 2.60
C GLU L 27 23.27 36.80 3.30
N GLU L 28 22.20 37.20 2.61
CA GLU L 28 21.21 38.09 3.25
C GLU L 28 20.55 37.37 4.41
N LEU L 29 20.31 36.05 4.27
CA LEU L 29 19.71 35.28 5.34
C LEU L 29 20.62 35.21 6.55
N GLU L 30 21.90 34.90 6.38
CA GLU L 30 22.78 34.93 7.57
C GLU L 30 22.84 36.33 8.23
N ALA L 31 22.96 37.37 7.41
CA ALA L 31 22.90 38.74 7.96
C ALA L 31 21.69 38.83 8.89
N LEU L 32 20.50 38.44 8.39
CA LEU L 32 19.25 38.60 9.15
C LEU L 32 19.28 37.84 10.49
N CYS L 33 19.90 36.66 10.51
CA CYS L 33 19.98 35.83 11.70
C CYS L 33 20.94 36.48 12.71
N GLU L 34 22.10 36.97 12.23
CA GLU L 34 23.08 37.80 13.00
C GLU L 34 22.32 38.89 13.79
N ALA L 35 21.57 39.72 13.06
CA ALA L 35 20.83 40.83 13.67
C ALA L 35 19.76 40.31 14.58
N TRP L 36 18.95 39.35 14.12
CA TRP L 36 17.84 38.84 14.95
C TRP L 36 18.39 38.23 16.26
N GLY L 37 19.54 37.61 16.17
CA GLY L 37 20.15 37.05 17.38
C GLY L 37 20.67 38.13 18.32
N ALA L 38 21.30 39.14 17.73
CA ALA L 38 21.85 40.25 18.48
C ALA L 38 20.66 40.96 19.19
N GLU L 39 19.62 41.39 18.47
CA GLU L 39 18.47 42.02 19.15
C GLU L 39 17.81 41.15 20.25
N LEU L 40 18.21 39.89 20.29
CA LEU L 40 17.71 38.94 21.23
C LEU L 40 18.71 38.56 22.34
N GLY L 41 19.97 38.98 22.25
CA GLY L 41 21.02 38.62 23.22
C GLY L 41 21.58 37.22 23.01
N LEU L 42 21.48 36.77 21.75
CA LEU L 42 21.98 35.45 21.35
C LEU L 42 23.09 35.63 20.33
N GLY L 43 24.18 34.94 20.51
CA GLY L 43 25.24 34.93 19.51
C GLY L 43 24.88 33.83 18.52
N VAL L 44 25.20 34.03 17.24
CA VAL L 44 24.92 32.99 16.27
C VAL L 44 26.06 32.75 15.31
N VAL L 45 26.28 31.49 14.95
CA VAL L 45 27.13 31.14 13.83
C VAL L 45 26.34 30.41 12.75
N PHE L 46 26.62 30.75 11.51
CA PHE L 46 25.79 30.34 10.38
C PHE L 46 26.60 29.51 9.42
N ARG L 47 26.12 28.34 9.02
CA ARG L 47 26.89 27.46 8.09
C ARG L 47 25.97 26.83 7.06
N GLN L 48 26.56 26.42 5.93
CA GLN L 48 25.87 25.72 4.87
C GLN L 48 26.79 24.75 4.17
N THR L 49 26.29 23.54 3.82
CA THR L 49 27.04 22.59 3.00
C THR L 49 26.11 21.75 2.06
N ASN L 50 26.65 21.21 0.97
CA ASN L 50 25.98 20.31 0.08
C ASN L 50 26.20 18.85 0.43
N TYR L 51 26.99 18.58 1.49
CA TYR L 51 27.40 17.23 1.83
C TYR L 51 26.74 16.73 3.10
N GLU L 52 26.09 15.56 2.99
CA GLU L 52 25.44 14.90 4.09
C GLU L 52 26.40 14.70 5.29
N GLY L 53 27.57 14.13 5.00
CA GLY L 53 28.57 13.84 6.03
C GLY L 53 29.15 15.08 6.70
N GLN L 54 29.34 16.14 5.92
CA GLN L 54 29.67 17.42 6.53
C GLN L 54 28.54 17.93 7.44
N LEU L 55 27.26 17.92 7.04
CA LEU L 55 26.14 18.32 7.95
C LEU L 55 26.13 17.46 9.23
N ILE L 56 26.34 16.20 9.05
CA ILE L 56 26.39 15.24 10.12
C ILE L 56 27.54 15.66 11.07
N GLU L 57 28.73 15.93 10.53
CA GLU L 57 29.86 16.27 11.45
C GLU L 57 29.58 17.56 12.22
N TRP L 58 28.88 18.52 11.62
CA TRP L 58 28.55 19.70 12.39
C TRP L 58 27.57 19.43 13.51
N VAL L 59 26.56 18.58 13.31
CA VAL L 59 25.63 18.48 14.43
C VAL L 59 26.26 17.69 15.56
N GLN L 60 27.05 16.68 15.20
CA GLN L 60 27.78 15.83 16.15
C GLN L 60 28.70 16.65 17.09
N GLN L 61 29.32 17.67 16.52
CA GLN L 61 30.43 18.39 17.10
C GLN L 61 29.96 19.60 17.93
N ALA L 62 28.81 20.16 17.57
CA ALA L 62 28.32 21.43 18.11
C ALA L 62 28.49 21.61 19.60
N HIS L 63 28.16 20.60 20.38
CA HIS L 63 28.18 20.76 21.85
C HIS L 63 29.58 20.84 22.36
N GLN L 64 30.53 20.19 21.69
CA GLN L 64 31.96 20.34 21.95
C GLN L 64 32.46 21.79 21.75
N GLU L 65 32.05 22.44 20.67
CA GLU L 65 32.39 23.83 20.44
C GLU L 65 31.65 24.81 21.34
N GLY L 66 30.86 24.36 22.30
CA GLY L 66 30.23 25.27 23.24
C GLY L 66 28.84 25.77 22.89
N PHE L 67 28.30 25.37 21.75
CA PHE L 67 26.91 25.77 21.38
C PHE L 67 25.82 25.29 22.30
N LEU L 68 24.77 26.07 22.53
CA LEU L 68 23.68 25.59 23.37
C LEU L 68 22.54 24.85 22.61
N ALA L 69 22.40 25.14 21.31
CA ALA L 69 21.28 24.61 20.49
C ALA L 69 21.63 24.73 19.05
N ILE L 70 20.84 24.07 18.21
CA ILE L 70 21.07 24.07 16.77
C ILE L 70 19.73 24.39 16.07
N VAL L 71 19.75 25.26 15.10
CA VAL L 71 18.64 25.48 14.18
C VAL L 71 19.10 24.79 12.90
N LEU L 72 18.27 23.88 12.36
CA LEU L 72 18.73 23.01 11.30
C LEU L 72 17.74 22.99 10.18
N ASN L 73 18.20 23.39 9.00
CA ASN L 73 17.47 23.26 7.77
C ASN L 73 18.22 22.27 6.86
N PRO L 74 17.84 20.97 6.87
CA PRO L 74 18.55 19.97 6.03
C PRO L 74 18.31 20.12 4.51
N GLY L 75 17.37 20.94 4.00
CA GLY L 75 17.17 20.94 2.54
C GLY L 75 16.55 19.59 2.29
N ALA L 76 16.68 19.01 1.10
CA ALA L 76 16.03 17.81 0.69
C ALA L 76 16.35 16.54 1.51
N LEU L 77 17.52 16.50 2.18
CA LEU L 77 17.88 15.45 3.12
C LEU L 77 16.88 15.28 4.26
N THR L 78 16.09 16.26 4.54
CA THR L 78 14.97 16.04 5.45
C THR L 78 13.99 14.96 5.04
N HIS L 79 14.01 14.50 3.80
CA HIS L 79 13.08 13.50 3.40
C HIS L 79 13.67 12.15 3.24
N TYR L 80 14.94 11.94 3.61
CA TYR L 80 15.58 10.61 3.50
C TYR L 80 16.87 10.35 4.27
N SER L 81 17.50 11.37 4.87
CA SER L 81 18.78 11.15 5.57
C SER L 81 18.63 10.62 6.94
N TYR L 82 18.50 9.30 7.09
CA TYR L 82 18.40 8.68 8.42
C TYR L 82 19.77 8.82 9.15
N ALA L 83 20.88 8.90 8.44
CA ALA L 83 22.14 9.22 9.14
C ALA L 83 22.05 10.60 9.86
N LEU L 84 21.54 11.65 9.22
CA LEU L 84 21.27 12.93 9.95
C LEU L 84 20.40 12.78 11.17
N LEU L 85 19.27 12.07 11.02
CA LEU L 85 18.44 11.74 12.18
C LEU L 85 19.32 11.16 13.33
N ASP L 86 20.08 10.15 13.01
CA ASP L 86 20.93 9.45 14.02
C ASP L 86 21.97 10.46 14.60
N ALA L 87 22.48 11.37 13.78
CA ALA L 87 23.39 12.40 14.27
C ALA L 87 22.71 13.26 15.30
N ILE L 88 21.50 13.76 15.00
CA ILE L 88 20.84 14.58 15.95
C ILE L 88 20.52 13.75 17.24
N ARG L 89 20.22 12.44 17.13
CA ARG L 89 19.86 11.64 18.32
C ARG L 89 21.12 11.28 19.13
N ALA L 90 22.30 11.31 18.52
CA ALA L 90 23.51 10.95 19.27
C ALA L 90 24.13 12.13 20.04
N GLN L 91 23.49 13.30 20.11
CA GLN L 91 24.04 14.47 20.79
C GLN L 91 23.02 15.17 21.63
N PRO L 92 23.47 15.96 22.62
CA PRO L 92 22.59 16.44 23.70
C PRO L 92 21.92 17.78 23.45
N LEU L 93 22.40 18.55 22.49
CA LEU L 93 21.75 19.83 22.25
C LEU L 93 20.33 19.66 21.64
N PRO L 94 19.37 20.52 22.05
CA PRO L 94 18.08 20.68 21.34
C PRO L 94 18.25 21.24 19.91
N VAL L 95 17.48 20.67 18.98
CA VAL L 95 17.54 21.02 17.60
C VAL L 95 16.18 21.45 17.13
N VAL L 96 16.10 22.64 16.55
CA VAL L 96 14.86 23.13 15.96
C VAL L 96 14.97 22.96 14.43
N GLU L 97 14.06 22.23 13.76
CA GLU L 97 13.99 22.15 12.31
C GLU L 97 13.20 23.30 11.73
N VAL L 98 13.69 23.83 10.65
CA VAL L 98 13.25 25.06 10.08
C VAL L 98 13.25 24.76 8.54
N HIS L 99 12.25 25.30 7.81
CA HIS L 99 12.20 25.38 6.33
C HIS L 99 11.56 26.66 5.92
N LEU L 100 11.99 27.19 4.82
CA LEU L 100 11.44 28.41 4.27
C LEU L 100 10.01 28.24 3.76
N THR L 101 9.77 27.16 3.06
CA THR L 101 8.51 26.89 2.46
C THR L 101 7.69 25.90 3.29
N ASN L 102 6.40 25.89 3.02
CA ASN L 102 5.45 25.04 3.66
C ASN L 102 5.56 23.76 2.81
N LEU L 103 6.25 22.81 3.37
CA LEU L 103 6.41 21.47 2.85
C LEU L 103 5.10 20.77 2.44
N HIS L 104 3.99 21.11 3.09
CA HIS L 104 2.76 20.47 2.82
C HIS L 104 1.97 21.04 1.67
N ALA L 105 2.36 22.17 1.10
CA ALA L 105 1.74 22.69 -0.16
C ALA L 105 2.64 22.46 -1.37
N ARG L 106 3.52 21.50 -1.31
CA ARG L 106 4.40 21.16 -2.48
C ARG L 106 4.26 19.67 -2.86
N GLU L 107 5.28 19.09 -3.49
CA GLU L 107 5.32 17.66 -3.84
C GLU L 107 5.11 16.76 -2.66
N GLU L 108 4.46 15.64 -2.89
CA GLU L 108 4.13 14.66 -1.87
C GLU L 108 5.33 14.16 -1.01
N PHE L 109 6.47 13.88 -1.65
CA PHE L 109 7.69 13.45 -0.96
C PHE L 109 8.18 14.47 0.05
N ARG L 110 7.95 15.75 -0.23
CA ARG L 110 8.32 16.81 0.70
C ARG L 110 7.62 16.81 2.03
N ARG L 111 6.47 16.13 2.11
CA ARG L 111 5.66 16.13 3.31
C ARG L 111 6.16 15.18 4.43
N HIS L 112 7.11 14.31 4.16
CA HIS L 112 7.60 13.39 5.20
C HIS L 112 9.01 13.86 5.60
N SER L 113 9.20 14.12 6.89
CA SER L 113 10.49 14.53 7.41
C SER L 113 11.07 13.48 8.31
N VAL L 114 12.20 12.89 7.89
CA VAL L 114 12.82 11.92 8.78
C VAL L 114 13.63 12.51 9.88
N THR L 115 13.90 13.80 9.85
CA THR L 115 14.60 14.44 11.00
C THR L 115 13.71 14.89 12.10
N ALA L 116 12.48 15.13 11.74
CA ALA L 116 11.60 15.82 12.69
C ALA L 116 11.31 15.06 13.98
N PRO L 117 11.11 13.73 13.98
CA PRO L 117 10.87 12.98 15.25
C PRO L 117 11.92 13.24 16.39
N ALA L 118 13.15 13.57 15.99
CA ALA L 118 14.21 13.85 16.97
C ALA L 118 14.39 15.38 17.36
N CYS L 119 13.64 16.29 16.79
CA CYS L 119 13.81 17.70 17.03
C CYS L 119 12.86 18.15 18.15
N ARG L 120 13.22 19.21 18.80
CA ARG L 120 12.38 19.80 19.81
C ARG L 120 11.08 20.26 19.09
N GLY L 121 11.25 20.93 17.93
CA GLY L 121 10.08 21.38 17.14
C GLY L 121 10.42 21.66 15.69
N ILE L 122 9.38 22.04 14.92
CA ILE L 122 9.52 22.40 13.54
C ILE L 122 8.78 23.70 13.21
N VAL L 123 9.39 24.52 12.40
CA VAL L 123 8.71 25.73 11.91
C VAL L 123 8.98 25.81 10.45
N SER L 124 7.91 25.94 9.70
CA SER L 124 8.07 25.89 8.27
C SER L 124 6.99 26.79 7.58
N GLY L 125 7.40 27.51 6.55
CA GLY L 125 6.44 28.21 5.72
C GLY L 125 6.68 29.69 5.63
N PHE L 126 7.40 30.21 6.63
CA PHE L 126 7.42 31.63 6.90
C PHE L 126 8.63 32.37 6.18
N GLY L 127 9.32 31.69 5.25
CA GLY L 127 10.41 32.29 4.50
C GLY L 127 11.55 32.45 5.52
N PRO L 128 12.40 33.46 5.31
CA PRO L 128 13.51 33.67 6.25
C PRO L 128 13.06 33.90 7.70
N LEU L 129 11.82 34.35 7.95
CA LEU L 129 11.28 34.38 9.32
C LEU L 129 11.17 33.03 10.02
N SER L 130 11.13 31.91 9.30
CA SER L 130 11.12 30.61 10.01
C SER L 130 12.28 30.62 10.99
N TYR L 131 13.43 31.17 10.56
CA TYR L 131 14.65 31.18 11.34
C TYR L 131 14.51 32.16 12.53
N LYS L 132 13.91 33.32 12.29
CA LYS L 132 13.57 34.22 13.39
C LYS L 132 12.73 33.58 14.51
N LEU L 133 11.62 32.95 14.14
CA LEU L 133 10.83 32.19 15.13
C LEU L 133 11.64 31.18 15.93
N ALA L 134 12.58 30.46 15.29
CA ALA L 134 13.42 29.48 15.98
C ALA L 134 14.32 30.10 17.03
N LEU L 135 14.94 31.20 16.66
CA LEU L 135 15.75 32.03 17.59
C LEU L 135 14.92 32.60 18.72
N VAL L 136 13.66 32.96 18.50
CA VAL L 136 12.85 33.48 19.64
C VAL L 136 12.46 32.42 20.67
N TYR L 137 12.07 31.25 20.20
CA TYR L 137 11.93 30.09 21.07
C TYR L 137 13.17 29.86 21.92
N LEU L 138 14.32 29.76 21.27
CA LEU L 138 15.59 29.41 21.88
C LEU L 138 16.12 30.43 22.94
N ALA L 139 15.98 31.72 22.65
CA ALA L 139 16.26 32.81 23.62
C ALA L 139 15.43 32.65 24.83
N GLU L 140 14.13 32.39 24.71
CA GLU L 140 13.36 32.10 25.93
C GLU L 140 13.84 30.83 26.71
N THR L 141 14.32 29.82 25.97
CA THR L 141 14.61 28.51 26.51
C THR L 141 16.04 28.36 26.98
N LEU L 142 16.13 27.43 27.74
C1 GOL M . -19.87 1.33 -15.90
O1 GOL M . -18.80 0.45 -15.42
C2 GOL M . -21.06 0.91 -16.82
O2 GOL M . -22.46 1.28 -16.41
C3 GOL M . -20.86 -0.55 -17.07
O3 GOL M . -21.61 -0.89 -18.20
C1 GOL N . -1.37 -16.53 -19.76
O1 GOL N . -0.69 -15.24 -19.53
C2 GOL N . -0.93 -17.40 -20.93
O2 GOL N . -0.67 -18.88 -20.75
C3 GOL N . 0.30 -16.65 -21.40
O3 GOL N . 0.45 -16.85 -22.78
C1 GOL O . 3.67 8.67 -24.12
O1 GOL O . 2.50 8.45 -23.17
C2 GOL O . 3.62 9.51 -25.43
O2 GOL O . 4.73 10.46 -25.89
C3 GOL O . 2.25 10.18 -25.28
O3 GOL O . 1.80 10.56 -26.57
C1 GOL P . -20.96 0.59 15.47
O1 GOL P . -20.58 1.11 14.16
C2 GOL P . -22.43 0.31 15.68
O2 GOL P . -22.85 -1.05 16.05
C3 GOL P . -23.10 0.63 14.36
O3 GOL P . -24.31 1.26 14.66
C1 GOL Q . -18.17 18.86 -2.97
O1 GOL Q . -16.79 18.61 -2.56
C2 GOL Q . -18.48 20.29 -3.30
O2 GOL Q . -18.96 20.62 -4.67
C3 GOL Q . -17.24 21.07 -2.90
O3 GOL Q . -17.61 22.35 -2.44
C1 GOL R . -2.06 17.90 17.90
O1 GOL R . -2.93 16.85 17.39
C2 GOL R . -2.56 18.88 18.97
O2 GOL R . -1.51 19.60 19.62
C3 GOL R . -3.19 18.10 20.10
O3 GOL R . -3.75 19.01 21.05
C1 GOL S . 15.39 -20.24 7.50
O1 GOL S . 14.87 -19.50 6.42
C2 GOL S . 16.16 -21.47 7.09
O2 GOL S . 17.56 -21.22 6.75
C3 GOL S . 15.33 -22.03 5.93
O3 GOL S . 15.77 -23.34 5.65
C1 GOL T . -9.08 -24.76 -0.89
O1 GOL T . -9.22 -23.47 -0.25
C2 GOL T . -10.19 -25.77 -0.66
O2 GOL T . -10.99 -26.15 -1.83
C3 GOL T . -10.96 -25.21 0.55
O3 GOL T . -11.33 -26.21 1.49
C1 GOL U . -4.59 -12.26 22.09
O1 GOL U . -3.52 -12.13 21.03
C2 GOL U . -4.48 -13.07 23.41
O2 GOL U . -5.17 -12.66 24.63
C3 GOL U . -3.00 -13.11 23.68
O3 GOL U . -2.72 -14.41 24.13
C1 GOL V . 21.61 3.49 -13.14
O1 GOL V . 21.25 2.87 -11.87
C2 GOL V . 23.04 3.33 -13.66
O2 GOL V . 23.23 3.07 -15.07
C3 GOL V . 23.61 2.11 -12.99
O3 GOL V . 24.99 2.36 -12.76
C1 GOL W . 22.35 0.19 12.59
O1 GOL W . 21.40 1.21 12.11
C2 GOL W . 23.47 0.48 13.63
O2 GOL W . 23.84 -0.61 14.59
C3 GOL W . 22.92 1.65 14.44
O3 GOL W . 23.93 2.44 15.07
C1 GOL X . 12.83 22.01 2.26
O1 GOL X . 12.88 20.83 1.38
C2 GOL X . 13.78 23.23 2.10
O2 GOL X . 13.32 24.48 2.72
C3 GOL X . 13.88 23.52 0.61
O3 GOL X . 15.17 23.89 0.23
#